data_2TOD
#
_entry.id   2TOD
#
_cell.length_a   66.800
_cell.length_b   154.500
_cell.length_c   77.100
_cell.angle_alpha   90.00
_cell.angle_beta   90.58
_cell.angle_gamma   90.00
#
_symmetry.space_group_name_H-M   'P 1 21 1'
#
loop_
_entity.id
_entity.type
_entity.pdbx_description
1 polymer 'PROTEIN (ORNITHINE DECARBOXYLASE)'
2 non-polymer ALPHA-DIFLUOROMETHYLORNITHINE
3 non-polymer "PYRIDOXAL-5'-PHOSPHATE"
4 water water
#
_entity_poly.entity_id   1
_entity_poly.type   'polypeptide(L)'
_entity_poly.pdbx_seq_one_letter_code
;GAMDIVVNDDLSCRFLEGFNTRDALCKKISMNTCDEGDPFFVADLGDIVRKHETWKKCLPRVTPFYAVACNDDWRVLGTL
AALGTGFDCASNTEIQRVRGIGVPPEKIIYANPCKQISHIRYARDSGVDVMTFDCVDELEKVAKTHPKAKMVLRISTDDS
LARCRLSVKFGAKVEDCRFILEQAKKLNIDVTGVSFHVGSGSTDASTFAQAISDSRFVFDMGTELGFNMHILDIGGGFPG
TRDAPLKFEEIAGVINNALEKHFPPDLKLTIVAEPGRYYVASAFTLAVNVIAKKVTPGVQTDVGAHAESNAQSFMYYVND
GVYGSFNCILYDHAVVRPLPQREPIPNEKLYPSSVWGPTCDGLDQIVERYYLPEMQVGEWLLFEDMGAYTVVGTSSFNGF
QSPTIYYVVSGLPDHVVRELKSQKS
;
_entity_poly.pdbx_strand_id   A,B,C,D
#
# COMPACT_ATOMS: atom_id res chain seq x y z
N GLY A 37 -14.30 40.42 -17.02
CA GLY A 37 -14.67 39.12 -17.54
C GLY A 37 -13.41 38.27 -17.68
N ASP A 38 -13.04 37.49 -16.70
CA ASP A 38 -11.87 36.60 -16.73
C ASP A 38 -12.23 35.35 -17.52
N PRO A 39 -11.21 34.71 -18.11
CA PRO A 39 -11.47 33.49 -18.84
C PRO A 39 -11.90 32.36 -17.92
N PHE A 40 -12.71 31.39 -18.42
CA PHE A 40 -13.13 30.29 -17.54
C PHE A 40 -13.43 29.05 -18.38
N PHE A 41 -13.23 27.82 -17.79
CA PHE A 41 -13.69 26.60 -18.36
C PHE A 41 -15.09 26.13 -17.91
N VAL A 42 -15.78 25.40 -18.80
CA VAL A 42 -16.87 24.49 -18.41
C VAL A 42 -16.48 23.06 -18.78
N ALA A 43 -16.49 22.24 -17.77
CA ALA A 43 -16.17 20.81 -17.77
C ALA A 43 -17.42 19.96 -17.58
N ASP A 44 -17.81 19.28 -18.65
CA ASP A 44 -18.97 18.37 -18.53
C ASP A 44 -18.51 16.96 -18.19
N LEU A 45 -18.77 16.61 -16.96
CA LEU A 45 -18.36 15.33 -16.37
C LEU A 45 -19.14 14.16 -16.95
N GLY A 46 -20.33 14.42 -17.50
CA GLY A 46 -21.10 13.33 -18.09
C GLY A 46 -20.55 12.98 -19.47
N ASP A 47 -19.82 13.87 -20.12
CA ASP A 47 -19.08 13.46 -21.36
C ASP A 47 -18.05 12.37 -20.97
N ILE A 48 -17.49 12.40 -19.77
CA ILE A 48 -16.51 11.46 -19.26
C ILE A 48 -17.20 10.13 -18.98
N VAL A 49 -18.43 10.17 -18.46
CA VAL A 49 -19.23 8.94 -18.34
C VAL A 49 -19.51 8.28 -19.67
N ARG A 50 -20.02 9.06 -20.63
CA ARG A 50 -20.24 8.49 -21.95
C ARG A 50 -18.98 7.97 -22.59
N LYS A 51 -17.82 8.65 -22.54
CA LYS A 51 -16.56 8.01 -23.01
C LYS A 51 -16.34 6.65 -22.36
N HIS A 52 -16.54 6.49 -21.05
CA HIS A 52 -16.33 5.21 -20.40
C HIS A 52 -17.30 4.14 -20.89
N GLU A 53 -18.57 4.46 -21.12
CA GLU A 53 -19.48 3.48 -21.71
C GLU A 53 -19.06 3.04 -23.11
N THR A 54 -18.58 3.96 -23.95
CA THR A 54 -18.04 3.54 -25.24
C THR A 54 -16.82 2.65 -25.10
N TRP A 55 -15.91 2.95 -24.14
CA TRP A 55 -14.74 2.09 -23.97
C TRP A 55 -15.15 0.66 -23.60
N LYS A 56 -15.92 0.46 -22.51
CA LYS A 56 -16.38 -0.90 -22.18
C LYS A 56 -17.00 -1.69 -23.34
N LYS A 57 -17.75 -1.09 -24.23
CA LYS A 57 -18.38 -1.79 -25.35
C LYS A 57 -17.38 -2.10 -26.43
N CYS A 58 -16.50 -1.17 -26.80
CA CYS A 58 -15.54 -1.52 -27.86
C CYS A 58 -14.30 -2.27 -27.39
N LEU A 59 -13.85 -2.27 -26.16
CA LEU A 59 -12.68 -2.95 -25.66
C LEU A 59 -12.97 -3.61 -24.34
N PRO A 60 -13.88 -4.61 -24.32
CA PRO A 60 -14.34 -5.22 -23.11
C PRO A 60 -13.26 -6.04 -22.42
N ARG A 61 -12.22 -6.47 -23.15
CA ARG A 61 -11.11 -7.13 -22.46
C ARG A 61 -10.11 -6.22 -21.78
N VAL A 62 -10.18 -4.90 -22.03
CA VAL A 62 -9.08 -4.00 -21.68
C VAL A 62 -9.44 -3.13 -20.49
N THR A 63 -8.72 -3.23 -19.39
CA THR A 63 -8.99 -2.31 -18.26
C THR A 63 -8.25 -1.01 -18.44
N PRO A 64 -8.88 0.12 -18.41
CA PRO A 64 -8.19 1.43 -18.53
C PRO A 64 -7.53 1.98 -17.30
N PHE A 65 -6.24 2.33 -17.37
CA PHE A 65 -5.53 3.01 -16.31
C PHE A 65 -5.32 4.46 -16.75
N TYR A 66 -6.22 5.39 -16.39
CA TYR A 66 -6.21 6.74 -16.91
C TYR A 66 -4.86 7.44 -16.79
N ALA A 67 -4.31 8.09 -17.82
CA ALA A 67 -3.03 8.77 -17.67
C ALA A 67 -3.21 10.12 -16.98
N VAL A 68 -2.78 10.17 -15.68
CA VAL A 68 -3.13 11.37 -14.93
C VAL A 68 -2.44 12.63 -15.43
N ALA A 69 -1.25 12.50 -16.00
CA ALA A 69 -0.60 13.68 -16.61
C ALA A 69 -1.49 14.46 -17.57
N CYS A 70 -2.42 13.86 -18.32
CA CYS A 70 -3.20 14.56 -19.32
C CYS A 70 -4.10 15.66 -18.75
N ASN A 71 -4.68 15.40 -17.56
CA ASN A 71 -5.56 16.38 -16.94
C ASN A 71 -5.76 15.83 -15.52
N ASP A 72 -5.19 16.53 -14.57
CA ASP A 72 -5.25 16.07 -13.17
C ASP A 72 -6.28 16.79 -12.30
N ASP A 73 -7.25 17.46 -12.86
CA ASP A 73 -8.33 18.07 -12.08
C ASP A 73 -8.99 17.07 -11.10
N TRP A 74 -9.34 17.51 -9.91
CA TRP A 74 -9.82 16.68 -8.81
C TRP A 74 -11.18 16.07 -9.11
N ARG A 75 -12.08 16.77 -9.76
CA ARG A 75 -13.36 16.21 -10.18
C ARG A 75 -13.20 15.24 -11.36
N VAL A 76 -12.24 15.47 -12.29
CA VAL A 76 -12.09 14.47 -13.32
C VAL A 76 -11.48 13.19 -12.67
N LEU A 77 -10.48 13.31 -11.80
CA LEU A 77 -10.04 12.05 -11.14
C LEU A 77 -11.15 11.39 -10.36
N GLY A 78 -12.04 12.17 -9.67
CA GLY A 78 -13.07 11.57 -8.79
C GLY A 78 -14.13 10.88 -9.61
N THR A 79 -14.53 11.43 -10.76
CA THR A 79 -15.43 10.77 -11.68
C THR A 79 -14.93 9.46 -12.25
N LEU A 80 -13.71 9.45 -12.79
CA LEU A 80 -13.08 8.21 -13.29
C LEU A 80 -12.93 7.12 -12.22
N ALA A 81 -12.48 7.46 -11.02
CA ALA A 81 -12.40 6.48 -9.91
C ALA A 81 -13.75 5.82 -9.57
N ALA A 82 -14.81 6.63 -9.50
CA ALA A 82 -16.18 6.17 -9.33
C ALA A 82 -16.62 5.26 -10.45
N LEU A 83 -16.15 5.48 -11.70
CA LEU A 83 -16.52 4.63 -12.79
C LEU A 83 -15.71 3.34 -12.78
N GLY A 84 -14.79 3.10 -11.84
CA GLY A 84 -14.05 1.88 -11.86
C GLY A 84 -12.73 1.90 -12.64
N THR A 85 -12.18 3.04 -13.05
CA THR A 85 -10.88 3.02 -13.80
C THR A 85 -9.72 2.77 -12.88
N GLY A 86 -8.55 2.38 -13.36
CA GLY A 86 -7.26 2.48 -12.70
C GLY A 86 -6.56 3.80 -13.03
N PHE A 87 -5.33 4.08 -12.60
CA PHE A 87 -4.64 5.32 -12.69
C PHE A 87 -3.22 4.99 -13.16
N ASP A 88 -2.78 5.63 -14.24
CA ASP A 88 -1.32 5.67 -14.55
C ASP A 88 -0.61 6.89 -14.02
N CYS A 89 0.41 6.74 -13.18
CA CYS A 89 0.94 7.88 -12.44
C CYS A 89 2.43 7.90 -12.81
N ALA A 90 3.04 9.07 -12.89
CA ALA A 90 4.40 9.18 -13.40
C ALA A 90 5.36 9.78 -12.39
N SER A 91 4.83 10.20 -11.22
CA SER A 91 5.74 10.90 -10.33
C SER A 91 5.16 10.70 -8.90
N ASN A 92 5.96 11.09 -7.92
CA ASN A 92 5.45 10.95 -6.54
C ASN A 92 4.24 11.81 -6.29
N THR A 93 4.21 13.03 -6.87
CA THR A 93 3.08 13.89 -6.78
C THR A 93 1.80 13.30 -7.36
N GLU A 94 1.88 12.69 -8.57
CA GLU A 94 0.65 12.03 -9.02
C GLU A 94 0.14 10.93 -8.11
N ILE A 95 0.98 10.04 -7.61
CA ILE A 95 0.60 8.97 -6.71
C ILE A 95 -0.06 9.54 -5.44
N GLN A 96 0.49 10.57 -4.82
CA GLN A 96 -0.07 11.26 -3.66
C GLN A 96 -1.49 11.75 -4.00
N ARG A 97 -1.54 12.48 -5.12
CA ARG A 97 -2.84 12.95 -5.60
C ARG A 97 -3.92 11.92 -5.73
N VAL A 98 -3.73 10.83 -6.48
CA VAL A 98 -4.82 9.87 -6.59
C VAL A 98 -5.02 9.04 -5.29
N ARG A 99 -4.05 8.78 -4.44
CA ARG A 99 -4.36 8.17 -3.14
C ARG A 99 -5.22 9.09 -2.28
N GLY A 100 -4.96 10.39 -2.31
CA GLY A 100 -5.70 11.44 -1.62
C GLY A 100 -7.17 11.40 -1.99
N ILE A 101 -7.56 10.91 -3.19
CA ILE A 101 -9.01 10.80 -3.37
C ILE A 101 -9.56 9.44 -2.96
N GLY A 102 -8.76 8.58 -2.32
CA GLY A 102 -9.32 7.30 -1.91
C GLY A 102 -9.08 6.15 -2.89
N VAL A 103 -8.08 6.26 -3.78
CA VAL A 103 -7.85 5.11 -4.70
C VAL A 103 -6.84 4.21 -4.06
N PRO A 104 -7.04 2.92 -3.92
CA PRO A 104 -6.04 2.03 -3.39
C PRO A 104 -4.87 1.85 -4.36
N PRO A 105 -3.75 1.35 -3.81
CA PRO A 105 -2.51 1.38 -4.61
C PRO A 105 -2.39 0.27 -5.63
N GLU A 106 -3.17 -0.77 -5.53
CA GLU A 106 -3.34 -1.80 -6.53
C GLU A 106 -4.09 -1.32 -7.76
N LYS A 107 -4.82 -0.19 -7.72
CA LYS A 107 -5.29 0.40 -8.96
C LYS A 107 -4.39 1.44 -9.62
N ILE A 108 -3.14 1.50 -9.23
CA ILE A 108 -2.08 2.33 -9.74
C ILE A 108 -0.97 1.53 -10.40
N ILE A 109 -0.58 2.01 -11.60
CA ILE A 109 0.67 1.62 -12.24
C ILE A 109 1.55 2.84 -12.36
N TYR A 110 2.81 2.66 -11.94
CA TYR A 110 3.83 3.70 -11.97
C TYR A 110 4.50 3.52 -13.38
N ALA A 111 3.96 4.14 -14.38
CA ALA A 111 4.41 3.92 -15.77
C ALA A 111 5.40 4.96 -16.24
N ASN A 112 6.51 5.17 -15.62
CA ASN A 112 7.58 6.05 -16.00
C ASN A 112 8.79 5.16 -16.05
N PRO A 113 9.38 4.91 -17.23
CA PRO A 113 10.54 4.06 -17.34
C PRO A 113 11.81 4.56 -16.65
N CYS A 114 12.04 5.83 -16.43
CA CYS A 114 13.33 6.33 -15.97
C CYS A 114 13.21 7.15 -14.68
N LYS A 115 13.12 6.51 -13.52
CA LYS A 115 12.59 7.15 -12.30
C LYS A 115 13.66 7.63 -11.32
N GLN A 116 13.42 8.81 -10.70
CA GLN A 116 14.36 9.24 -9.67
C GLN A 116 14.36 8.30 -8.44
N ILE A 117 15.53 7.96 -7.87
CA ILE A 117 15.54 6.84 -6.94
C ILE A 117 14.67 7.16 -5.71
N SER A 118 14.58 8.40 -5.28
CA SER A 118 13.73 8.80 -4.16
C SER A 118 12.28 8.79 -4.56
N HIS A 119 11.90 8.90 -5.86
CA HIS A 119 10.51 8.61 -6.23
C HIS A 119 10.21 7.12 -6.19
N ILE A 120 11.12 6.27 -6.57
CA ILE A 120 10.97 4.83 -6.37
C ILE A 120 10.79 4.47 -4.87
N ARG A 121 11.52 5.10 -3.95
CA ARG A 121 11.29 4.77 -2.52
C ARG A 121 9.91 5.19 -2.04
N TYR A 122 9.51 6.41 -2.54
CA TYR A 122 8.16 6.89 -2.30
C TYR A 122 7.11 5.90 -2.75
N ALA A 123 7.25 5.30 -3.95
CA ALA A 123 6.18 4.41 -4.37
C ALA A 123 6.19 3.17 -3.45
N ARG A 124 7.33 2.59 -3.15
CA ARG A 124 7.41 1.41 -2.30
C ARG A 124 6.76 1.69 -0.92
N ASP A 125 7.01 2.83 -0.31
CA ASP A 125 6.38 3.22 0.96
C ASP A 125 4.91 3.62 0.77
N SER A 126 4.40 3.78 -0.46
CA SER A 126 2.98 3.92 -0.67
C SER A 126 2.26 2.65 -0.97
N GLY A 127 2.89 1.49 -1.08
CA GLY A 127 2.12 0.29 -1.45
C GLY A 127 2.04 0.13 -2.98
N VAL A 128 2.70 1.02 -3.75
CA VAL A 128 2.61 0.99 -5.21
C VAL A 128 3.68 0.02 -5.73
N ASP A 129 3.23 -1.06 -6.33
CA ASP A 129 4.23 -2.06 -6.71
C ASP A 129 4.39 -2.21 -8.22
N VAL A 130 3.44 -1.87 -9.05
CA VAL A 130 3.67 -2.22 -10.50
C VAL A 130 4.38 -1.09 -11.18
N MET A 131 5.56 -1.28 -11.83
CA MET A 131 6.26 -0.14 -12.45
C MET A 131 6.82 -0.56 -13.84
N THR A 132 7.15 0.35 -14.72
CA THR A 132 7.74 -0.06 -16.03
C THR A 132 9.24 0.20 -16.02
N PHE A 133 9.96 -0.41 -16.98
CA PHE A 133 11.36 -0.16 -17.22
C PHE A 133 11.65 -0.37 -18.75
N ASP A 134 12.80 0.06 -19.25
CA ASP A 134 13.14 -0.30 -20.67
C ASP A 134 14.64 -0.44 -20.87
N CYS A 135 15.43 -0.57 -19.81
CA CYS A 135 16.87 -0.86 -19.97
C CYS A 135 17.40 -1.61 -18.72
N VAL A 136 18.68 -2.01 -18.79
CA VAL A 136 19.17 -2.82 -17.65
C VAL A 136 19.54 -1.92 -16.49
N ASP A 137 19.98 -0.69 -16.78
CA ASP A 137 20.39 0.22 -15.74
C ASP A 137 19.24 0.59 -14.80
N GLU A 138 17.99 0.76 -15.23
CA GLU A 138 16.86 0.97 -14.36
C GLU A 138 16.62 -0.22 -13.42
N LEU A 139 16.82 -1.46 -13.84
CA LEU A 139 16.72 -2.65 -12.97
C LEU A 139 17.76 -2.70 -11.87
N GLU A 140 18.96 -2.18 -12.09
CA GLU A 140 19.93 -2.01 -11.01
C GLU A 140 19.41 -1.13 -9.91
N LYS A 141 18.78 0.06 -10.16
CA LYS A 141 18.20 0.83 -9.08
C LYS A 141 17.05 0.11 -8.45
N VAL A 142 16.14 -0.46 -9.27
CA VAL A 142 15.02 -1.19 -8.67
C VAL A 142 15.47 -2.27 -7.67
N ALA A 143 16.46 -3.12 -7.99
CA ALA A 143 16.95 -4.13 -7.09
C ALA A 143 17.55 -3.54 -5.82
N LYS A 144 18.03 -2.31 -5.79
CA LYS A 144 18.53 -1.72 -4.56
C LYS A 144 17.42 -1.03 -3.80
N THR A 145 16.31 -0.63 -4.46
CA THR A 145 15.37 0.25 -3.79
C THR A 145 14.00 -0.33 -3.65
N HIS A 146 13.57 -1.29 -4.48
CA HIS A 146 12.20 -1.84 -4.41
C HIS A 146 12.25 -3.22 -5.03
N PRO A 147 12.92 -4.15 -4.36
CA PRO A 147 13.36 -5.44 -4.90
C PRO A 147 12.20 -6.38 -5.20
N LYS A 148 11.06 -6.22 -4.57
CA LYS A 148 9.87 -6.96 -4.93
C LYS A 148 8.90 -6.31 -5.91
N ALA A 149 9.22 -5.18 -6.54
CA ALA A 149 8.33 -4.58 -7.52
C ALA A 149 7.99 -5.58 -8.64
N LYS A 150 6.79 -5.46 -9.16
CA LYS A 150 6.36 -6.20 -10.33
C LYS A 150 6.68 -5.34 -11.55
N MET A 151 7.56 -5.72 -12.46
CA MET A 151 8.16 -4.86 -13.49
C MET A 151 7.72 -5.21 -14.90
N VAL A 152 7.28 -4.20 -15.63
CA VAL A 152 6.70 -4.38 -16.97
C VAL A 152 7.67 -3.77 -18.02
N LEU A 153 8.05 -4.61 -19.00
CA LEU A 153 9.14 -4.12 -19.90
C LEU A 153 8.50 -3.36 -21.07
N ARG A 154 8.87 -2.11 -21.30
CA ARG A 154 8.28 -1.34 -22.37
C ARG A 154 9.14 -1.54 -23.63
N ILE A 155 8.48 -1.86 -24.75
CA ILE A 155 9.18 -2.02 -26.01
C ILE A 155 8.86 -0.86 -26.95
N SER A 156 9.77 -0.52 -27.89
CA SER A 156 9.56 0.57 -28.78
C SER A 156 8.63 0.16 -29.90
N THR A 157 8.10 1.13 -30.57
CA THR A 157 7.04 0.99 -31.57
C THR A 157 7.42 1.71 -32.91
N LEU A 166 7.01 6.26 -31.49
CA LEU A 166 6.67 6.54 -30.10
C LEU A 166 7.86 7.31 -29.50
N SER A 167 9.05 6.68 -29.51
CA SER A 167 10.20 7.50 -29.23
C SER A 167 11.59 6.93 -29.40
N VAL A 168 12.47 7.87 -29.82
CA VAL A 168 13.88 7.83 -29.40
C VAL A 168 13.93 7.88 -27.89
N LYS A 169 12.99 8.50 -27.15
CA LYS A 169 13.12 8.61 -25.69
C LYS A 169 12.92 7.29 -24.93
N PHE A 170 11.88 6.52 -25.24
CA PHE A 170 11.49 5.36 -24.45
C PHE A 170 11.19 4.11 -25.28
N GLY A 171 11.54 2.93 -24.73
CA GLY A 171 10.98 1.70 -25.27
C GLY A 171 12.25 0.85 -25.67
N ALA A 172 12.35 -0.38 -25.23
CA ALA A 172 13.50 -1.21 -25.66
C ALA A 172 13.30 -1.79 -27.08
N LYS A 173 14.34 -1.83 -27.91
CA LYS A 173 14.20 -2.57 -29.17
C LYS A 173 13.97 -4.05 -28.92
N VAL A 174 13.04 -4.64 -29.64
CA VAL A 174 12.78 -6.06 -29.42
C VAL A 174 14.02 -6.94 -29.63
N GLU A 175 14.94 -6.64 -30.53
CA GLU A 175 16.26 -7.29 -30.57
C GLU A 175 17.12 -7.19 -29.33
N ASP A 176 16.92 -6.23 -28.42
CA ASP A 176 17.68 -6.21 -27.17
C ASP A 176 16.95 -6.91 -26.05
N CYS A 177 15.67 -7.24 -26.22
CA CYS A 177 14.86 -7.78 -25.10
C CYS A 177 15.32 -9.10 -24.56
N ARG A 178 15.85 -10.04 -25.36
CA ARG A 178 16.45 -11.24 -24.79
C ARG A 178 17.52 -10.97 -23.76
N PHE A 179 18.49 -10.12 -24.13
CA PHE A 179 19.62 -9.75 -23.28
C PHE A 179 19.17 -9.01 -22.03
N ILE A 180 18.25 -8.05 -22.17
CA ILE A 180 17.63 -7.36 -21.05
C ILE A 180 17.03 -8.33 -20.05
N LEU A 181 16.23 -9.29 -20.52
CA LEU A 181 15.69 -10.29 -19.60
C LEU A 181 16.67 -11.26 -18.95
N GLU A 182 17.72 -11.64 -19.65
CA GLU A 182 18.76 -12.47 -18.95
C GLU A 182 19.38 -11.69 -17.80
N GLN A 183 19.64 -10.39 -18.01
CA GLN A 183 20.17 -9.54 -16.94
C GLN A 183 19.16 -9.38 -15.82
N ALA A 184 17.88 -9.18 -16.15
CA ALA A 184 16.80 -9.12 -15.18
C ALA A 184 16.77 -10.41 -14.32
N LYS A 185 16.96 -11.56 -14.97
CA LYS A 185 17.17 -12.80 -14.21
C LYS A 185 18.30 -12.83 -13.20
N LYS A 186 19.52 -12.42 -13.54
CA LYS A 186 20.56 -12.21 -12.54
C LYS A 186 20.21 -11.21 -11.46
N LEU A 187 19.37 -10.17 -11.75
CA LEU A 187 19.11 -9.20 -10.69
C LEU A 187 17.93 -9.61 -9.82
N ASN A 188 17.43 -10.80 -10.14
CA ASN A 188 16.34 -11.45 -9.39
C ASN A 188 15.06 -10.61 -9.47
N ILE A 189 14.79 -10.04 -10.67
CA ILE A 189 13.66 -9.13 -10.86
C ILE A 189 12.39 -9.90 -11.23
N ASP A 190 11.28 -9.65 -10.53
CA ASP A 190 9.95 -10.20 -10.89
C ASP A 190 9.39 -9.50 -12.10
N VAL A 191 9.80 -9.83 -13.32
CA VAL A 191 9.19 -9.28 -14.54
C VAL A 191 7.83 -9.86 -14.77
N THR A 192 6.74 -9.09 -14.93
CA THR A 192 5.41 -9.70 -14.97
C THR A 192 4.70 -9.34 -16.28
N GLY A 193 5.33 -8.71 -17.27
CA GLY A 193 4.58 -8.32 -18.45
C GLY A 193 5.28 -7.41 -19.44
N VAL A 194 4.54 -6.89 -20.42
CA VAL A 194 5.12 -6.11 -21.51
C VAL A 194 4.17 -4.93 -21.76
N SER A 195 4.69 -3.78 -22.16
CA SER A 195 3.86 -2.64 -22.48
C SER A 195 4.45 -1.97 -23.76
N PHE A 196 3.64 -1.15 -24.43
CA PHE A 196 4.10 -0.30 -25.49
C PHE A 196 3.23 0.93 -25.58
N HIS A 197 3.67 1.96 -26.33
CA HIS A 197 2.78 3.10 -26.59
C HIS A 197 2.90 3.48 -28.08
N VAL A 198 1.89 3.31 -28.90
CA VAL A 198 1.93 3.80 -30.27
C VAL A 198 2.00 5.32 -30.37
N GLY A 199 1.48 6.16 -29.49
CA GLY A 199 1.69 7.61 -29.67
C GLY A 199 0.36 8.26 -30.06
N SER A 200 0.15 9.55 -29.82
CA SER A 200 -1.22 10.06 -29.73
C SER A 200 -1.81 10.63 -31.00
N GLY A 201 -1.65 10.04 -32.19
CA GLY A 201 -2.08 10.54 -33.46
C GLY A 201 -1.61 9.81 -34.70
N SER A 202 -1.78 8.48 -34.81
CA SER A 202 -1.49 7.74 -36.03
C SER A 202 -2.63 8.05 -37.00
N THR A 203 -2.52 7.69 -38.26
CA THR A 203 -3.66 7.72 -39.17
C THR A 203 -3.90 6.25 -39.56
N ASP A 204 -2.88 5.42 -39.25
CA ASP A 204 -3.09 3.99 -39.31
C ASP A 204 -3.08 3.17 -38.04
N ALA A 205 -4.18 2.43 -37.86
CA ALA A 205 -4.32 1.54 -36.70
C ALA A 205 -3.42 0.31 -36.76
N SER A 206 -2.74 0.07 -37.89
CA SER A 206 -1.85 -1.04 -38.05
C SER A 206 -0.61 -1.06 -37.17
N THR A 207 -0.08 0.06 -36.70
CA THR A 207 0.90 0.04 -35.63
C THR A 207 0.47 -0.78 -34.42
N PHE A 208 -0.79 -0.77 -33.99
CA PHE A 208 -1.21 -1.66 -32.89
C PHE A 208 -1.11 -3.13 -33.21
N ALA A 209 -1.40 -3.57 -34.45
CA ALA A 209 -1.24 -5.00 -34.75
C ALA A 209 0.21 -5.43 -34.72
N GLN A 210 1.14 -4.65 -35.24
CA GLN A 210 2.58 -4.91 -35.14
C GLN A 210 3.08 -4.95 -33.70
N ALA A 211 2.62 -3.97 -32.91
CA ALA A 211 3.01 -3.87 -31.49
C ALA A 211 2.56 -5.07 -30.69
N ILE A 212 1.37 -5.51 -30.86
CA ILE A 212 0.79 -6.70 -30.23
C ILE A 212 1.51 -7.97 -30.61
N SER A 213 1.88 -8.06 -31.91
CA SER A 213 2.65 -9.23 -32.37
C SER A 213 4.05 -9.19 -31.81
N ASP A 214 4.78 -8.09 -31.83
CA ASP A 214 6.04 -7.92 -31.05
C ASP A 214 5.92 -8.23 -29.57
N SER A 215 4.87 -7.78 -28.92
CA SER A 215 4.63 -8.01 -27.50
C SER A 215 4.54 -9.49 -27.21
N ARG A 216 3.91 -10.31 -28.07
CA ARG A 216 3.82 -11.76 -27.89
C ARG A 216 5.14 -12.48 -27.97
N PHE A 217 5.96 -12.10 -28.94
CA PHE A 217 7.36 -12.60 -28.99
C PHE A 217 8.15 -12.38 -27.72
N VAL A 218 8.03 -11.16 -27.12
CA VAL A 218 8.87 -10.80 -25.96
C VAL A 218 8.21 -11.52 -24.77
N PHE A 219 6.87 -11.66 -24.77
CA PHE A 219 6.22 -12.47 -23.73
C PHE A 219 6.70 -13.91 -23.74
N ASP A 220 6.81 -14.54 -24.91
CA ASP A 220 7.34 -15.92 -24.96
C ASP A 220 8.79 -16.03 -24.53
N MET A 221 9.65 -15.04 -24.88
CA MET A 221 11.04 -15.06 -24.34
C MET A 221 11.00 -15.06 -22.80
N GLY A 222 10.10 -14.23 -22.22
CA GLY A 222 9.97 -14.17 -20.75
C GLY A 222 9.57 -15.50 -20.14
N THR A 223 8.54 -16.15 -20.67
CA THR A 223 8.11 -17.46 -20.14
C THR A 223 9.26 -18.48 -20.21
N GLU A 224 9.93 -18.61 -21.36
CA GLU A 224 11.06 -19.43 -21.58
C GLU A 224 12.17 -19.32 -20.55
N LEU A 225 12.48 -18.10 -20.08
CA LEU A 225 13.45 -17.84 -19.08
C LEU A 225 12.92 -18.04 -17.67
N GLY A 226 11.67 -18.45 -17.45
CA GLY A 226 11.08 -18.68 -16.17
C GLY A 226 10.35 -17.53 -15.51
N PHE A 227 10.16 -16.36 -16.10
CA PHE A 227 9.35 -15.30 -15.51
C PHE A 227 7.87 -15.61 -15.57
N ASN A 228 7.05 -15.10 -14.67
CA ASN A 228 5.60 -15.26 -14.68
C ASN A 228 4.96 -14.01 -15.33
N MET A 229 4.80 -14.05 -16.63
CA MET A 229 4.31 -12.99 -17.51
C MET A 229 2.80 -12.95 -17.50
N HIS A 230 2.14 -11.96 -16.93
CA HIS A 230 0.68 -12.06 -17.07
C HIS A 230 -0.01 -10.77 -17.33
N ILE A 231 0.76 -9.71 -17.60
CA ILE A 231 0.15 -8.40 -17.95
C ILE A 231 0.54 -7.96 -19.36
N LEU A 232 -0.43 -7.60 -20.16
CA LEU A 232 -0.10 -6.82 -21.37
C LEU A 232 -0.70 -5.41 -21.30
N ASP A 233 0.10 -4.36 -21.45
CA ASP A 233 -0.36 -2.97 -21.41
C ASP A 233 -0.20 -2.29 -22.78
N ILE A 234 -1.28 -2.04 -23.51
CA ILE A 234 -1.23 -1.48 -24.87
C ILE A 234 -1.22 0.03 -24.92
N GLY A 235 -0.90 0.73 -23.83
CA GLY A 235 -0.59 2.13 -23.87
C GLY A 235 -1.73 3.09 -24.27
N GLY A 236 -1.36 4.21 -24.88
CA GLY A 236 -2.28 5.38 -25.02
C GLY A 236 -2.49 5.78 -26.48
N GLY A 237 -2.87 7.02 -26.83
CA GLY A 237 -3.03 7.32 -28.26
C GLY A 237 -4.42 7.19 -28.88
N PHE A 238 -5.45 6.80 -28.18
CA PHE A 238 -6.84 6.80 -28.65
C PHE A 238 -7.28 8.23 -28.86
N PRO A 239 -8.01 8.61 -29.92
CA PRO A 239 -8.45 9.97 -30.13
C PRO A 239 -9.41 10.38 -29.01
N GLY A 240 -9.62 11.63 -28.69
CA GLY A 240 -10.57 12.03 -27.69
C GLY A 240 -11.66 12.94 -28.27
N THR A 241 -11.53 13.16 -29.57
CA THR A 241 -12.63 13.90 -30.24
C THR A 241 -13.38 12.95 -31.14
N ARG A 242 -14.51 12.34 -30.74
CA ARG A 242 -15.30 11.40 -31.51
C ARG A 242 -15.35 11.49 -33.03
N ASP A 243 -14.78 12.45 -33.70
CA ASP A 243 -14.61 12.94 -35.01
C ASP A 243 -13.18 13.46 -35.28
N ALA A 244 -12.18 12.74 -34.75
CA ALA A 244 -10.81 12.74 -35.28
C ALA A 244 -10.86 11.77 -36.47
N PRO A 245 -9.96 11.93 -37.42
CA PRO A 245 -10.04 11.20 -38.67
C PRO A 245 -10.07 9.69 -38.52
N LEU A 246 -9.12 9.14 -37.79
CA LEU A 246 -9.10 7.71 -37.51
C LEU A 246 -9.95 7.43 -36.27
N LYS A 247 -11.07 6.78 -36.39
CA LYS A 247 -12.03 6.65 -35.31
C LYS A 247 -11.65 5.68 -34.21
N PHE A 248 -12.09 5.96 -32.99
CA PHE A 248 -11.94 5.00 -31.90
C PHE A 248 -12.38 3.59 -32.30
N GLU A 249 -13.59 3.41 -32.83
CA GLU A 249 -14.17 2.10 -33.10
C GLU A 249 -13.35 1.32 -34.13
N GLU A 250 -12.70 1.96 -35.08
CA GLU A 250 -11.82 1.26 -36.00
C GLU A 250 -10.53 0.83 -35.31
N ILE A 251 -9.88 1.68 -34.52
CA ILE A 251 -8.70 1.24 -33.77
C ILE A 251 -9.05 0.07 -32.88
N ALA A 252 -10.15 0.12 -32.15
CA ALA A 252 -10.56 -0.99 -31.27
C ALA A 252 -10.67 -2.33 -32.02
N GLY A 253 -11.35 -2.31 -33.20
CA GLY A 253 -11.53 -3.53 -33.98
C GLY A 253 -10.21 -4.10 -34.44
N VAL A 254 -9.26 -3.25 -34.83
CA VAL A 254 -7.90 -3.81 -35.13
C VAL A 254 -7.19 -4.45 -33.93
N ILE A 255 -7.24 -3.74 -32.80
CA ILE A 255 -6.74 -4.28 -31.54
C ILE A 255 -7.41 -5.59 -31.19
N ASN A 256 -8.74 -5.70 -31.17
CA ASN A 256 -9.42 -6.94 -30.79
C ASN A 256 -9.02 -8.13 -31.67
N ASN A 257 -8.84 -7.91 -32.96
CA ASN A 257 -8.39 -8.95 -33.88
C ASN A 257 -6.97 -9.42 -33.57
N ALA A 258 -6.05 -8.53 -33.22
CA ALA A 258 -4.66 -8.85 -32.89
C ALA A 258 -4.57 -9.61 -31.57
N LEU A 259 -5.45 -9.25 -30.64
CA LEU A 259 -5.52 -9.86 -29.33
C LEU A 259 -6.06 -11.27 -29.42
N GLU A 260 -7.14 -11.45 -30.18
CA GLU A 260 -7.73 -12.78 -30.36
C GLU A 260 -6.71 -13.74 -30.98
N LYS A 261 -5.91 -13.29 -31.94
CA LYS A 261 -4.80 -14.12 -32.45
C LYS A 261 -3.63 -14.31 -31.51
N HIS A 262 -3.02 -13.29 -30.93
CA HIS A 262 -1.77 -13.46 -30.18
C HIS A 262 -1.91 -13.66 -28.68
N PHE A 263 -3.00 -13.26 -28.09
CA PHE A 263 -3.25 -13.22 -26.64
C PHE A 263 -4.63 -13.77 -26.32
N PRO A 264 -4.95 -15.00 -26.66
CA PRO A 264 -6.28 -15.55 -26.42
C PRO A 264 -6.59 -15.53 -24.92
N PRO A 265 -7.85 -15.49 -24.50
CA PRO A 265 -8.23 -15.23 -23.14
C PRO A 265 -7.84 -16.37 -22.20
N ASP A 266 -7.62 -16.08 -20.94
CA ASP A 266 -7.03 -17.02 -20.01
C ASP A 266 -7.14 -16.34 -18.65
N LEU A 267 -7.47 -17.07 -17.61
CA LEU A 267 -7.65 -16.45 -16.30
C LEU A 267 -6.36 -15.90 -15.70
N LYS A 268 -5.17 -16.33 -16.04
CA LYS A 268 -3.90 -15.75 -15.67
C LYS A 268 -3.51 -14.45 -16.41
N LEU A 269 -4.30 -14.04 -17.40
CA LEU A 269 -3.84 -12.93 -18.24
C LEU A 269 -4.70 -11.71 -18.03
N THR A 270 -4.13 -10.51 -17.74
CA THR A 270 -4.86 -9.29 -17.80
C THR A 270 -4.32 -8.30 -18.85
N ILE A 271 -5.15 -7.76 -19.72
CA ILE A 271 -4.76 -6.72 -20.67
C ILE A 271 -5.24 -5.36 -20.07
N VAL A 272 -4.49 -4.33 -20.19
CA VAL A 272 -4.67 -3.00 -19.54
C VAL A 272 -4.28 -1.96 -20.60
N ALA A 273 -4.74 -0.71 -20.52
CA ALA A 273 -4.23 0.34 -21.43
C ALA A 273 -3.99 1.57 -20.59
N GLU A 274 -3.48 2.64 -21.22
CA GLU A 274 -3.20 3.89 -20.50
C GLU A 274 -3.76 5.11 -21.23
N PRO A 275 -5.05 5.16 -21.47
CA PRO A 275 -5.65 6.31 -22.15
C PRO A 275 -5.63 7.59 -21.35
N GLY A 276 -5.28 8.70 -21.99
CA GLY A 276 -5.25 10.07 -21.47
C GLY A 276 -6.30 10.91 -22.24
N ARG A 277 -6.00 11.35 -23.46
CA ARG A 277 -6.85 12.36 -24.14
C ARG A 277 -8.22 11.71 -24.48
N TYR A 278 -8.30 10.41 -24.70
CA TYR A 278 -9.58 9.71 -24.93
C TYR A 278 -10.69 10.20 -23.98
N TYR A 279 -10.47 10.17 -22.65
CA TYR A 279 -11.53 10.43 -21.72
C TYR A 279 -11.83 11.92 -21.51
N VAL A 280 -10.84 12.83 -21.78
CA VAL A 280 -11.11 14.23 -21.38
C VAL A 280 -11.04 15.26 -22.48
N ALA A 281 -10.57 14.97 -23.68
CA ALA A 281 -10.33 16.01 -24.67
C ALA A 281 -11.62 16.81 -24.96
N SER A 282 -12.78 16.17 -25.10
CA SER A 282 -13.99 16.92 -25.46
C SER A 282 -14.84 17.33 -24.27
N ALA A 283 -14.51 16.91 -23.04
CA ALA A 283 -15.24 17.38 -21.90
C ALA A 283 -15.10 18.86 -21.51
N PHE A 284 -14.01 19.58 -21.83
CA PHE A 284 -13.77 20.94 -21.39
C PHE A 284 -13.93 21.95 -22.52
N THR A 285 -14.61 23.05 -22.26
CA THR A 285 -14.86 24.09 -23.26
C THR A 285 -14.35 25.40 -22.67
N LEU A 286 -13.46 26.06 -23.39
CA LEU A 286 -12.96 27.31 -22.77
C LEU A 286 -13.64 28.57 -23.34
N ALA A 287 -13.89 29.52 -22.44
CA ALA A 287 -14.41 30.83 -22.76
C ALA A 287 -13.40 31.94 -22.42
N VAL A 288 -13.08 32.77 -23.38
CA VAL A 288 -12.05 33.84 -23.14
C VAL A 288 -12.69 35.14 -23.60
N ASN A 289 -12.33 36.25 -23.00
CA ASN A 289 -12.93 37.56 -23.38
C ASN A 289 -12.03 38.31 -24.37
N VAL A 290 -12.62 38.89 -25.42
CA VAL A 290 -11.78 39.83 -26.17
C VAL A 290 -11.57 41.14 -25.43
N ILE A 291 -10.30 41.37 -25.07
CA ILE A 291 -9.85 42.51 -24.29
C ILE A 291 -9.31 43.63 -25.17
N ALA A 292 -9.09 43.42 -26.47
CA ALA A 292 -8.58 44.60 -27.23
C ALA A 292 -8.78 44.22 -28.67
N LYS A 293 -8.81 45.18 -29.57
CA LYS A 293 -9.09 44.88 -30.98
C LYS A 293 -8.38 45.80 -31.94
N LYS A 294 -7.81 45.35 -33.04
CA LYS A 294 -7.25 46.29 -34.01
C LYS A 294 -7.91 46.03 -35.38
N VAL A 295 -8.00 47.06 -36.21
CA VAL A 295 -8.71 47.02 -37.47
C VAL A 295 -7.76 47.46 -38.60
N THR A 296 -7.54 46.63 -39.61
CA THR A 296 -6.78 47.19 -40.73
C THR A 296 -7.70 47.37 -41.95
N PRO A 297 -7.62 48.58 -42.48
CA PRO A 297 -8.31 48.96 -43.71
C PRO A 297 -8.47 47.84 -44.72
N ALA A 311 -10.41 44.12 -48.47
CA ALA A 311 -9.29 43.64 -47.69
C ALA A 311 -9.52 43.62 -46.18
N GLN A 312 -10.50 44.35 -45.66
CA GLN A 312 -10.73 44.50 -44.22
C GLN A 312 -10.36 43.23 -43.45
N SER A 313 -9.65 43.33 -42.36
CA SER A 313 -9.04 42.34 -41.49
C SER A 313 -9.20 42.73 -40.02
N PHE A 314 -9.47 41.84 -39.08
CA PHE A 314 -9.36 42.25 -37.65
C PHE A 314 -8.32 41.47 -36.83
N MET A 315 -7.62 42.11 -35.86
CA MET A 315 -6.79 41.38 -34.88
C MET A 315 -7.46 41.42 -33.50
N TYR A 316 -7.72 40.26 -32.87
CA TYR A 316 -8.37 40.32 -31.54
C TYR A 316 -7.38 39.81 -30.49
N TYR A 317 -7.32 40.38 -29.31
CA TYR A 317 -6.47 39.99 -28.22
C TYR A 317 -7.39 39.45 -27.12
N VAL A 318 -7.13 38.30 -26.52
CA VAL A 318 -7.97 37.58 -25.59
C VAL A 318 -7.16 37.34 -24.33
N ASN A 319 -7.72 36.97 -23.20
CA ASN A 319 -7.04 36.92 -21.95
C ASN A 319 -6.68 35.48 -21.58
N ASP A 320 -6.37 34.63 -22.56
CA ASP A 320 -5.58 33.37 -22.25
C ASP A 320 -4.74 33.07 -23.48
N GLY A 321 -3.59 32.43 -23.49
CA GLY A 321 -2.82 32.29 -24.74
C GLY A 321 -1.75 31.17 -24.60
N VAL A 322 -0.63 31.22 -25.31
CA VAL A 322 0.28 30.07 -25.39
C VAL A 322 1.08 29.74 -24.14
N TYR A 323 1.16 30.69 -23.18
CA TYR A 323 1.81 30.50 -21.90
C TYR A 323 0.79 29.97 -20.90
N GLY A 324 -0.48 30.11 -21.28
CA GLY A 324 -1.57 29.61 -20.45
C GLY A 324 -2.11 28.30 -21.00
N SER A 325 -3.45 28.21 -21.20
CA SER A 325 -4.16 27.02 -21.62
C SER A 325 -3.86 26.61 -23.05
N PHE A 326 -3.45 27.55 -23.93
CA PHE A 326 -3.04 27.22 -25.30
C PHE A 326 -1.58 26.85 -25.38
N ASN A 327 -0.92 26.50 -24.26
CA ASN A 327 0.44 25.88 -24.39
C ASN A 327 0.39 24.58 -25.20
N CYS A 328 -0.77 23.97 -25.43
CA CYS A 328 -1.00 22.82 -26.27
C CYS A 328 -0.66 23.10 -27.75
N ILE A 329 -0.73 24.35 -28.14
CA ILE A 329 -0.33 24.66 -29.54
C ILE A 329 1.15 24.33 -29.75
N LEU A 330 2.02 24.64 -28.78
CA LEU A 330 3.42 24.41 -28.89
C LEU A 330 3.87 23.05 -28.39
N TYR A 331 3.28 22.52 -27.31
CA TYR A 331 3.76 21.22 -26.84
C TYR A 331 2.96 20.06 -27.37
N ASP A 332 1.74 20.19 -27.89
CA ASP A 332 0.97 19.00 -28.23
C ASP A 332 0.51 19.08 -29.67
N HIS A 333 1.14 19.95 -30.47
CA HIS A 333 0.72 20.32 -31.81
C HIS A 333 -0.76 20.59 -31.98
N ALA A 334 -1.53 21.20 -31.09
CA ALA A 334 -2.93 21.47 -31.26
C ALA A 334 -3.20 22.58 -32.30
N VAL A 335 -4.35 22.42 -32.96
CA VAL A 335 -4.89 23.42 -33.89
C VAL A 335 -6.26 23.76 -33.35
N VAL A 336 -6.55 25.04 -33.04
CA VAL A 336 -7.76 25.38 -32.32
C VAL A 336 -8.73 26.23 -33.13
N ARG A 337 -10.01 26.32 -32.77
CA ARG A 337 -10.97 27.01 -33.70
C ARG A 337 -11.90 27.92 -32.90
N PRO A 338 -11.82 29.22 -33.13
CA PRO A 338 -12.53 30.19 -32.32
C PRO A 338 -14.00 30.19 -32.73
N LEU A 339 -14.95 30.17 -31.86
CA LEU A 339 -16.36 30.23 -32.03
C LEU A 339 -16.96 31.37 -31.21
N PRO A 340 -17.57 32.38 -31.85
CA PRO A 340 -18.24 33.45 -31.13
C PRO A 340 -19.30 32.93 -30.21
N GLN A 341 -19.48 33.35 -28.95
CA GLN A 341 -20.59 32.74 -28.21
C GLN A 341 -21.95 33.33 -28.64
N ARG A 342 -21.99 34.43 -29.38
CA ARG A 342 -23.17 34.92 -30.05
C ARG A 342 -23.64 34.11 -31.26
N GLU A 343 -24.90 33.67 -31.30
CA GLU A 343 -25.39 32.73 -32.31
C GLU A 343 -25.29 33.34 -33.70
N PRO A 344 -24.95 32.48 -34.67
CA PRO A 344 -24.65 32.93 -36.03
C PRO A 344 -25.81 33.74 -36.53
N ILE A 345 -25.61 34.98 -36.98
CA ILE A 345 -26.82 35.82 -37.19
C ILE A 345 -27.01 36.24 -38.64
N PRO A 346 -28.26 36.23 -39.10
CA PRO A 346 -28.66 36.27 -40.48
C PRO A 346 -27.87 37.13 -41.45
N ASN A 347 -27.24 36.53 -42.44
CA ASN A 347 -26.55 37.20 -43.54
C ASN A 347 -25.07 37.48 -43.23
N GLU A 348 -24.62 37.19 -42.02
CA GLU A 348 -23.40 37.73 -41.45
C GLU A 348 -22.25 37.92 -42.42
N LYS A 349 -21.74 39.15 -42.50
CA LYS A 349 -20.47 39.35 -43.20
C LYS A 349 -19.34 38.76 -42.35
N LEU A 350 -18.43 38.02 -42.95
CA LEU A 350 -17.28 37.46 -42.27
C LEU A 350 -15.98 38.10 -42.73
N TYR A 351 -15.00 38.25 -41.83
CA TYR A 351 -13.68 38.80 -42.19
C TYR A 351 -12.50 37.95 -41.78
N PRO A 352 -11.43 37.93 -42.57
CA PRO A 352 -10.19 37.25 -42.17
C PRO A 352 -9.63 37.85 -40.87
N SER A 353 -9.50 37.03 -39.82
CA SER A 353 -9.08 37.47 -38.50
C SER A 353 -7.96 36.68 -37.82
N SER A 354 -7.12 37.32 -37.03
CA SER A 354 -6.09 36.63 -36.21
C SER A 354 -6.44 36.76 -34.73
N VAL A 355 -6.03 35.87 -33.84
CA VAL A 355 -6.37 36.03 -32.41
C VAL A 355 -5.10 35.73 -31.55
N TRP A 356 -4.90 36.60 -30.54
CA TRP A 356 -3.57 36.71 -29.92
C TRP A 356 -3.73 36.52 -28.41
N GLY A 357 -2.69 36.01 -27.68
CA GLY A 357 -2.81 35.99 -26.22
C GLY A 357 -2.43 37.30 -25.55
N PRO A 358 -2.46 37.40 -24.22
CA PRO A 358 -2.41 38.68 -23.54
C PRO A 358 -0.98 39.11 -23.19
N THR A 359 -0.01 38.23 -23.41
CA THR A 359 1.38 38.53 -23.02
C THR A 359 2.03 39.45 -24.01
N CYS A 360 3.20 39.94 -23.60
CA CYS A 360 4.11 40.76 -24.33
C CYS A 360 4.71 40.06 -25.55
N ASP A 361 4.73 38.73 -25.53
CA ASP A 361 5.52 37.96 -26.48
C ASP A 361 4.88 38.03 -27.85
N GLY A 362 5.65 38.38 -28.88
CA GLY A 362 5.13 38.48 -30.24
C GLY A 362 4.71 37.17 -30.84
N LEU A 363 5.24 36.07 -30.34
CA LEU A 363 4.86 34.72 -30.73
C LEU A 363 3.73 34.10 -29.90
N ASP A 364 3.09 34.89 -28.99
CA ASP A 364 1.89 34.44 -28.31
C ASP A 364 0.68 34.79 -29.18
N GLN A 365 0.45 33.95 -30.16
CA GLN A 365 -0.66 34.06 -31.10
C GLN A 365 -1.42 32.72 -31.14
N ILE A 366 -2.72 32.69 -31.23
CA ILE A 366 -3.52 31.45 -31.15
C ILE A 366 -4.07 30.98 -32.50
N VAL A 367 -4.47 31.93 -33.33
CA VAL A 367 -5.18 31.75 -34.60
C VAL A 367 -4.55 32.71 -35.60
N GLU A 368 -4.12 32.15 -36.74
CA GLU A 368 -3.40 33.03 -37.68
C GLU A 368 -4.32 33.62 -38.73
N ARG A 369 -5.29 32.87 -39.24
CA ARG A 369 -6.25 33.50 -40.17
C ARG A 369 -7.57 32.76 -40.06
N TYR A 370 -8.63 33.33 -39.52
CA TYR A 370 -9.87 32.58 -39.37
C TYR A 370 -11.02 33.52 -39.74
N TYR A 371 -12.11 32.98 -40.30
CA TYR A 371 -13.22 33.84 -40.69
C TYR A 371 -14.15 34.04 -39.52
N LEU A 372 -14.20 35.27 -39.02
CA LEU A 372 -15.13 35.59 -37.94
C LEU A 372 -15.97 36.82 -38.29
N PRO A 373 -17.15 36.88 -37.68
CA PRO A 373 -17.97 38.10 -37.76
C PRO A 373 -17.19 39.20 -37.07
N GLU A 374 -17.61 40.46 -37.21
CA GLU A 374 -16.84 41.52 -36.58
C GLU A 374 -17.18 41.45 -35.10
N MET A 375 -16.16 41.50 -34.23
CA MET A 375 -16.42 41.30 -32.80
C MET A 375 -16.17 42.64 -32.12
N GLN A 376 -16.64 42.77 -30.91
CA GLN A 376 -16.45 43.94 -30.09
C GLN A 376 -15.70 43.56 -28.83
N VAL A 377 -14.95 44.51 -28.29
CA VAL A 377 -14.31 44.39 -26.98
C VAL A 377 -15.31 44.07 -25.92
N GLY A 378 -15.09 43.04 -25.09
CA GLY A 378 -16.07 42.64 -24.10
C GLY A 378 -16.94 41.43 -24.50
N GLU A 379 -16.97 41.03 -25.75
CA GLU A 379 -17.62 39.80 -26.19
C GLU A 379 -16.72 38.55 -25.97
N TRP A 380 -17.29 37.39 -26.14
CA TRP A 380 -16.72 36.08 -25.82
C TRP A 380 -16.47 35.20 -27.03
N LEU A 381 -15.33 34.47 -27.00
CA LEU A 381 -14.93 33.49 -27.97
C LEU A 381 -14.85 32.15 -27.25
N LEU A 382 -15.33 31.05 -27.80
CA LEU A 382 -15.30 29.74 -27.22
C LEU A 382 -14.36 28.86 -28.02
N PHE A 383 -13.67 27.98 -27.26
CA PHE A 383 -12.81 26.97 -27.91
C PHE A 383 -13.21 25.60 -27.29
N GLU A 384 -13.80 24.79 -28.17
CA GLU A 384 -14.20 23.45 -27.72
C GLU A 384 -13.05 22.43 -27.67
N ASP A 385 -13.23 21.25 -27.08
CA ASP A 385 -12.18 20.22 -27.10
C ASP A 385 -10.86 20.73 -26.51
N MET A 386 -10.90 21.34 -25.35
CA MET A 386 -9.79 21.94 -24.62
C MET A 386 -9.53 21.25 -23.27
N GLY A 387 -9.80 19.96 -23.16
CA GLY A 387 -9.50 19.26 -21.91
C GLY A 387 -8.21 18.47 -21.77
N ALA A 388 -7.54 18.15 -22.88
CA ALA A 388 -6.37 17.33 -22.92
C ALA A 388 -5.05 18.09 -23.11
N TYR A 389 -4.10 17.89 -22.16
CA TYR A 389 -2.80 18.61 -22.21
C TYR A 389 -2.96 20.13 -22.27
N THR A 390 -3.85 20.69 -21.45
CA THR A 390 -4.10 22.13 -21.55
C THR A 390 -3.92 22.81 -20.20
N VAL A 391 -4.87 22.64 -19.28
CA VAL A 391 -4.57 23.10 -17.91
C VAL A 391 -3.28 22.60 -17.33
N VAL A 392 -2.85 21.36 -17.47
CA VAL A 392 -1.62 20.88 -16.84
C VAL A 392 -0.32 21.53 -17.36
N GLY A 393 -0.30 22.21 -18.53
CA GLY A 393 0.94 22.79 -19.03
C GLY A 393 1.00 24.34 -18.84
N THR A 394 0.11 24.91 -18.02
CA THR A 394 0.01 26.33 -17.90
C THR A 394 1.05 26.93 -16.94
N SER A 395 1.43 28.17 -17.26
CA SER A 395 2.32 28.93 -16.37
C SER A 395 1.69 30.30 -16.07
N SER A 396 2.30 30.99 -15.13
CA SER A 396 1.86 32.35 -14.80
C SER A 396 2.84 33.40 -15.33
N PHE A 397 3.30 33.23 -16.58
CA PHE A 397 4.13 34.15 -17.30
C PHE A 397 3.41 35.52 -17.46
N ASN A 398 4.20 36.53 -17.16
CA ASN A 398 3.76 37.92 -17.21
C ASN A 398 2.78 38.27 -16.09
N GLY A 399 2.65 37.41 -15.07
CA GLY A 399 1.56 37.55 -14.14
C GLY A 399 0.18 37.07 -14.49
N PHE A 400 -0.13 36.51 -15.66
CA PHE A 400 -1.57 36.28 -15.92
C PHE A 400 -1.99 35.01 -15.17
N GLN A 401 -3.24 34.87 -14.74
CA GLN A 401 -3.58 33.69 -13.93
C GLN A 401 -4.45 32.74 -14.73
N SER A 402 -4.35 31.45 -14.49
CA SER A 402 -5.06 30.45 -15.29
C SER A 402 -6.56 30.48 -15.02
N PRO A 403 -7.35 30.04 -15.98
CA PRO A 403 -8.80 30.20 -15.92
C PRO A 403 -9.44 29.37 -14.83
N THR A 404 -10.35 29.87 -14.01
CA THR A 404 -11.18 28.97 -13.17
C THR A 404 -11.97 27.92 -13.94
N ILE A 405 -12.19 26.77 -13.31
CA ILE A 405 -12.99 25.68 -13.88
C ILE A 405 -14.40 25.62 -13.29
N TYR A 406 -15.48 25.64 -14.08
CA TYR A 406 -16.77 25.24 -13.44
C TYR A 406 -17.32 23.94 -14.02
N TYR A 407 -18.16 23.25 -13.27
CA TYR A 407 -18.54 21.86 -13.54
C TYR A 407 -20.03 21.72 -13.84
N VAL A 408 -20.41 21.04 -14.91
CA VAL A 408 -21.74 20.53 -15.13
C VAL A 408 -21.74 19.00 -15.23
N VAL A 409 -22.76 18.36 -14.64
CA VAL A 409 -22.99 16.95 -15.03
C VAL A 409 -24.11 16.81 -16.02
N SER A 410 -23.81 16.53 -17.29
CA SER A 410 -24.77 16.02 -18.26
C SER A 410 -25.34 14.69 -17.73
N GLY B 37 18.24 14.06 -4.24
CA GLY B 37 18.91 15.16 -4.86
C GLY B 37 18.02 15.85 -5.91
N ASP B 38 17.28 16.86 -5.46
CA ASP B 38 16.41 17.68 -6.26
C ASP B 38 17.17 18.78 -6.95
N PRO B 39 16.70 19.17 -8.13
CA PRO B 39 17.40 20.21 -8.92
C PRO B 39 17.34 21.49 -8.11
N PHE B 40 18.32 22.37 -8.25
CA PHE B 40 18.27 23.70 -7.66
C PHE B 40 18.97 24.76 -8.46
N PHE B 41 18.64 26.04 -8.27
CA PHE B 41 19.32 27.20 -8.74
C PHE B 41 20.24 27.85 -7.66
N VAL B 42 21.36 28.36 -8.20
CA VAL B 42 22.12 29.38 -7.45
C VAL B 42 22.01 30.74 -8.15
N ALA B 43 21.45 31.70 -7.43
CA ALA B 43 21.31 33.09 -7.89
C ALA B 43 22.36 34.02 -7.26
N ASP B 44 23.29 34.51 -8.07
CA ASP B 44 24.30 35.45 -7.54
C ASP B 44 23.90 36.91 -7.68
N LEU B 45 23.32 37.50 -6.63
CA LEU B 45 22.80 38.87 -6.73
C LEU B 45 23.84 39.93 -7.02
N GLY B 46 25.16 39.69 -6.77
CA GLY B 46 26.24 40.59 -6.99
C GLY B 46 26.49 40.72 -8.50
N ASP B 47 26.04 39.73 -9.28
CA ASP B 47 26.13 39.79 -10.74
C ASP B 47 25.16 40.88 -11.26
N ILE B 48 24.01 40.99 -10.62
CA ILE B 48 23.02 42.02 -10.98
C ILE B 48 23.57 43.41 -10.66
N VAL B 49 24.25 43.56 -9.53
CA VAL B 49 24.95 44.80 -9.14
C VAL B 49 26.00 45.18 -10.16
N ARG B 50 26.83 44.32 -10.66
CA ARG B 50 27.79 44.69 -11.71
C ARG B 50 27.21 45.06 -13.06
N LYS B 51 26.09 44.35 -13.43
CA LYS B 51 25.40 44.74 -14.66
C LYS B 51 24.94 46.19 -14.51
N HIS B 52 24.42 46.62 -13.36
CA HIS B 52 23.92 47.94 -13.14
C HIS B 52 24.99 49.02 -13.24
N GLU B 53 26.17 48.77 -12.66
CA GLU B 53 27.34 49.63 -12.88
C GLU B 53 27.75 49.76 -14.33
N THR B 54 27.76 48.64 -15.07
CA THR B 54 28.09 48.76 -16.51
C THR B 54 27.01 49.54 -17.27
N TRP B 55 25.73 49.40 -16.92
CA TRP B 55 24.68 50.19 -17.63
C TRP B 55 24.89 51.69 -17.46
N LYS B 56 25.04 52.15 -16.23
CA LYS B 56 25.33 53.54 -15.91
C LYS B 56 26.59 54.07 -16.60
N LYS B 57 27.67 53.32 -16.69
CA LYS B 57 28.79 53.68 -17.53
C LYS B 57 28.56 53.82 -19.02
N CYS B 58 27.89 52.91 -19.68
CA CYS B 58 27.67 52.93 -21.11
C CYS B 58 26.41 53.70 -21.49
N LEU B 59 25.44 53.99 -20.63
CA LEU B 59 24.19 54.64 -21.09
C LEU B 59 23.73 55.61 -20.01
N PRO B 60 24.58 56.61 -19.70
CA PRO B 60 24.32 57.53 -18.59
C PRO B 60 23.11 58.39 -18.82
N ARG B 61 22.67 58.67 -20.05
CA ARG B 61 21.44 59.37 -20.32
C ARG B 61 20.19 58.50 -20.16
N VAL B 62 20.31 57.19 -20.03
CA VAL B 62 19.10 56.30 -20.06
C VAL B 62 18.72 55.72 -18.73
N THR B 63 17.59 56.01 -18.07
CA THR B 63 17.14 55.36 -16.84
C THR B 63 16.44 54.00 -17.16
N PRO B 64 16.86 52.88 -16.62
CA PRO B 64 16.30 51.54 -16.92
C PRO B 64 15.14 51.09 -16.08
N PHE B 65 14.06 50.69 -16.74
CA PHE B 65 12.81 50.22 -16.08
C PHE B 65 12.84 48.69 -16.31
N TYR B 66 13.30 47.91 -15.37
CA TYR B 66 13.45 46.48 -15.49
C TYR B 66 12.12 45.80 -15.86
N ALA B 67 12.25 44.92 -16.85
CA ALA B 67 11.06 44.18 -17.36
C ALA B 67 10.84 43.01 -16.43
N VAL B 68 9.82 43.21 -15.57
CA VAL B 68 9.63 42.24 -14.52
C VAL B 68 9.26 40.86 -15.09
N ALA B 69 8.59 40.78 -16.23
CA ALA B 69 8.22 39.49 -16.79
C ALA B 69 9.42 38.56 -17.01
N CYS B 70 10.63 39.05 -17.19
CA CYS B 70 11.83 38.26 -17.45
C CYS B 70 12.19 37.33 -16.35
N ASN B 71 12.03 37.91 -15.13
CA ASN B 71 12.41 37.12 -13.93
C ASN B 71 11.76 37.89 -12.76
N ASP B 72 10.77 37.35 -12.09
CA ASP B 72 10.12 38.12 -11.01
C ASP B 72 10.44 37.71 -9.57
N ASP B 73 11.47 36.95 -9.32
CA ASP B 73 11.94 36.52 -8.03
C ASP B 73 12.03 37.73 -7.09
N TRP B 74 11.58 37.57 -5.84
CA TRP B 74 11.53 38.67 -4.89
C TRP B 74 12.87 39.29 -4.51
N ARG B 75 13.95 38.54 -4.44
CA ARG B 75 15.27 39.08 -4.17
C ARG B 75 15.85 39.83 -5.36
N VAL B 76 15.61 39.28 -6.57
CA VAL B 76 16.04 40.02 -7.74
C VAL B 76 15.25 41.33 -7.77
N LEU B 77 13.94 41.37 -7.56
CA LEU B 77 13.29 42.69 -7.64
C LEU B 77 13.80 43.63 -6.55
N GLY B 78 14.08 43.10 -5.36
CA GLY B 78 14.57 43.87 -4.22
C GLY B 78 16.01 44.33 -4.41
N THR B 79 16.89 43.57 -5.03
CA THR B 79 18.19 44.13 -5.40
C THR B 79 18.06 45.29 -6.40
N LEU B 80 17.17 45.11 -7.41
CA LEU B 80 17.13 46.13 -8.47
C LEU B 80 16.55 47.40 -7.86
N ALA B 81 15.54 47.23 -6.99
CA ALA B 81 14.95 48.43 -6.38
C ALA B 81 15.91 49.18 -5.43
N ALA B 82 16.82 48.44 -4.77
CA ALA B 82 17.82 49.04 -3.88
C ALA B 82 18.80 49.81 -4.74
N LEU B 83 19.17 49.27 -5.91
CA LEU B 83 19.96 49.99 -6.90
C LEU B 83 19.31 51.20 -7.53
N GLY B 84 18.04 51.52 -7.43
CA GLY B 84 17.41 52.70 -8.00
C GLY B 84 16.88 52.58 -9.43
N THR B 85 16.60 51.40 -9.94
CA THR B 85 16.00 51.11 -11.24
C THR B 85 14.51 51.41 -11.17
N GLY B 86 13.83 51.69 -12.29
CA GLY B 86 12.42 51.68 -12.43
C GLY B 86 12.02 50.22 -12.75
N PHE B 87 10.69 49.99 -12.86
CA PHE B 87 10.14 48.67 -13.16
C PHE B 87 9.19 48.78 -14.36
N ASP B 88 9.34 47.92 -15.38
CA ASP B 88 8.23 47.74 -16.35
C ASP B 88 7.31 46.57 -16.05
N CYS B 89 6.01 46.88 -15.80
CA CYS B 89 5.06 45.85 -15.35
C CYS B 89 4.04 45.57 -16.45
N ALA B 90 3.60 44.35 -16.66
CA ALA B 90 2.70 44.09 -17.80
C ALA B 90 1.31 43.62 -17.39
N SER B 91 1.05 43.49 -16.08
CA SER B 91 -0.29 43.04 -15.70
C SER B 91 -0.66 43.57 -14.31
N ASN B 92 -1.91 43.39 -13.90
CA ASN B 92 -2.27 43.87 -12.55
C ASN B 92 -1.46 43.10 -11.54
N THR B 93 -1.32 41.79 -11.62
CA THR B 93 -0.33 41.05 -10.81
C THR B 93 1.07 41.55 -10.69
N GLU B 94 1.82 41.94 -11.74
CA GLU B 94 3.15 42.50 -11.59
C GLU B 94 3.13 43.83 -10.84
N ILE B 95 2.11 44.64 -11.09
CA ILE B 95 2.03 45.95 -10.43
C ILE B 95 1.92 45.74 -8.90
N GLN B 96 1.07 44.81 -8.51
CA GLN B 96 0.87 44.36 -7.16
C GLN B 96 2.19 43.89 -6.52
N ARG B 97 2.87 42.95 -7.17
CA ARG B 97 4.21 42.55 -6.72
C ARG B 97 5.19 43.67 -6.56
N VAL B 98 5.33 44.68 -7.44
CA VAL B 98 6.42 45.65 -7.18
C VAL B 98 6.07 46.69 -6.10
N ARG B 99 4.86 47.21 -5.99
CA ARG B 99 4.37 47.92 -4.81
C ARG B 99 4.53 47.20 -3.48
N GLY B 100 4.15 45.94 -3.39
CA GLY B 100 4.47 45.04 -2.31
C GLY B 100 5.87 45.16 -1.74
N ILE B 101 6.92 45.46 -2.47
CA ILE B 101 8.27 45.54 -1.92
C ILE B 101 8.61 46.98 -1.55
N GLY B 102 7.66 47.88 -1.72
CA GLY B 102 7.91 49.27 -1.36
C GLY B 102 8.06 50.23 -2.50
N VAL B 103 7.91 49.80 -3.77
CA VAL B 103 8.43 50.70 -4.83
C VAL B 103 7.31 51.68 -5.06
N PRO B 104 7.55 52.97 -5.08
CA PRO B 104 6.51 53.92 -5.38
C PRO B 104 6.00 53.82 -6.80
N PRO B 105 4.75 54.29 -7.00
CA PRO B 105 4.11 54.08 -8.29
C PRO B 105 4.67 54.93 -9.41
N GLU B 106 5.40 55.99 -9.13
CA GLU B 106 6.02 56.79 -10.19
C GLU B 106 7.23 56.12 -10.84
N LYS B 107 7.81 55.13 -10.19
CA LYS B 107 8.85 54.28 -10.77
C LYS B 107 8.30 53.03 -11.48
N ILE B 108 7.05 53.01 -11.86
CA ILE B 108 6.38 52.02 -12.68
C ILE B 108 5.87 52.61 -14.01
N ILE B 109 6.25 51.93 -15.10
CA ILE B 109 5.51 52.07 -16.36
C ILE B 109 4.72 50.81 -16.68
N TYR B 110 3.49 50.97 -17.05
CA TYR B 110 2.59 49.88 -17.40
C TYR B 110 2.67 49.67 -18.93
N ALA B 111 3.67 48.89 -19.35
CA ALA B 111 4.05 48.92 -20.75
C ALA B 111 3.43 47.78 -21.51
N ASN B 112 2.15 47.59 -21.48
CA ASN B 112 1.40 46.63 -22.25
C ASN B 112 0.45 47.43 -23.07
N PRO B 113 0.56 47.36 -24.42
CA PRO B 113 -0.29 48.11 -25.32
C PRO B 113 -1.76 47.78 -25.31
N CYS B 114 -2.08 46.54 -24.95
CA CYS B 114 -3.45 46.03 -25.17
C CYS B 114 -4.00 45.49 -23.85
N LYS B 115 -4.54 46.30 -22.96
CA LYS B 115 -4.81 45.90 -21.57
C LYS B 115 -6.30 45.63 -21.31
N GLN B 116 -6.65 44.57 -20.58
CA GLN B 116 -8.01 44.33 -20.13
C GLN B 116 -8.53 45.49 -19.31
N ILE B 117 -9.79 45.95 -19.55
CA ILE B 117 -10.15 47.24 -18.93
C ILE B 117 -10.05 47.12 -17.39
N SER B 118 -10.30 45.99 -16.76
CA SER B 118 -10.19 45.87 -15.31
C SER B 118 -8.78 45.95 -14.77
N HIS B 119 -7.73 45.57 -15.51
CA HIS B 119 -6.36 45.85 -15.11
C HIS B 119 -5.94 47.31 -15.21
N ILE B 120 -6.44 48.04 -16.21
CA ILE B 120 -6.32 49.49 -16.26
C ILE B 120 -6.99 50.15 -15.05
N ARG B 121 -8.19 49.68 -14.68
CA ARG B 121 -8.77 50.26 -13.42
C ARG B 121 -7.87 50.04 -12.22
N TYR B 122 -7.33 48.84 -12.05
CA TYR B 122 -6.37 48.52 -11.00
C TYR B 122 -5.13 49.39 -11.03
N ALA B 123 -4.55 49.71 -12.21
CA ALA B 123 -3.41 50.60 -12.30
C ALA B 123 -3.76 51.98 -11.73
N ARG B 124 -4.90 52.54 -12.13
CA ARG B 124 -5.29 53.88 -11.70
C ARG B 124 -5.44 53.96 -10.19
N ASP B 125 -5.94 52.92 -9.55
CA ASP B 125 -6.29 52.90 -8.14
C ASP B 125 -5.02 52.56 -7.35
N SER B 126 -3.98 52.03 -8.03
CA SER B 126 -2.70 51.93 -7.32
C SER B 126 -1.85 53.16 -7.55
N GLY B 127 -2.36 54.17 -8.30
CA GLY B 127 -1.51 55.32 -8.52
C GLY B 127 -0.62 55.26 -9.76
N VAL B 128 -0.64 54.15 -10.51
CA VAL B 128 0.21 54.06 -11.75
C VAL B 128 -0.40 54.79 -12.90
N ASP B 129 0.25 55.83 -13.37
CA ASP B 129 -0.24 56.71 -14.44
C ASP B 129 0.44 56.56 -15.79
N VAL B 130 1.60 55.96 -15.94
CA VAL B 130 2.25 56.00 -17.26
C VAL B 130 1.98 54.68 -17.98
N MET B 131 1.30 54.74 -19.14
CA MET B 131 0.99 53.44 -19.83
C MET B 131 1.31 53.59 -21.34
N THR B 132 1.36 52.51 -22.09
CA THR B 132 1.63 52.54 -23.52
C THR B 132 0.37 52.24 -24.31
N PHE B 133 0.42 52.60 -25.64
CA PHE B 133 -0.66 52.19 -26.51
C PHE B 133 -0.11 52.13 -27.96
N ASP B 134 -0.91 51.53 -28.86
CA ASP B 134 -0.41 51.69 -30.26
C ASP B 134 -1.56 51.69 -31.30
N CYS B 135 -2.78 51.94 -30.82
CA CYS B 135 -3.90 52.14 -31.72
C CYS B 135 -5.01 52.98 -31.08
N VAL B 136 -5.99 53.38 -31.88
CA VAL B 136 -6.99 54.35 -31.36
C VAL B 136 -7.98 53.61 -30.51
N ASP B 137 -8.24 52.33 -30.77
CA ASP B 137 -9.18 51.57 -29.94
C ASP B 137 -8.80 51.53 -28.48
N GLU B 138 -7.53 51.38 -28.14
CA GLU B 138 -7.02 51.42 -26.76
C GLU B 138 -7.26 52.78 -26.13
N LEU B 139 -7.03 53.89 -26.87
CA LEU B 139 -7.34 55.22 -26.34
C LEU B 139 -8.80 55.46 -25.95
N GLU B 140 -9.70 54.86 -26.74
CA GLU B 140 -11.12 54.82 -26.34
C GLU B 140 -11.29 54.21 -24.98
N LYS B 141 -10.72 53.04 -24.67
CA LYS B 141 -10.82 52.45 -23.35
C LYS B 141 -10.24 53.34 -22.28
N VAL B 142 -9.08 53.93 -22.51
CA VAL B 142 -8.35 54.73 -21.55
C VAL B 142 -9.18 56.00 -21.25
N ALA B 143 -9.73 56.63 -22.26
CA ALA B 143 -10.65 57.76 -22.02
C ALA B 143 -11.81 57.46 -21.07
N LYS B 144 -12.43 56.30 -21.13
CA LYS B 144 -13.50 55.87 -20.23
C LYS B 144 -13.05 55.41 -18.85
N THR B 145 -11.81 54.96 -18.68
CA THR B 145 -11.37 54.34 -17.44
C THR B 145 -10.24 55.12 -16.77
N HIS B 146 -9.34 55.79 -17.49
CA HIS B 146 -8.19 56.44 -16.85
C HIS B 146 -7.84 57.73 -17.61
N PRO B 147 -8.74 58.69 -17.53
CA PRO B 147 -8.71 59.84 -18.42
C PRO B 147 -7.43 60.68 -18.31
N LYS B 148 -6.81 60.76 -17.16
CA LYS B 148 -5.57 61.53 -16.98
C LYS B 148 -4.28 60.73 -17.13
N ALA B 149 -4.32 59.50 -17.65
CA ALA B 149 -3.11 58.67 -17.80
C ALA B 149 -2.10 59.37 -18.69
N LYS B 150 -0.83 59.27 -18.44
CA LYS B 150 0.24 59.78 -19.29
C LYS B 150 0.61 58.71 -20.34
N MET B 151 0.28 58.92 -21.59
CA MET B 151 0.27 57.72 -22.48
C MET B 151 1.45 57.87 -23.45
N VAL B 152 2.13 56.80 -23.73
CA VAL B 152 3.28 56.67 -24.60
C VAL B 152 2.95 55.82 -25.83
N LEU B 153 3.17 56.36 -27.02
CA LEU B 153 2.82 55.71 -28.28
C LEU B 153 3.96 54.78 -28.72
N ARG B 154 3.70 53.50 -28.87
CA ARG B 154 4.72 52.58 -29.37
C ARG B 154 4.66 52.46 -30.89
N ILE B 155 5.81 52.56 -31.53
CA ILE B 155 5.89 52.48 -32.98
C ILE B 155 6.51 51.14 -33.36
N SER B 156 6.25 50.65 -34.58
CA SER B 156 6.90 49.43 -35.02
C SER B 156 8.33 49.67 -35.47
N THR B 157 9.05 48.58 -35.58
CA THR B 157 10.49 48.54 -35.78
C THR B 157 10.80 47.72 -37.05
N LEU B 166 10.13 43.06 -34.80
CA LEU B 166 9.55 43.33 -33.49
C LEU B 166 8.20 42.60 -33.43
N SER B 167 7.17 43.24 -34.04
CA SER B 167 6.02 42.38 -34.31
C SER B 167 5.01 42.83 -35.34
N VAL B 168 4.34 41.81 -35.89
CA VAL B 168 2.93 42.03 -36.31
C VAL B 168 2.11 42.25 -35.04
N LYS B 169 2.53 41.82 -33.84
CA LYS B 169 1.69 41.91 -32.66
C LYS B 169 1.55 43.35 -32.18
N PHE B 170 2.65 44.14 -32.20
CA PHE B 170 2.55 45.44 -31.53
C PHE B 170 3.25 46.52 -32.34
N GLY B 171 2.83 47.79 -32.18
CA GLY B 171 3.70 48.82 -32.78
C GLY B 171 2.93 49.48 -33.95
N ALA B 172 2.64 50.75 -33.82
CA ALA B 172 1.94 51.47 -34.89
C ALA B 172 2.93 51.82 -36.01
N LYS B 173 2.42 51.77 -37.24
CA LYS B 173 3.36 52.17 -38.32
C LYS B 173 3.57 53.67 -38.32
N VAL B 174 4.78 54.15 -38.59
CA VAL B 174 4.96 55.61 -38.61
C VAL B 174 3.95 56.33 -39.50
N GLU B 175 3.52 55.79 -40.63
CA GLU B 175 2.58 56.44 -41.55
C GLU B 175 1.16 56.48 -41.00
N ASP B 176 0.80 55.62 -40.04
CA ASP B 176 -0.46 55.79 -39.35
C ASP B 176 -0.39 56.75 -38.16
N CYS B 177 0.75 57.28 -37.74
CA CYS B 177 0.82 57.94 -36.41
C CYS B 177 0.16 59.31 -36.37
N ARG B 178 0.07 60.02 -37.50
CA ARG B 178 -0.67 61.30 -37.54
C ARG B 178 -2.17 61.07 -37.25
N PHE B 179 -2.73 60.08 -37.97
CA PHE B 179 -4.15 59.79 -37.72
C PHE B 179 -4.42 59.40 -36.29
N ILE B 180 -3.72 58.41 -35.71
CA ILE B 180 -3.74 58.15 -34.25
C ILE B 180 -3.60 59.36 -33.38
N LEU B 181 -2.59 60.23 -33.49
CA LEU B 181 -2.57 61.47 -32.67
C LEU B 181 -3.72 62.46 -32.87
N GLU B 182 -4.22 62.59 -34.10
CA GLU B 182 -5.44 63.40 -34.31
C GLU B 182 -6.62 62.83 -33.50
N GLN B 183 -6.76 61.50 -33.44
CA GLN B 183 -7.84 60.87 -32.65
C GLN B 183 -7.59 61.00 -31.16
N ALA B 184 -6.34 60.84 -30.69
CA ALA B 184 -5.96 61.12 -29.33
C ALA B 184 -6.36 62.55 -28.92
N LYS B 185 -6.05 63.57 -29.70
CA LYS B 185 -6.49 64.93 -29.45
C LYS B 185 -8.03 65.04 -29.25
N LYS B 186 -8.83 64.43 -30.15
CA LYS B 186 -10.26 64.40 -29.92
C LYS B 186 -10.60 63.70 -28.62
N LEU B 187 -9.82 62.68 -28.14
CA LEU B 187 -10.27 62.05 -26.91
C LEU B 187 -9.65 62.69 -25.68
N ASN B 188 -9.04 63.85 -25.78
CA ASN B 188 -8.37 64.60 -24.74
C ASN B 188 -7.25 63.81 -24.05
N ILE B 189 -6.46 63.08 -24.88
CA ILE B 189 -5.48 62.18 -24.24
C ILE B 189 -4.19 62.96 -23.96
N ASP B 190 -3.62 62.90 -22.78
CA ASP B 190 -2.29 63.43 -22.47
C ASP B 190 -1.18 62.53 -23.01
N VAL B 191 -0.93 62.54 -24.31
CA VAL B 191 0.21 61.83 -24.88
C VAL B 191 1.53 62.43 -24.40
N THR B 192 2.45 61.66 -23.76
CA THR B 192 3.69 62.25 -23.31
C THR B 192 4.97 61.78 -24.01
N GLY B 193 4.92 60.77 -24.90
CA GLY B 193 6.17 60.33 -25.54
C GLY B 193 5.96 59.14 -26.48
N VAL B 194 7.07 58.46 -26.79
CA VAL B 194 7.12 57.51 -27.91
C VAL B 194 8.01 56.38 -27.36
N SER B 195 7.69 55.17 -27.77
CA SER B 195 8.47 54.03 -27.40
C SER B 195 8.61 53.07 -28.56
N PHE B 196 9.59 52.17 -28.49
CA PHE B 196 9.74 51.09 -29.43
C PHE B 196 10.42 49.90 -28.76
N HIS B 197 10.50 48.79 -29.43
CA HIS B 197 11.24 47.62 -28.94
C HIS B 197 11.87 46.91 -30.15
N VAL B 198 13.17 46.94 -30.34
CA VAL B 198 13.82 46.15 -31.36
C VAL B 198 13.77 44.64 -31.14
N GLY B 199 13.82 44.07 -29.95
CA GLY B 199 13.74 42.58 -29.92
C GLY B 199 15.10 42.04 -29.49
N SER B 200 15.08 40.86 -28.90
CA SER B 200 16.09 40.42 -27.95
C SER B 200 17.30 39.72 -28.53
N GLY B 201 17.70 39.93 -29.80
CA GLY B 201 18.95 39.43 -30.30
C GLY B 201 19.33 39.75 -31.73
N SER B 202 19.61 41.01 -32.05
CA SER B 202 19.93 41.46 -33.40
C SER B 202 21.40 41.23 -33.78
N THR B 203 21.72 41.10 -35.07
CA THR B 203 23.11 41.01 -35.48
C THR B 203 23.62 42.40 -35.81
N ASP B 204 22.70 43.30 -36.09
CA ASP B 204 23.08 44.70 -36.29
C ASP B 204 22.63 45.54 -35.11
N ALA B 205 23.38 46.56 -34.74
CA ALA B 205 22.84 47.59 -33.85
C ALA B 205 22.15 48.71 -34.63
N SER B 206 22.18 48.65 -35.95
CA SER B 206 21.57 49.68 -36.78
C SER B 206 20.04 49.78 -36.68
N THR B 207 19.30 48.72 -36.38
CA THR B 207 17.90 48.82 -36.00
C THR B 207 17.64 49.82 -34.87
N PHE B 208 18.49 49.86 -33.83
CA PHE B 208 18.28 50.96 -32.85
C PHE B 208 18.40 52.34 -33.46
N ALA B 209 19.37 52.60 -34.38
CA ALA B 209 19.47 53.94 -34.97
C ALA B 209 18.24 54.33 -35.78
N GLN B 210 17.72 53.40 -36.57
CA GLN B 210 16.56 53.69 -37.42
C GLN B 210 15.31 53.93 -36.59
N ALA B 211 15.12 53.12 -35.54
CA ALA B 211 14.01 53.36 -34.59
C ALA B 211 14.16 54.69 -33.92
N ILE B 212 15.34 55.12 -33.51
CA ILE B 212 15.49 56.42 -32.84
C ILE B 212 15.13 57.53 -33.83
N SER B 213 15.50 57.39 -35.10
CA SER B 213 15.24 58.45 -36.09
C SER B 213 13.75 58.55 -36.39
N ASP B 214 13.08 57.40 -36.59
CA ASP B 214 11.62 57.34 -36.68
C ASP B 214 10.91 57.89 -35.47
N SER B 215 11.44 57.66 -34.27
CA SER B 215 10.84 58.19 -33.05
C SER B 215 10.84 59.71 -33.05
N ARG B 216 11.90 60.37 -33.53
CA ARG B 216 11.92 61.83 -33.58
C ARG B 216 10.90 62.45 -34.52
N PHE B 217 10.66 61.85 -35.69
CA PHE B 217 9.58 62.23 -36.60
C PHE B 217 8.21 62.21 -35.92
N VAL B 218 7.92 61.05 -35.25
CA VAL B 218 6.63 60.89 -34.57
C VAL B 218 6.58 61.83 -33.38
N PHE B 219 7.67 62.02 -32.65
CA PHE B 219 7.73 63.02 -31.57
C PHE B 219 7.45 64.48 -31.96
N ASP B 220 7.92 64.89 -33.14
CA ASP B 220 7.63 66.20 -33.71
C ASP B 220 6.19 66.34 -34.22
N MET B 221 5.59 65.26 -34.74
CA MET B 221 4.15 65.35 -35.04
C MET B 221 3.44 65.59 -33.71
N GLY B 222 3.74 64.86 -32.64
CA GLY B 222 3.14 65.18 -31.34
C GLY B 222 3.18 66.68 -31.01
N THR B 223 4.36 67.26 -30.94
CA THR B 223 4.59 68.62 -30.50
C THR B 223 3.77 69.57 -31.40
N GLU B 224 3.78 69.38 -32.71
CA GLU B 224 3.03 70.20 -33.66
C GLU B 224 1.54 70.21 -33.37
N LEU B 225 0.93 69.08 -32.91
CA LEU B 225 -0.48 69.06 -32.56
C LEU B 225 -0.76 69.51 -31.13
N GLY B 226 0.32 69.83 -30.37
CA GLY B 226 0.01 70.51 -29.10
C GLY B 226 0.22 69.61 -27.93
N PHE B 227 0.66 68.34 -28.08
CA PHE B 227 0.92 67.48 -26.92
C PHE B 227 2.22 67.88 -26.22
N ASN B 228 2.34 67.66 -24.93
CA ASN B 228 3.62 67.78 -24.23
C ASN B 228 4.48 66.51 -24.31
N MET B 229 5.16 66.29 -25.43
CA MET B 229 5.99 65.08 -25.60
C MET B 229 7.28 65.22 -24.78
N HIS B 230 7.62 64.43 -23.80
CA HIS B 230 8.89 64.60 -23.10
C HIS B 230 9.56 63.27 -22.71
N ILE B 231 9.04 62.12 -23.10
CA ILE B 231 9.64 60.78 -22.81
C ILE B 231 10.01 60.04 -24.10
N LEU B 232 11.23 59.51 -24.24
CA LEU B 232 11.62 58.52 -25.22
C LEU B 232 12.01 57.21 -24.51
N ASP B 233 11.41 56.10 -24.84
CA ASP B 233 11.49 54.77 -24.27
C ASP B 233 12.02 53.83 -25.35
N ILE B 234 13.26 53.39 -25.24
CA ILE B 234 13.95 52.72 -26.35
C ILE B 234 13.87 51.19 -26.13
N GLY B 235 13.05 50.74 -25.18
CA GLY B 235 12.67 49.34 -25.09
C GLY B 235 13.76 48.43 -24.59
N GLY B 236 13.74 47.16 -24.99
CA GLY B 236 14.60 46.09 -24.45
C GLY B 236 15.42 45.40 -25.50
N GLY B 237 15.92 44.17 -25.25
CA GLY B 237 16.70 43.49 -26.26
C GLY B 237 18.23 43.56 -26.15
N PHE B 238 18.81 44.12 -25.11
CA PHE B 238 20.23 44.07 -24.85
C PHE B 238 20.69 42.69 -24.35
N PRO B 239 21.83 42.19 -24.81
CA PRO B 239 22.32 40.86 -24.50
C PRO B 239 22.63 40.74 -23.02
N GLY B 240 22.37 39.59 -22.39
CA GLY B 240 22.63 39.48 -20.97
C GLY B 240 23.83 38.60 -20.65
N THR B 241 24.58 38.17 -21.64
CA THR B 241 25.85 37.46 -21.38
C THR B 241 26.97 38.30 -21.96
N ARG B 242 27.89 38.75 -21.12
CA ARG B 242 29.04 39.51 -21.59
C ARG B 242 29.83 38.85 -22.71
N ASP B 243 29.72 37.57 -23.02
CA ASP B 243 30.18 36.91 -24.21
C ASP B 243 29.12 36.69 -25.28
N ALA B 244 28.26 37.68 -25.54
CA ALA B 244 27.47 37.59 -26.78
C ALA B 244 28.38 38.07 -27.92
N PRO B 245 28.01 37.76 -29.15
CA PRO B 245 28.75 38.20 -30.33
C PRO B 245 28.59 39.69 -30.58
N LEU B 246 27.34 40.16 -30.55
CA LEU B 246 27.09 41.60 -30.57
C LEU B 246 27.05 42.06 -29.11
N LYS B 247 28.13 42.73 -28.72
CA LYS B 247 28.33 43.16 -27.37
C LYS B 247 27.46 44.35 -26.93
N PHE B 248 27.12 44.41 -25.64
CA PHE B 248 26.47 45.53 -25.02
C PHE B 248 27.15 46.88 -25.30
N GLU B 249 28.50 46.94 -25.19
CA GLU B 249 29.20 48.20 -25.40
C GLU B 249 29.14 48.70 -26.84
N GLU B 250 29.02 47.86 -27.89
CA GLU B 250 28.86 48.45 -29.21
C GLU B 250 27.42 48.89 -29.51
N ILE B 251 26.45 48.18 -28.90
CA ILE B 251 25.04 48.58 -29.12
C ILE B 251 24.91 49.98 -28.51
N ALA B 252 25.40 50.15 -27.27
CA ALA B 252 25.31 51.38 -26.54
C ALA B 252 25.93 52.55 -27.34
N GLY B 253 27.14 52.38 -27.87
CA GLY B 253 27.75 53.42 -28.71
C GLY B 253 26.90 53.83 -29.90
N VAL B 254 26.29 52.88 -30.60
CA VAL B 254 25.36 53.19 -31.67
C VAL B 254 24.17 54.00 -31.17
N ILE B 255 23.57 53.57 -30.06
CA ILE B 255 22.45 54.28 -29.45
C ILE B 255 22.87 55.68 -29.06
N ASN B 256 23.97 55.88 -28.36
CA ASN B 256 24.39 57.25 -27.92
C ASN B 256 24.58 58.15 -29.12
N ASN B 257 25.20 57.64 -30.22
CA ASN B 257 25.34 58.49 -31.39
C ASN B 257 24.01 58.87 -32.03
N ALA B 258 23.00 57.98 -32.12
CA ALA B 258 21.72 58.35 -32.69
C ALA B 258 20.96 59.32 -31.77
N LEU B 259 21.17 59.16 -30.47
CA LEU B 259 20.48 60.02 -29.48
C LEU B 259 21.00 61.45 -29.62
N GLU B 260 22.34 61.52 -29.82
CA GLU B 260 23.00 62.83 -29.85
C GLU B 260 22.54 63.51 -31.13
N LYS B 261 22.30 62.70 -32.16
CA LYS B 261 21.83 63.38 -33.39
C LYS B 261 20.37 63.75 -33.36
N HIS B 262 19.46 62.89 -32.91
CA HIS B 262 18.04 63.18 -33.06
C HIS B 262 17.36 63.67 -31.83
N PHE B 263 17.84 63.44 -30.61
CA PHE B 263 17.35 63.89 -29.32
C PHE B 263 18.38 64.58 -28.47
N PRO B 264 19.03 65.68 -28.89
CA PRO B 264 20.01 66.40 -28.09
C PRO B 264 19.59 66.65 -26.66
N PRO B 265 20.51 66.67 -25.69
CA PRO B 265 20.17 66.80 -24.30
C PRO B 265 19.38 68.06 -23.96
N ASP B 266 18.46 67.94 -22.99
CA ASP B 266 17.60 69.10 -22.69
C ASP B 266 16.97 68.76 -21.36
N LEU B 267 16.77 69.71 -20.45
CA LEU B 267 16.25 69.37 -19.13
C LEU B 267 14.78 69.00 -19.28
N LYS B 268 14.07 69.22 -20.39
CA LYS B 268 12.66 68.78 -20.41
C LYS B 268 12.51 67.34 -20.91
N LEU B 269 13.59 66.72 -21.38
CA LEU B 269 13.49 65.34 -21.90
C LEU B 269 14.07 64.30 -20.97
N THR B 270 13.33 63.20 -20.72
CA THR B 270 13.82 61.96 -20.13
C THR B 270 13.90 60.75 -21.07
N ILE B 271 15.06 60.12 -21.15
CA ILE B 271 15.25 58.87 -21.93
C ILE B 271 15.21 57.67 -20.97
N VAL B 272 14.46 56.63 -21.28
CA VAL B 272 14.16 55.46 -20.41
C VAL B 272 14.43 54.23 -21.24
N ALA B 273 14.67 53.02 -20.73
CA ALA B 273 14.64 51.78 -21.46
C ALA B 273 13.92 50.69 -20.67
N GLU B 274 13.70 49.50 -21.38
CA GLU B 274 13.03 48.43 -20.67
C GLU B 274 13.81 47.12 -20.63
N PRO B 275 15.03 47.07 -20.13
CA PRO B 275 15.87 45.90 -20.17
C PRO B 275 15.36 44.80 -19.26
N GLY B 276 15.39 43.55 -19.74
CA GLY B 276 15.02 42.38 -18.89
C GLY B 276 16.25 41.45 -18.88
N ARG B 277 16.49 40.70 -19.98
CA ARG B 277 17.58 39.69 -19.92
C ARG B 277 18.93 40.29 -19.63
N TYR B 278 19.21 41.54 -19.97
CA TYR B 278 20.48 42.22 -19.67
C TYR B 278 20.81 42.12 -18.19
N TYR B 279 19.87 42.30 -17.29
CA TYR B 279 20.22 42.27 -15.86
C TYR B 279 20.40 40.92 -15.21
N VAL B 280 19.72 39.85 -15.71
CA VAL B 280 19.58 38.60 -14.96
C VAL B 280 20.05 37.38 -15.70
N ALA B 281 20.35 37.37 -17.00
CA ALA B 281 20.53 36.11 -17.70
C ALA B 281 21.70 35.32 -17.11
N SER B 282 22.79 36.07 -16.79
CA SER B 282 23.99 35.41 -16.31
C SER B 282 24.06 35.26 -14.81
N ALA B 283 23.20 35.88 -14.04
CA ALA B 283 23.17 35.63 -12.61
C ALA B 283 22.72 34.28 -12.05
N PHE B 284 21.96 33.45 -12.78
CA PHE B 284 21.41 32.21 -12.25
C PHE B 284 22.16 31.05 -12.90
N THR B 285 22.50 30.06 -12.12
CA THR B 285 23.11 28.82 -12.57
C THR B 285 22.18 27.69 -12.13
N LEU B 286 21.86 26.78 -13.04
CA LEU B 286 20.99 25.67 -12.65
C LEU B 286 21.78 24.38 -12.42
N ALA B 287 21.42 23.70 -11.32
CA ALA B 287 21.99 22.34 -11.17
C ALA B 287 20.91 21.24 -11.20
N VAL B 288 21.17 20.19 -11.88
CA VAL B 288 20.14 19.13 -12.11
C VAL B 288 20.86 17.81 -11.88
N ASN B 289 20.28 16.83 -11.27
CA ASN B 289 20.81 15.48 -11.06
C ASN B 289 20.53 14.57 -12.27
N VAL B 290 21.55 13.76 -12.58
CA VAL B 290 21.25 12.61 -13.42
C VAL B 290 20.59 11.47 -12.68
N ILE B 291 19.27 11.35 -13.05
CA ILE B 291 18.42 10.35 -12.45
C ILE B 291 18.28 9.01 -13.17
N ALA B 292 18.68 8.90 -14.43
CA ALA B 292 18.66 7.64 -15.12
C ALA B 292 19.69 7.72 -16.27
N LYS B 293 20.11 6.61 -16.80
CA LYS B 293 21.12 6.49 -17.81
C LYS B 293 21.01 5.35 -18.79
N LYS B 294 21.24 5.58 -20.09
CA LYS B 294 21.10 4.45 -21.01
C LYS B 294 22.40 4.39 -21.79
N VAL B 295 22.86 3.16 -22.07
CA VAL B 295 24.06 2.99 -22.88
C VAL B 295 23.80 2.39 -24.25
N THR B 296 24.24 2.94 -25.39
CA THR B 296 24.22 2.15 -26.61
C THR B 296 25.67 1.82 -27.04
N ALA B 311 32.11 3.50 -31.10
CA ALA B 311 30.78 3.92 -31.53
C ALA B 311 29.94 4.41 -30.35
N GLN B 312 30.25 3.96 -29.18
CA GLN B 312 29.51 4.15 -27.94
C GLN B 312 28.83 5.50 -27.75
N SER B 313 27.58 5.51 -27.25
CA SER B 313 26.71 6.66 -27.06
C SER B 313 26.04 6.63 -25.66
N PHE B 314 25.72 7.80 -25.06
CA PHE B 314 24.99 7.72 -23.79
C PHE B 314 23.72 8.62 -23.81
N MET B 315 22.66 8.16 -23.12
CA MET B 315 21.47 8.99 -22.92
C MET B 315 21.32 9.30 -21.44
N TYR B 316 21.27 10.57 -21.01
CA TYR B 316 21.10 10.95 -19.60
C TYR B 316 19.72 11.58 -19.36
N TYR B 317 19.07 11.25 -18.24
CA TYR B 317 17.78 11.77 -17.86
C TYR B 317 17.99 12.61 -16.62
N VAL B 318 17.44 13.84 -16.59
CA VAL B 318 17.75 14.75 -15.48
C VAL B 318 16.40 15.17 -14.89
N ASN B 319 16.38 15.75 -13.70
CA ASN B 319 15.07 16.05 -13.09
C ASN B 319 14.63 17.50 -13.33
N ASP B 320 14.92 18.11 -14.48
CA ASP B 320 14.27 19.37 -14.93
C ASP B 320 14.24 19.38 -16.44
N GLY B 321 13.22 19.91 -17.13
CA GLY B 321 13.11 19.71 -18.58
C GLY B 321 12.37 20.86 -19.27
N VAL B 322 11.79 20.61 -20.46
CA VAL B 322 11.13 21.66 -21.22
C VAL B 322 9.81 22.12 -20.69
N TYR B 323 9.20 21.37 -19.75
CA TYR B 323 8.01 21.87 -19.07
C TYR B 323 8.36 22.69 -17.85
N GLY B 324 9.59 22.49 -17.32
CA GLY B 324 10.08 23.26 -16.21
C GLY B 324 10.99 24.41 -16.70
N SER B 325 12.24 24.51 -16.19
CA SER B 325 13.15 25.61 -16.47
C SER B 325 13.63 25.78 -17.93
N PHE B 326 13.68 24.66 -18.67
CA PHE B 326 14.10 24.62 -20.08
C PHE B 326 12.94 24.89 -21.02
N ASN B 327 11.77 25.34 -20.51
CA ASN B 327 10.77 25.99 -21.38
C ASN B 327 11.34 27.10 -22.28
N CYS B 328 12.47 27.72 -21.91
CA CYS B 328 13.16 28.70 -22.71
C CYS B 328 13.61 28.06 -24.02
N ILE B 329 13.80 26.75 -24.08
CA ILE B 329 14.13 26.17 -25.39
C ILE B 329 13.02 26.33 -26.42
N LEU B 330 11.77 26.29 -25.96
CA LEU B 330 10.67 26.39 -26.93
C LEU B 330 10.12 27.81 -27.02
N TYR B 331 10.10 28.58 -25.93
CA TYR B 331 9.46 29.89 -26.06
C TYR B 331 10.49 31.00 -26.37
N ASP B 332 11.80 30.82 -26.13
CA ASP B 332 12.74 31.91 -26.08
C ASP B 332 13.88 31.53 -27.05
N HIS B 333 13.70 30.47 -27.79
CA HIS B 333 14.71 29.89 -28.68
C HIS B 333 16.07 29.72 -28.01
N ALA B 334 16.19 29.35 -26.74
CA ALA B 334 17.47 29.22 -26.07
C ALA B 334 18.28 28.03 -26.57
N VAL B 335 19.60 28.19 -26.51
CA VAL B 335 20.50 27.02 -26.78
C VAL B 335 21.30 26.80 -25.51
N VAL B 336 21.33 25.61 -24.92
CA VAL B 336 21.89 25.41 -23.59
C VAL B 336 23.08 24.43 -23.65
N ARG B 337 24.01 24.50 -22.69
CA ARG B 337 25.20 23.65 -22.77
C ARG B 337 25.45 22.98 -21.41
N PRO B 338 25.43 21.68 -21.39
CA PRO B 338 25.56 20.97 -20.14
C PRO B 338 27.02 20.89 -19.67
N LEU B 339 27.32 21.20 -18.44
CA LEU B 339 28.61 21.21 -17.80
C LEU B 339 28.70 20.24 -16.63
N PRO B 340 29.57 19.23 -16.73
CA PRO B 340 29.65 18.25 -15.66
C PRO B 340 30.09 18.98 -14.42
N GLN B 341 29.51 18.67 -13.24
CA GLN B 341 29.96 19.48 -12.10
C GLN B 341 31.36 19.04 -11.65
N ARG B 342 31.80 17.82 -11.91
CA ARG B 342 33.16 17.32 -11.73
C ARG B 342 34.24 17.95 -12.59
N GLU B 343 35.38 18.37 -12.05
CA GLU B 343 36.43 19.03 -12.84
C GLU B 343 37.01 18.10 -13.91
N PRO B 344 37.29 18.71 -15.06
CA PRO B 344 37.85 18.00 -16.19
C PRO B 344 39.13 17.29 -15.79
N ILE B 345 39.20 15.98 -16.00
CA ILE B 345 40.31 15.20 -15.43
C ILE B 345 41.14 14.49 -16.49
N PRO B 346 42.46 14.51 -16.32
CA PRO B 346 43.38 14.39 -17.44
C PRO B 346 43.06 13.31 -18.46
N ASN B 347 43.08 13.67 -19.75
CA ASN B 347 43.01 12.74 -20.86
C ASN B 347 41.56 12.46 -21.29
N GLU B 348 40.57 12.93 -20.53
CA GLU B 348 39.26 12.26 -20.50
C GLU B 348 38.72 11.96 -21.89
N LYS B 349 38.20 10.74 -22.07
CA LYS B 349 37.41 10.42 -23.25
C LYS B 349 36.03 11.10 -23.16
N LEU B 350 35.50 11.41 -24.33
CA LEU B 350 34.27 12.18 -24.49
C LEU B 350 33.33 11.47 -25.46
N TYR B 351 32.05 11.35 -25.07
CA TYR B 351 31.13 10.54 -25.85
C TYR B 351 29.89 11.29 -26.30
N PRO B 352 29.41 10.95 -27.49
CA PRO B 352 28.18 11.53 -28.00
C PRO B 352 27.05 11.25 -27.03
N SER B 353 26.38 12.27 -26.52
CA SER B 353 25.37 12.15 -25.51
C SER B 353 24.14 13.05 -25.79
N SER B 354 22.98 12.47 -25.46
CA SER B 354 21.79 13.33 -25.44
C SER B 354 21.32 13.46 -23.99
N VAL B 355 20.62 14.54 -23.69
CA VAL B 355 20.14 14.74 -22.34
C VAL B 355 18.65 15.15 -22.35
N TRP B 356 17.89 14.45 -21.48
CA TRP B 356 16.39 14.43 -21.58
C TRP B 356 15.75 14.92 -20.27
N GLY B 357 14.58 15.58 -20.35
CA GLY B 357 13.83 15.88 -19.13
C GLY B 357 13.16 14.67 -18.52
N PRO B 358 12.50 14.84 -17.36
CA PRO B 358 11.95 13.73 -16.60
C PRO B 358 10.58 13.27 -17.01
N THR B 359 9.87 14.09 -17.82
CA THR B 359 8.46 13.78 -18.20
C THR B 359 8.27 12.67 -19.19
N CYS B 360 7.08 12.11 -19.40
CA CYS B 360 6.61 11.10 -20.30
C CYS B 360 6.76 11.49 -21.79
N ASP B 361 6.81 12.79 -22.05
CA ASP B 361 6.79 13.38 -23.37
C ASP B 361 8.08 13.17 -24.14
N GLY B 362 7.94 12.50 -25.31
CA GLY B 362 9.07 12.25 -26.22
C GLY B 362 9.82 13.46 -26.74
N LEU B 363 9.23 14.65 -26.77
CA LEU B 363 9.84 15.91 -27.13
C LEU B 363 10.35 16.67 -25.94
N ASP B 364 10.25 16.15 -24.72
CA ASP B 364 11.00 16.70 -23.58
C ASP B 364 12.45 16.25 -23.62
N GLN B 365 13.26 16.96 -24.44
CA GLN B 365 14.66 16.64 -24.67
C GLN B 365 15.47 17.96 -24.54
N ILE B 366 16.58 17.98 -23.83
CA ILE B 366 17.24 19.28 -23.60
C ILE B 366 18.41 19.49 -24.60
N VAL B 367 19.16 18.41 -24.83
CA VAL B 367 20.38 18.49 -25.68
C VAL B 367 20.35 17.26 -26.54
N GLU B 368 20.57 17.38 -27.82
CA GLU B 368 20.44 16.24 -28.72
C GLU B 368 21.75 15.53 -28.99
N ARG B 369 22.84 16.26 -29.13
CA ARG B 369 24.13 15.56 -29.28
C ARG B 369 25.23 16.44 -28.71
N TYR B 370 25.73 16.22 -27.52
CA TYR B 370 26.79 17.03 -26.95
C TYR B 370 27.92 16.10 -26.47
N TYR B 371 29.18 16.53 -26.48
CA TYR B 371 30.27 15.67 -26.03
C TYR B 371 30.57 15.79 -24.56
N LEU B 372 30.40 14.69 -23.87
CA LEU B 372 30.53 14.65 -22.40
C LEU B 372 31.44 13.48 -22.04
N PRO B 373 32.04 13.53 -20.86
CA PRO B 373 32.63 12.33 -20.25
C PRO B 373 31.55 11.30 -19.98
N GLU B 374 31.92 10.13 -19.47
CA GLU B 374 30.89 9.14 -19.12
C GLU B 374 30.40 9.57 -17.72
N MET B 375 29.10 9.55 -17.47
CA MET B 375 28.59 10.15 -16.24
C MET B 375 27.87 9.05 -15.47
N GLN B 376 27.61 9.20 -14.19
CA GLN B 376 26.91 8.19 -13.45
C GLN B 376 25.64 8.76 -12.81
N VAL B 377 24.67 7.84 -12.67
CA VAL B 377 23.44 8.20 -11.97
C VAL B 377 23.81 8.79 -10.65
N GLY B 378 23.26 9.99 -10.37
CA GLY B 378 23.51 10.65 -9.09
C GLY B 378 24.58 11.71 -9.20
N GLU B 379 25.27 11.82 -10.31
CA GLU B 379 26.13 12.99 -10.49
C GLU B 379 25.28 14.20 -10.95
N TRP B 380 25.95 15.33 -11.08
CA TRP B 380 25.21 16.62 -11.30
C TRP B 380 25.69 17.28 -12.58
N LEU B 381 24.79 17.91 -13.33
CA LEU B 381 25.11 18.67 -14.54
C LEU B 381 24.70 20.13 -14.30
N LEU B 382 25.52 21.08 -14.74
CA LEU B 382 25.25 22.49 -14.48
C LEU B 382 24.93 23.16 -15.80
N PHE B 383 24.08 24.18 -15.66
CA PHE B 383 23.71 24.99 -16.83
C PHE B 383 23.75 26.46 -16.40
N GLU B 384 24.69 27.09 -17.08
CA GLU B 384 24.95 28.51 -16.78
C GLU B 384 24.01 29.42 -17.58
N ASP B 385 23.95 30.69 -17.13
CA ASP B 385 23.23 31.72 -17.93
C ASP B 385 21.76 31.30 -18.04
N MET B 386 21.12 31.01 -16.90
CA MET B 386 19.76 30.42 -16.88
C MET B 386 18.80 31.32 -16.12
N GLY B 387 19.10 32.66 -16.09
CA GLY B 387 18.30 33.64 -15.36
C GLY B 387 17.15 34.29 -16.11
N ALA B 388 17.14 34.23 -17.43
CA ALA B 388 16.14 34.98 -18.22
C ALA B 388 15.10 34.10 -18.91
N TYR B 389 13.81 34.39 -18.67
CA TYR B 389 12.71 33.66 -19.28
C TYR B 389 12.76 32.15 -18.95
N THR B 390 13.12 31.83 -17.71
CA THR B 390 13.31 30.41 -17.37
C THR B 390 12.36 30.04 -16.21
N VAL B 391 12.60 30.51 -15.00
CA VAL B 391 11.63 30.32 -13.90
C VAL B 391 10.23 30.77 -14.17
N VAL B 392 10.01 31.91 -14.82
CA VAL B 392 8.72 32.50 -15.10
C VAL B 392 7.85 31.65 -16.04
N GLY B 393 8.43 30.79 -16.88
CA GLY B 393 7.49 30.04 -17.78
C GLY B 393 7.29 28.58 -17.37
N THR B 394 7.69 28.23 -16.13
CA THR B 394 7.64 26.81 -15.69
C THR B 394 6.22 26.33 -15.39
N SER B 395 5.96 25.03 -15.59
CA SER B 395 4.69 24.45 -15.23
C SER B 395 4.88 23.20 -14.34
N SER B 396 3.82 22.63 -13.81
CA SER B 396 4.04 21.40 -13.03
C SER B 396 3.58 20.14 -13.77
N PHE B 397 3.63 20.16 -15.11
CA PHE B 397 3.37 18.98 -15.90
C PHE B 397 4.00 17.69 -15.34
N ASN B 398 3.15 16.67 -15.22
CA ASN B 398 3.42 15.30 -14.83
C ASN B 398 3.70 15.24 -13.33
N GLY B 399 3.49 16.31 -12.59
CA GLY B 399 3.70 16.44 -11.18
C GLY B 399 5.10 16.85 -10.83
N PHE B 400 5.98 17.23 -11.77
CA PHE B 400 7.36 17.50 -11.36
C PHE B 400 7.36 18.87 -10.73
N GLN B 401 8.14 19.11 -9.67
CA GLN B 401 8.19 20.47 -9.09
C GLN B 401 9.38 21.30 -9.54
N SER B 402 9.26 22.62 -9.62
CA SER B 402 10.34 23.48 -10.03
C SER B 402 11.45 23.61 -8.98
N PRO B 403 12.64 23.93 -9.46
CA PRO B 403 13.83 23.94 -8.62
C PRO B 403 13.75 25.01 -7.55
N THR B 404 14.11 24.66 -6.31
CA THR B 404 14.27 25.78 -5.32
C THR B 404 15.39 26.71 -5.73
N ILE B 405 15.32 27.96 -5.28
CA ILE B 405 16.38 28.93 -5.53
C ILE B 405 17.21 29.25 -4.27
N TYR B 406 18.51 29.20 -4.33
CA TYR B 406 19.39 29.64 -3.23
C TYR B 406 20.23 30.84 -3.67
N TYR B 407 20.57 31.79 -2.78
CA TYR B 407 21.12 33.07 -3.14
C TYR B 407 22.55 33.30 -2.61
N VAL B 408 23.48 33.72 -3.47
CA VAL B 408 24.77 34.20 -2.94
C VAL B 408 24.93 35.69 -3.21
N VAL B 409 25.72 36.40 -2.41
CA VAL B 409 26.19 37.71 -2.85
C VAL B 409 27.68 37.66 -3.17
N SER B 410 28.00 37.75 -4.46
CA SER B 410 29.33 38.15 -4.90
C SER B 410 29.68 39.54 -4.36
N GLY C 37 -24.34 -11.77 27.11
CA GLY C 37 -24.67 -13.08 26.61
C GLY C 37 -23.46 -13.97 26.30
N ASP C 38 -22.93 -14.65 27.30
CA ASP C 38 -21.87 -15.63 27.15
C ASP C 38 -22.30 -16.87 26.37
N PRO C 39 -21.36 -17.47 25.65
CA PRO C 39 -21.62 -18.66 24.84
C PRO C 39 -21.99 -19.80 25.77
N PHE C 40 -22.79 -20.78 25.29
CA PHE C 40 -23.11 -21.91 26.17
C PHE C 40 -23.43 -23.16 25.36
N PHE C 41 -23.31 -24.33 25.98
CA PHE C 41 -23.73 -25.59 25.41
C PHE C 41 -25.07 -26.11 26.00
N VAL C 42 -25.82 -26.70 25.07
CA VAL C 42 -26.87 -27.64 25.57
C VAL C 42 -26.47 -29.08 25.25
N ALA C 43 -26.24 -29.87 26.29
CA ALA C 43 -26.12 -31.31 26.23
C ALA C 43 -27.42 -32.13 26.47
N ASP C 44 -27.86 -32.89 25.47
CA ASP C 44 -29.00 -33.77 25.56
C ASP C 44 -28.59 -35.23 25.79
N LEU C 45 -28.51 -35.56 27.08
CA LEU C 45 -28.26 -36.88 27.57
C LEU C 45 -29.11 -38.02 27.03
N GLY C 46 -30.34 -37.75 26.54
CA GLY C 46 -31.17 -38.76 25.92
C GLY C 46 -30.66 -39.18 24.56
N ASP C 47 -29.86 -38.33 23.91
CA ASP C 47 -29.23 -38.66 22.63
C ASP C 47 -28.20 -39.78 22.91
N ILE C 48 -27.64 -39.76 24.10
CA ILE C 48 -26.63 -40.73 24.46
C ILE C 48 -27.32 -42.07 24.77
N VAL C 49 -28.40 -42.03 25.51
CA VAL C 49 -29.30 -43.20 25.58
C VAL C 49 -29.64 -43.86 24.27
N ARG C 50 -30.11 -43.21 23.25
CA ARG C 50 -30.40 -43.79 21.95
C ARG C 50 -29.21 -44.30 21.16
N LYS C 51 -28.03 -43.63 21.37
CA LYS C 51 -26.84 -44.19 20.66
C LYS C 51 -26.55 -45.55 21.26
N HIS C 52 -26.63 -45.75 22.57
CA HIS C 52 -26.42 -47.03 23.19
C HIS C 52 -27.41 -48.10 22.71
N GLU C 53 -28.71 -47.73 22.52
CA GLU C 53 -29.70 -48.70 22.08
C GLU C 53 -29.30 -49.19 20.67
N THR C 54 -28.93 -48.26 19.79
CA THR C 54 -28.50 -48.67 18.45
C THR C 54 -27.21 -49.51 18.53
N TRP C 55 -26.26 -49.18 19.40
CA TRP C 55 -25.06 -50.06 19.53
C TRP C 55 -25.41 -51.51 19.88
N LYS C 56 -26.19 -51.72 20.94
CA LYS C 56 -26.62 -53.06 21.33
C LYS C 56 -27.36 -53.80 20.24
N LYS C 57 -28.28 -53.21 19.50
CA LYS C 57 -28.82 -53.79 18.28
C LYS C 57 -27.87 -54.16 17.17
N CYS C 58 -26.93 -53.30 16.81
CA CYS C 58 -26.09 -53.56 15.65
C CYS C 58 -24.81 -54.28 16.03
N LEU C 59 -24.31 -54.34 17.26
CA LEU C 59 -23.04 -55.04 17.57
C LEU C 59 -23.22 -55.78 18.86
N PRO C 60 -24.18 -56.70 18.91
CA PRO C 60 -24.52 -57.41 20.13
C PRO C 60 -23.39 -58.21 20.71
N ARG C 61 -22.41 -58.70 19.95
CA ARG C 61 -21.27 -59.42 20.53
C ARG C 61 -20.24 -58.51 21.18
N VAL C 62 -20.30 -57.20 20.99
CA VAL C 62 -19.21 -56.30 21.36
C VAL C 62 -19.54 -55.39 22.52
N THR C 63 -18.88 -55.48 23.69
CA THR C 63 -19.09 -54.57 24.83
C THR C 63 -18.30 -53.27 24.57
N PRO C 64 -18.91 -52.09 24.61
CA PRO C 64 -18.24 -50.82 24.45
C PRO C 64 -17.61 -50.23 25.69
N PHE C 65 -16.35 -49.82 25.54
CA PHE C 65 -15.58 -49.22 26.63
C PHE C 65 -15.34 -47.76 26.20
N TYR C 66 -16.17 -46.82 26.58
CA TYR C 66 -16.15 -45.44 26.14
C TYR C 66 -14.81 -44.74 26.27
N ALA C 67 -14.36 -44.17 25.14
CA ALA C 67 -13.10 -43.38 25.18
C ALA C 67 -13.30 -42.08 25.92
N VAL C 68 -12.78 -42.00 27.19
CA VAL C 68 -13.16 -40.84 27.97
C VAL C 68 -12.48 -39.55 27.52
N ALA C 69 -11.35 -39.73 26.80
CA ALA C 69 -10.68 -38.56 26.25
C ALA C 69 -11.58 -37.73 25.38
N CYS C 70 -12.55 -38.29 24.68
CA CYS C 70 -13.40 -37.60 23.73
C CYS C 70 -14.24 -36.48 24.31
N ASN C 71 -14.65 -36.72 25.55
CA ASN C 71 -15.61 -35.87 26.24
C ASN C 71 -15.71 -36.42 27.68
N ASP C 72 -15.07 -35.75 28.63
CA ASP C 72 -15.05 -36.22 30.01
C ASP C 72 -16.05 -35.55 30.96
N ASP C 73 -17.00 -34.80 30.43
CA ASP C 73 -18.08 -34.22 31.26
C ASP C 73 -18.65 -35.19 32.29
N TRP C 74 -18.92 -34.70 33.52
CA TRP C 74 -19.40 -35.62 34.58
C TRP C 74 -20.73 -36.30 34.34
N ARG C 75 -21.71 -35.67 33.73
CA ARG C 75 -23.03 -36.18 33.42
C ARG C 75 -22.96 -37.21 32.29
N VAL C 76 -22.03 -36.91 31.33
CA VAL C 76 -21.93 -37.85 30.23
C VAL C 76 -21.33 -39.13 30.78
N LEU C 77 -20.30 -39.10 31.59
CA LEU C 77 -19.74 -40.31 32.18
C LEU C 77 -20.77 -41.04 33.05
N GLY C 78 -21.61 -40.28 33.75
CA GLY C 78 -22.58 -40.85 34.69
C GLY C 78 -23.74 -41.45 33.92
N THR C 79 -24.17 -40.95 32.80
CA THR C 79 -25.17 -41.55 31.94
C THR C 79 -24.69 -42.84 31.26
N LEU C 80 -23.38 -42.86 30.86
CA LEU C 80 -22.92 -44.10 30.20
C LEU C 80 -22.74 -45.19 31.22
N ALA C 81 -22.30 -44.81 32.43
CA ALA C 81 -22.02 -45.82 33.46
C ALA C 81 -23.35 -46.42 33.95
N ALA C 82 -24.40 -45.60 34.01
CA ALA C 82 -25.75 -46.10 34.29
C ALA C 82 -26.27 -47.00 33.19
N LEU C 83 -25.94 -46.70 31.94
CA LEU C 83 -26.22 -47.70 30.87
C LEU C 83 -25.42 -48.98 30.90
N GLY C 84 -24.41 -49.20 31.72
CA GLY C 84 -23.67 -50.48 31.63
C GLY C 84 -22.42 -50.49 30.77
N THR C 85 -21.85 -49.35 30.38
CA THR C 85 -20.73 -49.27 29.42
C THR C 85 -19.48 -49.51 30.21
N GLY C 86 -18.37 -49.97 29.60
CA GLY C 86 -17.08 -49.90 30.36
C GLY C 86 -16.40 -48.59 29.97
N PHE C 87 -15.16 -48.29 30.39
CA PHE C 87 -14.51 -47.00 30.15
C PHE C 87 -13.07 -47.25 29.67
N ASP C 88 -12.62 -46.67 28.59
CA ASP C 88 -11.16 -46.62 28.27
C ASP C 88 -10.51 -45.34 28.74
N CYS C 89 -9.52 -45.51 29.64
CA CYS C 89 -8.87 -44.39 30.34
C CYS C 89 -7.43 -44.32 29.86
N ALA C 90 -6.92 -43.15 29.60
CA ALA C 90 -5.55 -43.06 29.09
C ALA C 90 -4.55 -42.44 30.07
N SER C 91 -4.92 -42.07 31.29
CA SER C 91 -3.94 -41.42 32.15
C SER C 91 -4.37 -41.64 33.60
N ASN C 92 -3.52 -41.29 34.56
CA ASN C 92 -3.92 -41.50 35.95
C ASN C 92 -5.09 -40.60 36.25
N THR C 93 -5.15 -39.36 35.80
CA THR C 93 -6.32 -38.48 35.90
C THR C 93 -7.60 -39.06 35.42
N GLU C 94 -7.73 -39.67 34.26
CA GLU C 94 -8.98 -40.28 33.81
C GLU C 94 -9.30 -41.46 34.73
N ILE C 95 -8.32 -42.26 35.13
CA ILE C 95 -8.65 -43.37 36.04
C ILE C 95 -9.32 -42.87 37.31
N GLN C 96 -8.75 -41.89 37.98
CA GLN C 96 -9.32 -41.14 39.09
C GLN C 96 -10.72 -40.62 38.89
N ARG C 97 -10.94 -39.85 37.83
CA ARG C 97 -12.28 -39.46 37.42
C ARG C 97 -13.29 -40.57 37.27
N VAL C 98 -13.05 -41.76 36.70
CA VAL C 98 -14.17 -42.69 36.51
C VAL C 98 -14.45 -43.50 37.80
N ARG C 99 -13.45 -43.92 38.55
CA ARG C 99 -13.68 -44.34 39.93
C ARG C 99 -14.43 -43.34 40.79
N GLY C 100 -14.13 -42.05 40.76
CA GLY C 100 -14.91 -41.03 41.41
C GLY C 100 -16.40 -41.20 41.27
N ILE C 101 -16.94 -41.71 40.15
CA ILE C 101 -18.36 -41.80 39.97
C ILE C 101 -18.87 -43.16 40.41
N GLY C 102 -18.03 -44.07 40.87
CA GLY C 102 -18.52 -45.36 41.31
C GLY C 102 -18.22 -46.56 40.43
N VAL C 103 -17.47 -46.39 39.32
CA VAL C 103 -17.21 -47.51 38.41
C VAL C 103 -16.13 -48.35 39.02
N PRO C 104 -16.35 -49.65 39.12
CA PRO C 104 -15.35 -50.57 39.59
C PRO C 104 -14.26 -50.79 38.55
N PRO C 105 -13.08 -51.18 39.06
CA PRO C 105 -11.90 -51.14 38.21
C PRO C 105 -11.90 -52.21 37.16
N GLU C 106 -12.74 -53.25 37.28
CA GLU C 106 -12.86 -54.23 36.21
C GLU C 106 -13.61 -53.68 35.00
N LYS C 107 -14.28 -52.54 35.08
CA LYS C 107 -14.92 -51.95 33.90
C LYS C 107 -14.05 -50.85 33.27
N ILE C 108 -12.77 -50.82 33.57
CA ILE C 108 -11.74 -50.02 33.02
C ILE C 108 -10.62 -50.79 32.33
N ILE C 109 -10.28 -50.30 31.12
CA ILE C 109 -9.10 -50.68 30.40
C ILE C 109 -8.19 -49.44 30.28
N TYR C 110 -6.94 -49.56 30.63
CA TYR C 110 -5.95 -48.53 30.55
C TYR C 110 -5.28 -48.63 29.17
N ALA C 111 -5.90 -47.99 28.18
CA ALA C 111 -5.53 -48.32 26.79
C ALA C 111 -4.54 -47.30 26.27
N ASN C 112 -3.44 -47.05 26.90
CA ASN C 112 -2.36 -46.18 26.36
C ASN C 112 -1.13 -47.05 26.27
N PRO C 113 -0.51 -47.20 25.09
CA PRO C 113 0.57 -48.14 24.96
C PRO C 113 1.85 -47.68 25.62
N CYS C 114 2.02 -46.39 25.91
CA CYS C 114 3.32 -45.83 26.26
C CYS C 114 3.16 -44.99 27.51
N LYS C 115 3.17 -45.59 28.67
CA LYS C 115 2.71 -45.00 29.92
C LYS C 115 3.92 -44.64 30.80
N GLN C 116 3.85 -43.46 31.40
CA GLN C 116 4.76 -43.03 32.43
C GLN C 116 4.74 -44.01 33.62
N ILE C 117 5.94 -44.43 34.07
CA ILE C 117 5.94 -45.52 35.04
C ILE C 117 5.13 -45.10 36.26
N SER C 118 5.13 -43.84 36.71
CA SER C 118 4.32 -43.53 37.89
C SER C 118 2.83 -43.60 37.60
N HIS C 119 2.35 -43.49 36.37
CA HIS C 119 0.91 -43.71 36.11
C HIS C 119 0.58 -45.19 36.14
N ILE C 120 1.51 -46.03 35.64
CA ILE C 120 1.34 -47.48 35.86
C ILE C 120 1.15 -47.88 37.31
N ARG C 121 2.03 -47.43 38.20
CA ARG C 121 1.88 -47.63 39.65
C ARG C 121 0.55 -47.14 40.20
N TYR C 122 0.12 -45.93 39.81
CA TYR C 122 -1.24 -45.51 40.20
C TYR C 122 -2.30 -46.47 39.67
N ALA C 123 -2.17 -47.08 38.47
CA ALA C 123 -3.21 -47.99 37.97
C ALA C 123 -3.27 -49.26 38.85
N ARG C 124 -2.11 -49.83 39.13
CA ARG C 124 -2.03 -51.01 40.00
C ARG C 124 -2.67 -50.78 41.36
N ASP C 125 -2.40 -49.65 41.99
CA ASP C 125 -2.86 -49.34 43.33
C ASP C 125 -4.33 -48.95 43.31
N SER C 126 -4.94 -48.63 42.16
CA SER C 126 -6.38 -48.51 42.09
C SER C 126 -7.02 -49.82 41.65
N GLY C 127 -6.31 -50.95 41.54
CA GLY C 127 -6.95 -52.16 41.08
C GLY C 127 -7.19 -52.30 39.57
N VAL C 128 -6.74 -51.33 38.77
CA VAL C 128 -6.87 -51.47 37.29
C VAL C 128 -5.80 -52.40 36.78
N ASP C 129 -6.23 -53.54 36.24
CA ASP C 129 -5.34 -54.55 35.73
C ASP C 129 -5.22 -54.65 34.21
N VAL C 130 -6.13 -54.20 33.37
CA VAL C 130 -6.00 -54.52 31.93
C VAL C 130 -5.35 -53.32 31.25
N MET C 131 -4.21 -53.47 30.63
CA MET C 131 -3.53 -52.33 29.96
C MET C 131 -3.08 -52.77 28.56
N THR C 132 -2.78 -51.92 27.59
CA THR C 132 -2.24 -52.25 26.27
C THR C 132 -0.74 -51.98 26.18
N PHE C 133 -0.14 -52.56 25.11
CA PHE C 133 1.26 -52.29 24.87
C PHE C 133 1.48 -52.59 23.38
N ASP C 134 2.57 -52.09 22.82
CA ASP C 134 2.90 -52.49 21.43
C ASP C 134 4.44 -52.64 21.16
N CYS C 135 5.26 -52.71 22.19
CA CYS C 135 6.67 -52.98 22.06
C CYS C 135 7.26 -53.69 23.25
N VAL C 136 8.54 -54.11 23.08
CA VAL C 136 9.14 -54.95 24.16
C VAL C 136 9.56 -54.07 25.30
N ASP C 137 9.93 -52.81 24.98
CA ASP C 137 10.37 -51.91 26.05
C ASP C 137 9.28 -51.65 27.05
N GLU C 138 8.03 -51.49 26.62
CA GLU C 138 6.90 -51.25 27.56
C GLU C 138 6.83 -52.45 28.50
N LEU C 139 6.98 -53.69 28.05
CA LEU C 139 6.88 -54.89 28.87
C LEU C 139 7.94 -54.95 29.99
N GLU C 140 9.13 -54.46 29.63
CA GLU C 140 10.16 -54.29 30.68
C GLU C 140 9.64 -53.45 31.81
N LYS C 141 8.98 -52.31 31.58
CA LYS C 141 8.44 -51.48 32.64
C LYS C 141 7.34 -52.13 33.44
N VAL C 142 6.52 -52.87 32.71
CA VAL C 142 5.37 -53.56 33.30
C VAL C 142 5.89 -54.69 34.20
N ALA C 143 6.91 -55.41 33.75
CA ALA C 143 7.50 -56.41 34.66
C ALA C 143 8.04 -55.88 35.99
N LYS C 144 8.65 -54.73 36.07
CA LYS C 144 9.16 -54.06 37.24
C LYS C 144 8.08 -53.42 38.11
N THR C 145 6.92 -53.04 37.61
CA THR C 145 5.99 -52.13 38.29
C THR C 145 4.64 -52.79 38.44
N HIS C 146 4.24 -53.72 37.53
CA HIS C 146 2.89 -54.25 37.59
C HIS C 146 2.83 -55.66 37.03
N PRO C 147 3.60 -56.54 37.69
CA PRO C 147 3.91 -57.85 37.14
C PRO C 147 2.73 -58.74 36.79
N LYS C 148 1.63 -58.64 37.53
CA LYS C 148 0.46 -59.45 37.21
C LYS C 148 -0.51 -58.90 36.17
N ALA C 149 -0.18 -57.77 35.55
CA ALA C 149 -1.17 -57.04 34.76
C ALA C 149 -1.68 -57.92 33.62
N LYS C 150 -2.90 -57.75 33.17
CA LYS C 150 -3.36 -58.49 32.00
C LYS C 150 -3.15 -57.60 30.74
N MET C 151 -2.26 -57.94 29.86
CA MET C 151 -1.69 -57.04 28.84
C MET C 151 -2.24 -57.46 27.48
N VAL C 152 -2.72 -56.45 26.77
CA VAL C 152 -3.25 -56.58 25.39
C VAL C 152 -2.30 -55.98 24.38
N LEU C 153 -2.08 -56.73 23.28
CA LEU C 153 -1.08 -56.28 22.30
C LEU C 153 -1.85 -55.52 21.20
N ARG C 154 -1.41 -54.27 21.02
CA ARG C 154 -2.07 -53.49 19.96
C ARG C 154 -1.30 -53.70 18.64
N ILE C 155 -1.99 -53.95 17.54
CA ILE C 155 -1.28 -54.12 16.25
C ILE C 155 -1.50 -52.93 15.33
N SER C 156 -0.61 -52.65 14.35
CA SER C 156 -0.83 -51.53 13.47
C SER C 156 -1.86 -51.89 12.40
N THR C 157 -2.42 -50.89 11.78
CA THR C 157 -3.46 -51.05 10.78
C THR C 157 -3.06 -50.31 9.47
N LEU C 166 -4.31 -45.46 10.90
CA LEU C 166 -3.86 -45.56 12.31
C LEU C 166 -2.48 -44.91 12.39
N SER C 167 -1.40 -45.60 12.80
CA SER C 167 -0.27 -44.70 13.06
C SER C 167 1.14 -45.21 12.86
N VAL C 168 2.02 -44.21 12.54
CA VAL C 168 3.44 -44.42 12.91
C VAL C 168 3.50 -44.32 14.42
N LYS C 169 2.58 -43.67 15.14
CA LYS C 169 2.79 -43.47 16.58
C LYS C 169 2.63 -44.83 17.31
N PHE C 170 1.68 -45.68 16.91
CA PHE C 170 1.25 -46.79 17.75
C PHE C 170 0.96 -48.01 16.91
N GLY C 171 1.29 -49.18 17.54
CA GLY C 171 0.72 -50.40 16.92
C GLY C 171 1.93 -51.20 16.40
N ALA C 172 2.04 -52.44 16.75
CA ALA C 172 3.17 -53.30 16.36
C ALA C 172 2.92 -53.88 14.98
N LYS C 173 3.91 -53.87 14.08
CA LYS C 173 3.66 -54.70 12.87
C LYS C 173 3.39 -56.15 13.14
N VAL C 174 2.50 -56.77 12.35
CA VAL C 174 2.22 -58.18 12.56
C VAL C 174 3.47 -59.05 12.35
N GLU C 175 4.44 -58.63 11.53
CA GLU C 175 5.61 -59.49 11.28
C GLU C 175 6.55 -59.39 12.47
N ASP C 176 6.50 -58.24 13.19
CA ASP C 176 7.18 -58.23 14.48
C ASP C 176 6.47 -58.96 15.61
N CYS C 177 5.24 -59.47 15.61
CA CYS C 177 4.63 -59.87 16.89
C CYS C 177 5.07 -61.21 17.44
N ARG C 178 5.57 -62.12 16.59
CA ARG C 178 6.27 -63.31 17.09
C ARG C 178 7.47 -62.97 17.97
N PHE C 179 8.38 -62.10 17.51
CA PHE C 179 9.48 -61.71 18.43
C PHE C 179 9.02 -61.04 19.71
N ILE C 180 8.11 -60.04 19.64
CA ILE C 180 7.50 -59.45 20.84
C ILE C 180 6.88 -60.44 21.81
N LEU C 181 6.12 -61.39 21.34
CA LEU C 181 5.55 -62.41 22.26
C LEU C 181 6.61 -63.40 22.79
N GLU C 182 7.65 -63.68 22.02
CA GLU C 182 8.76 -64.48 22.68
C GLU C 182 9.32 -63.74 23.87
N GLN C 183 9.54 -62.41 23.73
CA GLN C 183 10.17 -61.63 24.80
C GLN C 183 9.22 -61.45 25.96
N ALA C 184 7.89 -61.22 25.76
CA ALA C 184 6.92 -61.27 26.85
C ALA C 184 6.96 -62.60 27.63
N LYS C 185 7.04 -63.70 26.94
CA LYS C 185 7.21 -65.01 27.60
C LYS C 185 8.45 -65.02 28.52
N LYS C 186 9.61 -64.54 28.08
CA LYS C 186 10.73 -64.41 29.02
C LYS C 186 10.45 -63.46 30.17
N LEU C 187 9.62 -62.43 30.06
CA LEU C 187 9.38 -61.54 31.17
C LEU C 187 8.20 -61.99 32.02
N ASN C 188 7.70 -63.20 31.84
CA ASN C 188 6.54 -63.78 32.48
C ASN C 188 5.27 -62.94 32.40
N ILE C 189 5.02 -62.34 31.20
CA ILE C 189 3.89 -61.39 31.12
C ILE C 189 2.64 -62.19 30.81
N ASP C 190 1.56 -61.86 31.52
CA ASP C 190 0.24 -62.44 31.24
C ASP C 190 -0.35 -61.71 30.02
N VAL C 191 0.01 -62.10 28.79
CA VAL C 191 -0.69 -61.57 27.61
C VAL C 191 -2.11 -62.13 27.47
N THR C 192 -3.18 -61.32 27.30
CA THR C 192 -4.54 -61.87 27.30
C THR C 192 -5.27 -61.52 26.01
N GLY C 193 -4.71 -60.66 25.12
CA GLY C 193 -5.39 -60.51 23.83
C GLY C 193 -4.78 -59.53 22.86
N VAL C 194 -5.64 -59.07 21.91
CA VAL C 194 -5.09 -58.25 20.82
C VAL C 194 -5.98 -57.06 20.61
N SER C 195 -5.48 -55.89 20.26
CA SER C 195 -6.25 -54.75 19.89
C SER C 195 -5.75 -54.01 18.64
N PHE C 196 -6.63 -53.21 18.06
CA PHE C 196 -6.21 -52.32 16.98
C PHE C 196 -7.10 -51.08 17.06
N HIS C 197 -6.76 -50.11 16.24
CA HIS C 197 -7.63 -48.91 16.06
C HIS C 197 -7.54 -48.55 14.57
N VAL C 198 -8.63 -48.72 13.83
CA VAL C 198 -8.61 -48.18 12.45
C VAL C 198 -8.57 -46.67 12.33
N GLY C 199 -8.93 -45.81 13.26
CA GLY C 199 -8.85 -44.37 13.01
C GLY C 199 -10.24 -43.79 12.81
N SER C 200 -10.45 -42.57 13.27
CA SER C 200 -11.76 -42.02 13.61
C SER C 200 -12.61 -41.59 12.43
N GLY C 201 -12.66 -42.32 11.32
CA GLY C 201 -13.33 -41.78 10.13
C GLY C 201 -12.70 -42.17 8.81
N SER C 202 -13.20 -43.23 8.15
CA SER C 202 -12.64 -43.57 6.84
C SER C 202 -13.75 -43.98 5.87
N THR C 203 -13.53 -43.81 4.56
CA THR C 203 -14.60 -44.02 3.59
C THR C 203 -14.78 -45.53 3.42
N ASP C 204 -13.72 -46.30 3.67
CA ASP C 204 -13.88 -47.74 3.60
C ASP C 204 -13.89 -48.54 4.89
N ALA C 205 -15.00 -49.26 5.02
CA ALA C 205 -15.19 -50.22 6.11
C ALA C 205 -14.35 -51.47 5.95
N SER C 206 -13.73 -51.71 4.79
CA SER C 206 -12.88 -52.89 4.66
C SER C 206 -11.64 -52.90 5.52
N THR C 207 -11.10 -51.78 5.96
CA THR C 207 -10.00 -51.78 6.91
C THR C 207 -10.38 -52.51 8.21
N PHE C 208 -11.64 -52.41 8.64
CA PHE C 208 -12.00 -53.28 9.79
C PHE C 208 -11.89 -54.77 9.52
N ALA C 209 -12.22 -55.20 8.29
CA ALA C 209 -12.11 -56.64 8.01
C ALA C 209 -10.69 -57.13 7.96
N GLN C 210 -9.75 -56.33 7.44
CA GLN C 210 -8.33 -56.80 7.37
C GLN C 210 -7.70 -56.78 8.75
N ALA C 211 -8.08 -55.79 9.58
CA ALA C 211 -7.54 -55.72 10.95
C ALA C 211 -8.01 -56.93 11.72
N ILE C 212 -9.23 -57.37 11.49
CA ILE C 212 -9.74 -58.51 12.27
C ILE C 212 -9.05 -59.83 11.88
N SER C 213 -8.92 -59.92 10.55
CA SER C 213 -8.15 -61.05 9.99
C SER C 213 -6.71 -61.04 10.46
N ASP C 214 -5.93 -59.99 10.43
CA ASP C 214 -4.60 -59.93 11.09
C ASP C 214 -4.57 -60.22 12.57
N SER C 215 -5.55 -59.70 13.32
CA SER C 215 -5.67 -60.02 14.73
C SER C 215 -5.77 -61.50 14.99
N ARG C 216 -6.54 -62.27 14.21
CA ARG C 216 -6.63 -63.70 14.39
C ARG C 216 -5.29 -64.41 14.16
N PHE C 217 -4.54 -64.01 13.11
CA PHE C 217 -3.13 -64.49 13.03
C PHE C 217 -2.29 -64.31 14.28
N VAL C 218 -2.22 -63.11 14.89
CA VAL C 218 -1.50 -62.79 16.11
C VAL C 218 -2.12 -63.47 17.31
N PHE C 219 -3.42 -63.54 17.46
CA PHE C 219 -4.10 -64.36 18.45
C PHE C 219 -3.62 -65.80 18.50
N ASP C 220 -3.60 -66.47 17.35
CA ASP C 220 -3.12 -67.86 17.22
C ASP C 220 -1.63 -68.04 17.51
N MET C 221 -0.75 -67.08 17.20
CA MET C 221 0.64 -67.13 17.66
C MET C 221 0.65 -67.13 19.20
N GLY C 222 -0.04 -66.17 19.82
CA GLY C 222 -0.25 -66.20 21.25
C GLY C 222 -0.64 -67.57 21.81
N THR C 223 -1.66 -68.24 21.29
CA THR C 223 -2.07 -69.52 21.88
C THR C 223 -0.96 -70.55 21.69
N GLU C 224 -0.42 -70.67 20.48
CA GLU C 224 0.70 -71.58 20.21
C GLU C 224 1.89 -71.42 21.15
N LEU C 225 2.22 -70.22 21.65
CA LEU C 225 3.25 -70.00 22.63
C LEU C 225 2.77 -70.10 24.06
N GLY C 226 1.48 -70.35 24.36
CA GLY C 226 1.25 -70.73 25.77
C GLY C 226 0.42 -69.72 26.52
N PHE C 227 0.08 -68.58 25.87
CA PHE C 227 -0.61 -67.51 26.58
C PHE C 227 -2.10 -67.81 26.66
N ASN C 228 -2.81 -67.32 27.65
CA ASN C 228 -4.27 -67.37 27.69
C ASN C 228 -4.90 -66.19 26.93
N MET C 229 -4.95 -66.34 25.60
CA MET C 229 -5.52 -65.23 24.80
C MET C 229 -7.03 -65.20 24.91
N HIS C 230 -7.75 -64.23 25.48
CA HIS C 230 -9.22 -64.38 25.41
C HIS C 230 -9.91 -63.07 25.05
N ILE C 231 -9.17 -61.96 24.81
CA ILE C 231 -9.87 -60.67 24.53
C ILE C 231 -9.57 -60.14 23.13
N LEU C 232 -10.48 -59.78 22.27
CA LEU C 232 -10.30 -59.00 21.06
C LEU C 232 -10.91 -57.58 21.16
N ASP C 233 -10.07 -56.53 20.99
CA ASP C 233 -10.46 -55.12 21.19
C ASP C 233 -10.40 -54.45 19.82
N ILE C 234 -11.52 -54.09 19.23
CA ILE C 234 -11.57 -53.60 17.88
C ILE C 234 -11.49 -52.06 17.83
N GLY C 235 -11.17 -51.39 18.94
CA GLY C 235 -10.88 -49.99 18.97
C GLY C 235 -12.02 -49.04 18.63
N GLY C 236 -11.66 -47.92 17.96
CA GLY C 236 -12.66 -46.81 17.93
C GLY C 236 -12.92 -46.34 16.51
N GLY C 237 -13.38 -45.13 16.24
CA GLY C 237 -13.52 -44.65 14.86
C GLY C 237 -14.92 -44.80 14.25
N PHE C 238 -15.98 -45.14 14.98
CA PHE C 238 -17.33 -45.19 14.38
C PHE C 238 -17.84 -43.74 14.24
N PRO C 239 -18.60 -43.41 13.20
CA PRO C 239 -19.10 -42.03 13.03
C PRO C 239 -20.04 -41.61 14.15
N GLY C 240 -20.10 -40.35 14.53
CA GLY C 240 -20.97 -39.92 15.62
C GLY C 240 -22.20 -39.14 15.15
N THR C 241 -22.29 -38.90 13.87
CA THR C 241 -23.50 -38.24 13.30
C THR C 241 -24.23 -39.15 12.34
N ARG C 242 -25.44 -39.58 12.65
CA ARG C 242 -26.34 -40.36 11.81
C ARG C 242 -26.48 -39.98 10.35
N ASP C 243 -26.14 -38.77 9.96
CA ASP C 243 -25.94 -38.33 8.59
C ASP C 243 -24.49 -38.33 8.13
N ALA C 244 -23.68 -39.36 8.44
CA ALA C 244 -22.40 -39.51 7.71
C ALA C 244 -22.63 -40.37 6.47
N PRO C 245 -21.68 -40.33 5.53
CA PRO C 245 -21.82 -41.11 4.30
C PRO C 245 -21.58 -42.60 4.58
N LEU C 246 -20.53 -42.85 5.36
CA LEU C 246 -20.29 -44.18 5.87
C LEU C 246 -21.05 -44.33 7.20
N LYS C 247 -22.27 -44.83 7.10
CA LYS C 247 -23.14 -45.03 8.23
C LYS C 247 -22.65 -46.10 9.22
N PHE C 248 -22.99 -45.98 10.50
CA PHE C 248 -22.81 -46.99 11.49
C PHE C 248 -23.27 -48.39 11.12
N GLU C 249 -24.51 -48.53 10.63
CA GLU C 249 -25.05 -49.87 10.38
C GLU C 249 -24.25 -50.62 9.34
N GLU C 250 -23.74 -49.98 8.28
CA GLU C 250 -22.92 -50.68 7.31
C GLU C 250 -21.56 -51.10 7.87
N ILE C 251 -20.87 -50.23 8.62
CA ILE C 251 -19.63 -50.62 9.28
C ILE C 251 -19.87 -51.82 10.18
N ALA C 252 -20.90 -51.76 11.04
CA ALA C 252 -21.33 -52.86 11.87
C ALA C 252 -21.48 -54.16 11.06
N GLY C 253 -22.22 -54.12 9.95
CA GLY C 253 -22.36 -55.33 9.12
C GLY C 253 -21.05 -55.95 8.67
N VAL C 254 -20.09 -55.15 8.22
CA VAL C 254 -18.79 -55.63 7.75
C VAL C 254 -18.02 -56.31 8.89
N ILE C 255 -18.08 -55.61 10.04
CA ILE C 255 -17.47 -56.11 11.28
C ILE C 255 -18.11 -57.43 11.65
N ASN C 256 -19.44 -57.55 11.62
CA ASN C 256 -20.09 -58.80 12.12
C ASN C 256 -19.75 -59.99 11.23
N ASN C 257 -19.65 -59.75 9.91
CA ASN C 257 -19.22 -60.82 9.02
C ASN C 257 -17.78 -61.20 9.22
N ALA C 258 -16.80 -60.32 9.51
CA ALA C 258 -15.42 -60.73 9.71
C ALA C 258 -15.16 -61.45 11.02
N LEU C 259 -15.93 -61.05 12.03
CA LEU C 259 -15.96 -61.68 13.36
C LEU C 259 -16.48 -63.09 13.21
N GLU C 260 -17.50 -63.32 12.35
CA GLU C 260 -18.08 -64.68 12.31
C GLU C 260 -17.05 -65.58 11.66
N LYS C 261 -16.37 -65.07 10.65
CA LYS C 261 -15.38 -65.88 9.93
C LYS C 261 -14.13 -66.10 10.76
N HIS C 262 -13.57 -65.09 11.43
CA HIS C 262 -12.29 -65.35 12.10
C HIS C 262 -12.35 -65.53 13.60
N PHE C 263 -13.42 -65.09 14.26
CA PHE C 263 -13.58 -65.26 15.70
C PHE C 263 -14.93 -65.83 16.09
N PRO C 264 -15.32 -67.03 15.61
CA PRO C 264 -16.59 -67.63 15.89
C PRO C 264 -16.89 -67.53 17.37
N PRO C 265 -18.16 -67.49 17.77
CA PRO C 265 -18.49 -67.36 19.18
C PRO C 265 -18.02 -68.53 20.02
N ASP C 266 -17.74 -68.27 21.29
CA ASP C 266 -17.21 -69.27 22.20
C ASP C 266 -17.29 -68.59 23.56
N LEU C 267 -17.63 -69.32 24.63
CA LEU C 267 -17.88 -68.68 25.90
C LEU C 267 -16.55 -68.18 26.50
N LYS C 268 -15.38 -68.57 26.00
CA LYS C 268 -14.12 -68.08 26.59
C LYS C 268 -13.67 -66.76 25.93
N LEU C 269 -14.28 -66.35 24.82
CA LEU C 269 -13.83 -65.18 24.08
C LEU C 269 -14.69 -63.97 24.40
N THR C 270 -14.17 -62.80 24.68
CA THR C 270 -14.89 -61.55 24.82
C THR C 270 -14.46 -60.47 23.79
N ILE C 271 -15.37 -60.07 22.91
CA ILE C 271 -15.08 -58.91 22.04
C ILE C 271 -15.41 -57.60 22.71
N VAL C 272 -14.59 -56.58 22.66
CA VAL C 272 -14.76 -55.20 23.24
C VAL C 272 -14.45 -54.18 22.18
N ALA C 273 -14.83 -52.90 22.33
CA ALA C 273 -14.44 -51.80 21.46
C ALA C 273 -14.18 -50.59 22.32
N GLU C 274 -13.60 -49.53 21.70
CA GLU C 274 -13.35 -48.28 22.36
C GLU C 274 -13.97 -47.08 21.69
N PRO C 275 -15.28 -46.97 21.55
CA PRO C 275 -15.91 -45.85 20.89
C PRO C 275 -15.87 -44.55 21.67
N GLY C 276 -15.49 -43.42 21.08
CA GLY C 276 -15.60 -42.09 21.72
C GLY C 276 -16.59 -41.24 20.92
N ARG C 277 -16.26 -40.76 19.71
CA ARG C 277 -17.22 -39.82 19.07
C ARG C 277 -18.57 -40.46 18.80
N TYR C 278 -18.72 -41.72 18.57
CA TYR C 278 -19.98 -42.46 18.39
C TYR C 278 -21.01 -41.99 19.40
N TYR C 279 -20.71 -42.00 20.69
CA TYR C 279 -21.69 -41.73 21.69
C TYR C 279 -22.06 -40.27 21.93
N VAL C 280 -21.12 -39.34 21.64
CA VAL C 280 -21.26 -37.94 22.11
C VAL C 280 -21.23 -36.90 21.01
N ALA C 281 -20.86 -37.19 19.74
CA ALA C 281 -20.70 -36.10 18.79
C ALA C 281 -21.98 -35.25 18.70
N SER C 282 -23.11 -35.97 18.45
CA SER C 282 -24.39 -35.32 18.19
C SER C 282 -25.19 -34.90 19.41
N ALA C 283 -24.80 -35.24 20.59
CA ALA C 283 -25.50 -34.82 21.79
C ALA C 283 -25.33 -33.38 22.26
N PHE C 284 -24.29 -32.64 21.77
CA PHE C 284 -23.99 -31.31 22.27
C PHE C 284 -24.22 -30.28 21.17
N THR C 285 -24.90 -29.18 21.51
CA THR C 285 -25.14 -28.14 20.48
C THR C 285 -24.50 -26.85 21.00
N LEU C 286 -23.74 -26.08 20.21
CA LEU C 286 -23.16 -24.90 20.92
C LEU C 286 -23.86 -23.60 20.56
N ALA C 287 -24.12 -22.71 21.56
CA ALA C 287 -24.66 -21.41 21.12
C ALA C 287 -23.68 -20.27 21.40
N VAL C 288 -23.43 -19.43 20.45
CA VAL C 288 -22.38 -18.38 20.67
C VAL C 288 -23.02 -17.02 20.31
N ASN C 289 -22.58 -15.89 20.80
CA ASN C 289 -23.30 -14.62 20.54
C ASN C 289 -22.55 -13.83 19.49
N VAL C 290 -23.17 -13.19 18.52
CA VAL C 290 -22.39 -12.26 17.74
C VAL C 290 -22.16 -10.95 18.50
N ILE C 291 -20.87 -10.75 18.80
CA ILE C 291 -20.33 -9.66 19.56
C ILE C 291 -19.89 -8.49 18.68
N ALA C 292 -19.57 -8.66 17.40
CA ALA C 292 -19.17 -7.53 16.59
C ALA C 292 -19.55 -7.87 15.15
N LYS C 293 -19.67 -6.87 14.30
CA LYS C 293 -20.02 -7.04 12.91
C LYS C 293 -19.39 -6.11 11.91
N LYS C 294 -18.94 -6.58 10.74
CA LYS C 294 -18.33 -5.71 9.77
C LYS C 294 -19.12 -5.86 8.46
N VAL C 295 -19.36 -4.72 7.80
CA VAL C 295 -19.94 -4.74 6.45
C VAL C 295 -18.99 -4.45 5.31
N THR C 296 -18.86 -5.22 4.22
CA THR C 296 -18.14 -4.68 3.07
C THR C 296 -18.97 -4.54 1.79
N PRO C 297 -18.61 -3.54 1.00
CA PRO C 297 -19.00 -3.42 -0.40
C PRO C 297 -18.15 -4.34 -1.25
N ALA C 311 -22.27 -7.10 -4.46
CA ALA C 311 -21.19 -7.92 -3.94
C ALA C 311 -21.25 -8.01 -2.41
N GLN C 312 -22.12 -7.24 -1.80
CA GLN C 312 -22.15 -7.11 -0.32
C GLN C 312 -21.81 -8.38 0.43
N SER C 313 -20.93 -8.25 1.43
CA SER C 313 -20.34 -9.30 2.25
C SER C 313 -20.45 -8.93 3.74
N PHE C 314 -20.41 -9.91 4.67
CA PHE C 314 -20.45 -9.63 6.08
C PHE C 314 -19.39 -10.38 6.92
N MET C 315 -18.80 -9.66 7.89
CA MET C 315 -17.87 -10.35 8.82
C MET C 315 -18.39 -10.41 10.25
N TYR C 316 -18.62 -11.61 10.78
CA TYR C 316 -19.15 -11.70 12.15
C TYR C 316 -18.06 -12.22 13.12
N TYR C 317 -18.06 -11.73 14.35
CA TYR C 317 -17.18 -12.09 15.41
C TYR C 317 -18.00 -12.70 16.52
N VAL C 318 -17.69 -13.88 17.06
CA VAL C 318 -18.55 -14.53 18.05
C VAL C 318 -17.68 -14.76 19.27
N ASN C 319 -18.19 -15.13 20.44
CA ASN C 319 -17.36 -15.24 21.63
C ASN C 319 -16.96 -16.67 21.96
N ASP C 320 -16.68 -17.49 20.94
CA ASP C 320 -15.87 -18.77 21.18
C ASP C 320 -15.11 -19.04 19.90
N GLY C 321 -13.91 -19.64 19.86
CA GLY C 321 -13.27 -19.87 18.57
C GLY C 321 -12.19 -20.99 18.64
N VAL C 322 -11.12 -20.90 17.82
CA VAL C 322 -10.20 -22.06 17.68
C VAL C 322 -9.34 -22.33 18.89
N TYR C 323 -9.17 -21.38 19.82
CA TYR C 323 -8.58 -21.66 21.10
C TYR C 323 -9.53 -22.20 22.14
N GLY C 324 -10.87 -22.05 21.83
CA GLY C 324 -11.80 -22.62 22.80
C GLY C 324 -12.41 -23.88 22.15
N SER C 325 -13.73 -23.85 21.85
CA SER C 325 -14.48 -25.06 21.53
C SER C 325 -14.21 -25.49 20.07
N PHE C 326 -13.78 -24.50 19.26
CA PHE C 326 -13.45 -24.87 17.87
C PHE C 326 -12.01 -25.30 17.69
N ASN C 327 -11.27 -25.59 18.76
CA ASN C 327 -9.99 -26.32 18.57
C ASN C 327 -10.08 -27.59 17.72
N CYS C 328 -11.25 -28.20 17.57
CA CYS C 328 -11.57 -29.35 16.76
C CYS C 328 -11.25 -29.00 15.31
N ILE C 329 -11.35 -27.77 14.87
CA ILE C 329 -10.95 -27.41 13.51
C ILE C 329 -9.50 -27.72 13.17
N LEU C 330 -8.60 -27.47 14.10
CA LEU C 330 -7.18 -27.70 13.89
C LEU C 330 -6.78 -29.08 14.40
N TYR C 331 -7.31 -29.56 15.54
CA TYR C 331 -6.75 -30.85 15.98
C TYR C 331 -7.52 -32.08 15.44
N ASP C 332 -8.77 -31.96 14.96
CA ASP C 332 -9.63 -33.08 14.66
C ASP C 332 -10.20 -32.92 13.25
N HIS C 333 -9.65 -31.98 12.48
CA HIS C 333 -10.07 -31.69 11.11
C HIS C 333 -11.58 -31.50 11.01
N ALA C 334 -12.22 -30.80 11.94
CA ALA C 334 -13.66 -30.65 11.89
C ALA C 334 -14.14 -29.63 10.88
N VAL C 335 -15.33 -29.87 10.26
CA VAL C 335 -15.86 -28.72 9.45
C VAL C 335 -17.21 -28.36 10.07
N VAL C 336 -17.49 -27.10 10.40
CA VAL C 336 -18.63 -26.77 11.25
C VAL C 336 -19.62 -25.93 10.45
N ARG C 337 -20.89 -25.82 10.80
CA ARG C 337 -21.80 -25.07 9.89
C ARG C 337 -22.62 -24.12 10.74
N PRO C 338 -22.60 -22.82 10.51
CA PRO C 338 -23.31 -21.90 11.36
C PRO C 338 -24.83 -21.90 11.08
N LEU C 339 -25.67 -22.00 12.08
CA LEU C 339 -27.11 -21.95 11.97
C LEU C 339 -27.73 -20.81 12.76
N PRO C 340 -28.39 -19.86 12.08
CA PRO C 340 -28.96 -18.71 12.81
C PRO C 340 -29.95 -19.27 13.80
N GLN C 341 -30.02 -18.78 15.05
CA GLN C 341 -31.03 -19.43 15.89
C GLN C 341 -32.42 -19.00 15.43
N ARG C 342 -32.60 -17.83 14.85
CA ARG C 342 -33.73 -17.32 14.13
C ARG C 342 -34.20 -18.07 12.87
N GLU C 343 -35.44 -18.53 12.91
CA GLU C 343 -36.16 -19.21 11.85
C GLU C 343 -36.07 -18.55 10.49
N PRO C 344 -35.67 -19.36 9.51
CA PRO C 344 -35.50 -18.86 8.16
C PRO C 344 -36.82 -18.25 7.71
N ILE C 345 -36.83 -16.99 7.26
CA ILE C 345 -38.09 -16.26 7.12
C ILE C 345 -38.33 -15.80 5.68
N PRO C 346 -39.59 -15.82 5.25
CA PRO C 346 -39.85 -15.95 3.82
C PRO C 346 -39.06 -15.01 2.94
N ASN C 347 -38.42 -15.55 1.91
CA ASN C 347 -37.77 -14.83 0.83
C ASN C 347 -36.28 -14.57 1.10
N GLU C 348 -35.82 -14.76 2.33
CA GLU C 348 -34.60 -14.12 2.80
C GLU C 348 -33.46 -14.07 1.79
N LYS C 349 -32.88 -12.86 1.69
CA LYS C 349 -31.60 -12.73 1.01
C LYS C 349 -30.50 -13.37 1.86
N LEU C 350 -29.48 -13.89 1.19
CA LEU C 350 -28.39 -14.62 1.83
C LEU C 350 -27.09 -13.98 1.39
N TYR C 351 -26.11 -13.81 2.28
CA TYR C 351 -24.90 -13.07 1.92
C TYR C 351 -23.64 -13.86 2.24
N PRO C 352 -22.68 -13.83 1.31
CA PRO C 352 -21.37 -14.41 1.58
C PRO C 352 -20.79 -13.81 2.87
N SER C 353 -20.55 -14.65 3.90
CA SER C 353 -20.02 -14.22 5.17
C SER C 353 -18.88 -15.11 5.72
N SER C 354 -18.09 -14.44 6.58
CA SER C 354 -17.08 -15.20 7.34
C SER C 354 -17.38 -15.13 8.82
N VAL C 355 -17.10 -16.14 9.65
CA VAL C 355 -17.21 -16.00 11.09
C VAL C 355 -15.91 -16.23 11.87
N TRP C 356 -15.67 -15.32 12.88
CA TRP C 356 -14.31 -15.31 13.49
C TRP C 356 -14.34 -15.53 14.99
N GLY C 357 -13.27 -16.06 15.63
CA GLY C 357 -13.30 -16.14 17.10
C GLY C 357 -12.95 -14.78 17.72
N PRO C 358 -13.06 -14.65 19.07
CA PRO C 358 -12.84 -13.41 19.76
C PRO C 358 -11.40 -12.97 20.01
N THR C 359 -10.42 -13.80 19.80
CA THR C 359 -8.99 -13.53 20.09
C THR C 359 -8.34 -12.62 19.08
N CYS C 360 -7.19 -12.06 19.44
CA CYS C 360 -6.26 -11.27 18.69
C CYS C 360 -5.73 -12.00 17.45
N ASP C 361 -5.73 -13.33 17.46
CA ASP C 361 -5.08 -14.11 16.43
C ASP C 361 -5.78 -14.03 15.08
N GLY C 362 -5.09 -13.62 14.03
CA GLY C 362 -5.61 -13.56 12.67
C GLY C 362 -6.02 -14.90 12.09
N LEU C 363 -5.56 -16.04 12.64
CA LEU C 363 -5.96 -17.36 12.23
C LEU C 363 -7.10 -17.94 13.07
N ASP C 364 -7.56 -17.19 14.09
CA ASP C 364 -8.74 -17.61 14.82
C ASP C 364 -10.00 -17.22 14.04
N GLN C 365 -10.34 -18.12 13.08
CA GLN C 365 -11.43 -17.94 12.12
C GLN C 365 -12.17 -19.27 12.08
N ILE C 366 -13.50 -19.26 12.09
CA ILE C 366 -14.27 -20.50 12.28
C ILE C 366 -14.84 -20.97 10.93
N VAL C 367 -15.29 -19.99 10.13
CA VAL C 367 -15.94 -20.26 8.82
C VAL C 367 -15.48 -19.25 7.81
N GLU C 368 -15.03 -19.67 6.63
CA GLU C 368 -14.44 -18.70 5.70
C GLU C 368 -15.45 -18.13 4.72
N ARG C 369 -16.38 -18.93 4.14
CA ARG C 369 -17.40 -18.28 3.27
C ARG C 369 -18.70 -19.05 3.40
N TYR C 370 -19.70 -18.55 4.09
CA TYR C 370 -20.94 -19.27 4.29
C TYR C 370 -22.13 -18.39 3.94
N TYR C 371 -23.20 -18.98 3.40
CA TYR C 371 -24.34 -18.11 3.04
C TYR C 371 -25.30 -17.95 4.19
N LEU C 372 -25.39 -16.72 4.66
CA LEU C 372 -26.16 -16.44 5.88
C LEU C 372 -27.10 -15.27 5.53
N PRO C 373 -28.23 -15.24 6.24
CA PRO C 373 -29.06 -14.01 6.18
C PRO C 373 -28.24 -12.87 6.77
N GLU C 374 -28.53 -11.59 6.70
CA GLU C 374 -27.75 -10.54 7.34
C GLU C 374 -28.08 -10.61 8.84
N MET C 375 -27.16 -10.45 9.76
CA MET C 375 -27.35 -10.73 11.17
C MET C 375 -27.02 -9.50 12.00
N GLN C 376 -27.34 -9.38 13.28
CA GLN C 376 -27.12 -8.23 14.07
C GLN C 376 -26.31 -8.51 15.33
N VAL C 377 -25.61 -7.46 15.82
CA VAL C 377 -24.85 -7.70 17.05
C VAL C 377 -25.89 -8.13 18.06
N GLY C 378 -25.69 -9.33 18.62
CA GLY C 378 -26.34 -9.77 19.85
C GLY C 378 -27.39 -10.83 19.52
N GLU C 379 -27.53 -11.17 18.25
CA GLU C 379 -28.19 -12.43 17.90
C GLU C 379 -27.25 -13.64 18.09
N TRP C 380 -27.86 -14.81 17.89
CA TRP C 380 -27.20 -16.08 18.28
C TRP C 380 -26.98 -17.00 17.09
N LEU C 381 -25.81 -17.66 17.04
CA LEU C 381 -25.56 -18.66 16.00
C LEU C 381 -25.39 -20.00 16.74
N LEU C 382 -25.91 -21.11 16.28
CA LEU C 382 -25.80 -22.41 16.90
C LEU C 382 -24.92 -23.30 16.04
N PHE C 383 -24.19 -24.11 16.83
CA PHE C 383 -23.38 -25.12 16.03
C PHE C 383 -23.73 -26.51 16.56
N GLU C 384 -24.24 -27.30 15.65
CA GLU C 384 -24.66 -28.66 16.09
C GLU C 384 -23.50 -29.66 16.00
N ASP C 385 -23.70 -30.87 16.49
CA ASP C 385 -22.69 -31.94 16.41
C ASP C 385 -21.35 -31.43 16.99
N MET C 386 -21.28 -30.97 18.24
CA MET C 386 -20.17 -30.31 18.85
C MET C 386 -19.83 -30.98 20.17
N GLY C 387 -20.12 -32.32 20.29
CA GLY C 387 -19.77 -33.00 21.54
C GLY C 387 -18.47 -33.80 21.51
N ALA C 388 -17.85 -34.03 20.36
CA ALA C 388 -16.66 -34.88 20.28
C ALA C 388 -15.35 -34.11 20.09
N TYR C 389 -14.35 -34.21 20.97
CA TYR C 389 -13.08 -33.49 20.81
C TYR C 389 -13.24 -31.95 20.77
N THR C 390 -14.12 -31.44 21.64
CA THR C 390 -14.40 -29.99 21.62
C THR C 390 -14.08 -29.38 22.97
N VAL C 391 -14.92 -29.62 23.99
CA VAL C 391 -14.61 -29.20 25.37
C VAL C 391 -13.27 -29.63 25.90
N VAL C 392 -12.83 -30.85 25.67
CA VAL C 392 -11.59 -31.41 26.17
C VAL C 392 -10.34 -30.72 25.61
N GLY C 393 -10.40 -29.97 24.51
CA GLY C 393 -9.11 -29.38 24.04
C GLY C 393 -9.12 -27.85 24.18
N THR C 394 -10.03 -27.33 24.99
CA THR C 394 -10.13 -25.87 25.15
C THR C 394 -9.05 -25.29 26.04
N SER C 395 -8.63 -24.05 25.71
CA SER C 395 -7.70 -23.32 26.53
C SER C 395 -8.22 -21.95 26.94
N SER C 396 -7.54 -21.21 27.81
CA SER C 396 -8.03 -19.89 28.18
C SER C 396 -7.20 -18.79 27.55
N PHE C 397 -6.63 -19.07 26.36
CA PHE C 397 -5.96 -18.04 25.62
C PHE C 397 -6.66 -16.70 25.55
N ASN C 398 -5.99 -15.62 25.92
CA ASN C 398 -6.34 -14.23 25.77
C ASN C 398 -7.28 -13.82 26.92
N GLY C 399 -7.41 -14.72 27.90
CA GLY C 399 -8.37 -14.55 28.96
C GLY C 399 -9.80 -14.99 28.68
N PHE C 400 -10.21 -15.53 27.54
CA PHE C 400 -11.60 -15.89 27.27
C PHE C 400 -11.92 -17.16 28.05
N GLN C 401 -13.15 -17.34 28.48
CA GLN C 401 -13.48 -18.48 29.33
C GLN C 401 -14.41 -19.45 28.61
N SER C 402 -14.24 -20.72 28.88
CA SER C 402 -14.99 -21.75 28.17
C SER C 402 -16.47 -21.67 28.49
N PRO C 403 -17.27 -22.16 27.56
CA PRO C 403 -18.72 -22.07 27.70
C PRO C 403 -19.21 -22.99 28.79
N THR C 404 -20.22 -22.48 29.53
CA THR C 404 -20.90 -23.39 30.50
C THR C 404 -21.73 -24.42 29.77
N ILE C 405 -22.06 -25.54 30.42
CA ILE C 405 -22.90 -26.57 29.82
C ILE C 405 -24.26 -26.67 30.50
N TYR C 406 -25.33 -26.79 29.76
CA TYR C 406 -26.63 -27.09 30.41
C TYR C 406 -27.15 -28.41 29.88
N TYR C 407 -27.87 -29.14 30.73
CA TYR C 407 -28.35 -30.47 30.34
C TYR C 407 -29.83 -30.60 30.10
N VAL C 408 -30.25 -31.29 29.03
CA VAL C 408 -31.65 -31.69 28.87
C VAL C 408 -31.70 -33.23 28.85
N VAL C 409 -32.84 -33.81 29.24
CA VAL C 409 -33.04 -35.21 28.87
C VAL C 409 -34.22 -35.39 27.92
N SER C 410 -33.88 -35.64 26.66
CA SER C 410 -34.87 -36.10 25.69
C SER C 410 -35.50 -37.36 26.31
N GLY D 37 9.20 -38.23 37.29
CA GLY D 37 9.73 -36.98 36.76
C GLY D 37 8.63 -36.35 35.87
N ASP D 38 7.80 -35.50 36.40
CA ASP D 38 6.93 -34.59 35.67
C ASP D 38 7.72 -33.47 34.98
N PRO D 39 7.22 -33.05 33.80
CA PRO D 39 7.79 -31.95 33.07
C PRO D 39 7.73 -30.64 33.87
N PHE D 40 8.66 -29.71 33.64
CA PHE D 40 8.68 -28.47 34.39
C PHE D 40 9.43 -27.35 33.65
N PHE D 41 9.08 -26.08 33.94
CA PHE D 41 9.75 -24.97 33.28
C PHE D 41 10.87 -24.35 34.14
N VAL D 42 11.97 -23.92 33.53
CA VAL D 42 12.73 -22.83 34.24
C VAL D 42 12.57 -21.49 33.57
N ALA D 43 12.13 -20.49 34.28
CA ALA D 43 12.01 -19.11 33.76
C ALA D 43 13.04 -18.16 34.38
N ASP D 44 13.90 -17.63 33.54
CA ASP D 44 14.92 -16.67 34.00
C ASP D 44 14.43 -15.25 33.81
N LEU D 45 13.95 -14.66 34.90
CA LEU D 45 13.51 -13.30 34.96
C LEU D 45 14.56 -12.28 34.67
N GLY D 46 15.88 -12.55 34.78
CA GLY D 46 16.88 -11.54 34.41
C GLY D 46 17.06 -11.50 32.90
N ASP D 47 16.66 -12.51 32.12
CA ASP D 47 16.66 -12.37 30.65
C ASP D 47 15.64 -11.25 30.29
N ILE D 48 14.55 -11.14 31.05
CA ILE D 48 13.50 -10.16 30.82
C ILE D 48 14.04 -8.77 31.13
N VAL D 49 14.83 -8.64 32.21
CA VAL D 49 15.51 -7.32 32.46
C VAL D 49 16.42 -6.95 31.33
N ARG D 50 17.23 -7.91 30.85
CA ARG D 50 18.13 -7.59 29.73
C ARG D 50 17.44 -7.28 28.43
N LYS D 51 16.38 -8.00 28.02
CA LYS D 51 15.53 -7.52 26.94
C LYS D 51 15.09 -6.07 27.10
N HIS D 52 14.59 -5.65 28.25
CA HIS D 52 14.15 -4.32 28.49
C HIS D 52 15.27 -3.28 28.31
N GLU D 53 16.49 -3.58 28.76
CA GLU D 53 17.62 -2.66 28.57
C GLU D 53 17.97 -2.49 27.10
N THR D 54 17.95 -3.54 26.30
CA THR D 54 18.13 -3.40 24.86
C THR D 54 17.00 -2.61 24.18
N TRP D 55 15.79 -2.74 24.74
CA TRP D 55 14.69 -1.95 24.15
C TRP D 55 14.89 -0.45 24.40
N LYS D 56 15.06 0.00 25.63
CA LYS D 56 15.43 1.40 25.87
C LYS D 56 16.59 1.91 25.01
N LYS D 57 17.60 1.11 24.74
CA LYS D 57 18.72 1.63 23.96
C LYS D 57 18.36 1.69 22.49
N CYS D 58 17.64 0.71 21.94
CA CYS D 58 17.38 0.75 20.50
C CYS D 58 16.11 1.52 20.14
N LEU D 59 15.16 1.71 21.04
CA LEU D 59 13.91 2.43 20.76
C LEU D 59 13.51 3.41 21.85
N PRO D 60 14.27 4.52 22.00
CA PRO D 60 14.17 5.33 23.21
C PRO D 60 12.92 6.19 23.17
N ARG D 61 12.45 6.45 21.92
CA ARG D 61 11.15 7.18 21.87
C ARG D 61 9.90 6.36 22.08
N VAL D 62 9.99 5.03 22.14
CA VAL D 62 8.77 4.16 22.15
C VAL D 62 8.47 3.57 23.50
N THR D 63 7.34 3.85 24.17
CA THR D 63 7.00 3.13 25.40
C THR D 63 6.32 1.78 25.11
N PRO D 64 6.81 0.69 25.67
CA PRO D 64 6.26 -0.65 25.47
C PRO D 64 5.06 -1.02 26.32
N PHE D 65 3.96 -1.49 25.73
CA PHE D 65 2.79 -1.93 26.42
C PHE D 65 2.76 -3.46 26.20
N TYR D 66 3.41 -4.21 27.11
CA TYR D 66 3.49 -5.65 26.94
C TYR D 66 2.20 -6.37 26.56
N ALA D 67 2.24 -7.26 25.54
CA ALA D 67 1.01 -7.96 25.14
C ALA D 67 0.73 -9.11 26.12
N VAL D 68 -0.18 -8.97 27.09
CA VAL D 68 -0.23 -9.99 28.12
C VAL D 68 -0.66 -11.39 27.64
N ALA D 69 -1.44 -11.44 26.55
CA ALA D 69 -1.78 -12.74 25.96
C ALA D 69 -0.61 -13.65 25.63
N CYS D 70 0.57 -13.14 25.26
CA CYS D 70 1.73 -13.95 24.94
C CYS D 70 2.14 -14.91 26.09
N ASN D 71 2.10 -14.37 27.31
CA ASN D 71 2.56 -15.13 28.49
C ASN D 71 2.05 -14.32 29.68
N ASP D 72 0.98 -14.83 30.32
CA ASP D 72 0.45 -14.18 31.49
C ASP D 72 0.93 -14.63 32.86
N ASP D 73 2.08 -15.26 32.96
CA ASP D 73 2.54 -15.67 34.29
C ASP D 73 2.64 -14.50 35.27
N TRP D 74 2.28 -14.67 36.53
CA TRP D 74 2.33 -13.65 37.59
C TRP D 74 3.73 -13.11 37.84
N ARG D 75 4.79 -13.89 37.79
CA ARG D 75 6.13 -13.36 37.99
C ARG D 75 6.58 -12.55 36.76
N VAL D 76 6.18 -13.00 35.55
CA VAL D 76 6.58 -12.17 34.41
C VAL D 76 5.77 -10.87 34.41
N LEU D 77 4.49 -10.89 34.76
CA LEU D 77 3.82 -9.58 34.76
C LEU D 77 4.53 -8.71 35.77
N GLY D 78 4.91 -9.29 36.92
CA GLY D 78 5.40 -8.48 38.06
C GLY D 78 6.77 -7.87 37.71
N THR D 79 7.63 -8.61 37.03
CA THR D 79 8.93 -8.05 36.62
C THR D 79 8.84 -6.92 35.61
N LEU D 80 8.00 -7.11 34.59
CA LEU D 80 7.70 -6.04 33.60
C LEU D 80 7.13 -4.79 34.25
N ALA D 81 6.20 -4.96 35.17
CA ALA D 81 5.57 -3.81 35.85
C ALA D 81 6.61 -3.01 36.62
N ALA D 82 7.51 -3.73 37.34
CA ALA D 82 8.60 -3.13 38.06
C ALA D 82 9.54 -2.43 37.11
N LEU D 83 9.74 -2.97 35.89
CA LEU D 83 10.66 -2.27 35.02
C LEU D 83 10.04 -1.00 34.45
N GLY D 84 8.77 -0.62 34.58
CA GLY D 84 8.22 0.55 33.98
C GLY D 84 7.35 0.41 32.74
N THR D 85 7.01 -0.83 32.37
CA THR D 85 6.28 -1.08 31.09
C THR D 85 4.82 -0.75 31.28
N GLY D 86 4.03 -0.52 30.22
CA GLY D 86 2.56 -0.58 30.29
C GLY D 86 2.11 -1.98 29.87
N PHE D 87 0.79 -2.23 29.73
CA PHE D 87 0.21 -3.50 29.48
C PHE D 87 -0.82 -3.39 28.35
N ASP D 88 -0.68 -4.27 27.35
CA ASP D 88 -1.82 -4.42 26.42
C ASP D 88 -2.73 -5.57 26.81
N CYS D 89 -4.03 -5.28 27.06
CA CYS D 89 -4.97 -6.25 27.53
C CYS D 89 -6.03 -6.50 26.49
N ALA D 90 -6.57 -7.72 26.32
CA ALA D 90 -7.60 -7.96 25.33
C ALA D 90 -8.95 -8.44 25.87
N SER D 91 -9.10 -8.58 27.20
CA SER D 91 -10.35 -9.16 27.65
C SER D 91 -10.57 -8.63 29.07
N ASN D 92 -11.74 -8.82 29.61
CA ASN D 92 -11.88 -8.43 31.05
C ASN D 92 -10.94 -9.17 31.96
N THR D 93 -10.68 -10.46 31.75
CA THR D 93 -9.76 -11.22 32.55
C THR D 93 -8.35 -10.70 32.52
N GLU D 94 -7.79 -10.34 31.31
CA GLU D 94 -6.48 -9.73 31.42
C GLU D 94 -6.43 -8.43 32.27
N ILE D 95 -7.38 -7.55 32.09
CA ILE D 95 -7.45 -6.27 32.84
C ILE D 95 -7.53 -6.55 34.34
N GLN D 96 -8.37 -7.50 34.78
CA GLN D 96 -8.40 -7.89 36.20
C GLN D 96 -7.03 -8.37 36.71
N ARG D 97 -6.50 -9.32 35.93
CA ARG D 97 -5.14 -9.80 36.18
C ARG D 97 -4.10 -8.72 36.33
N VAL D 98 -3.96 -7.75 35.45
CA VAL D 98 -2.81 -6.83 35.65
C VAL D 98 -3.12 -5.81 36.78
N ARG D 99 -4.34 -5.37 36.95
CA ARG D 99 -4.70 -4.55 38.11
C ARG D 99 -4.39 -5.29 39.40
N GLY D 100 -4.66 -6.60 39.51
CA GLY D 100 -4.36 -7.38 40.71
C GLY D 100 -2.89 -7.28 41.09
N ILE D 101 -1.93 -6.97 40.18
CA ILE D 101 -0.57 -6.81 40.68
C ILE D 101 -0.20 -5.38 41.03
N GLY D 102 -1.18 -4.50 41.11
CA GLY D 102 -0.82 -3.12 41.41
C GLY D 102 -0.63 -2.19 40.24
N VAL D 103 -0.97 -2.55 39.00
CA VAL D 103 -0.74 -1.63 37.87
C VAL D 103 -1.94 -0.70 37.78
N PRO D 104 -1.75 0.61 37.81
CA PRO D 104 -2.83 1.55 37.55
C PRO D 104 -3.39 1.40 36.13
N PRO D 105 -4.63 1.83 35.92
CA PRO D 105 -5.33 1.62 34.66
C PRO D 105 -4.90 2.56 33.53
N GLU D 106 -4.13 3.58 33.85
CA GLU D 106 -3.58 4.50 32.86
C GLU D 106 -2.43 3.82 32.13
N LYS D 107 -1.79 2.78 32.75
CA LYS D 107 -0.84 2.01 32.00
C LYS D 107 -1.38 0.80 31.22
N ILE D 108 -2.67 0.69 31.04
CA ILE D 108 -3.38 -0.26 30.26
C ILE D 108 -3.96 0.34 29.00
N ILE D 109 -3.72 -0.36 27.87
CA ILE D 109 -4.50 -0.14 26.68
C ILE D 109 -5.31 -1.39 26.35
N TYR D 110 -6.60 -1.23 26.02
CA TYR D 110 -7.54 -2.30 25.78
C TYR D 110 -7.47 -2.45 24.20
N ALA D 111 -6.53 -3.22 23.73
CA ALA D 111 -6.17 -3.21 22.32
C ALA D 111 -6.84 -4.35 21.59
N ASN D 112 -8.12 -4.56 21.70
CA ASN D 112 -8.87 -5.55 20.92
C ASN D 112 -9.92 -4.75 20.19
N PRO D 113 -9.96 -4.84 18.86
CA PRO D 113 -10.81 -3.97 18.08
C PRO D 113 -12.27 -4.36 18.10
N CYS D 114 -12.61 -5.59 18.32
CA CYS D 114 -13.96 -6.13 18.35
C CYS D 114 -14.40 -6.70 19.68
N LYS D 115 -15.02 -5.89 20.53
CA LYS D 115 -15.08 -6.20 21.99
C LYS D 115 -16.50 -6.61 22.37
N GLN D 116 -16.70 -7.60 23.25
CA GLN D 116 -18.08 -7.85 23.68
C GLN D 116 -18.64 -6.71 24.54
N ILE D 117 -19.88 -6.28 24.40
CA ILE D 117 -20.35 -5.05 25.01
C ILE D 117 -20.18 -5.06 26.53
N SER D 118 -20.37 -6.15 27.22
CA SER D 118 -20.15 -6.29 28.63
C SER D 118 -18.71 -6.36 29.03
N HIS D 119 -17.77 -6.70 28.11
CA HIS D 119 -16.36 -6.37 28.39
C HIS D 119 -16.06 -4.87 28.27
N ILE D 120 -16.69 -4.18 27.34
CA ILE D 120 -16.56 -2.73 27.32
C ILE D 120 -17.07 -2.06 28.63
N ARG D 121 -18.18 -2.49 29.19
CA ARG D 121 -18.64 -1.93 30.48
C ARG D 121 -17.74 -2.18 31.66
N TYR D 122 -17.10 -3.37 31.64
CA TYR D 122 -16.09 -3.74 32.59
C TYR D 122 -14.88 -2.82 32.52
N ALA D 123 -14.40 -2.49 31.31
CA ALA D 123 -13.26 -1.58 31.24
C ALA D 123 -13.61 -0.18 31.77
N ARG D 124 -14.73 0.38 31.39
CA ARG D 124 -15.17 1.67 31.95
C ARG D 124 -15.23 1.63 33.48
N ASP D 125 -15.77 0.58 34.08
CA ASP D 125 -15.88 0.49 35.55
C ASP D 125 -14.53 0.14 36.13
N SER D 126 -13.47 -0.11 35.33
CA SER D 126 -12.18 -0.29 35.92
C SER D 126 -11.35 0.92 35.68
N GLY D 127 -11.86 1.93 34.99
CA GLY D 127 -11.05 3.14 34.80
C GLY D 127 -10.12 3.02 33.57
N VAL D 128 -10.35 2.01 32.74
CA VAL D 128 -9.53 1.81 31.53
C VAL D 128 -10.24 2.55 30.39
N ASP D 129 -9.60 3.58 29.90
CA ASP D 129 -10.20 4.40 28.88
C ASP D 129 -9.55 4.26 27.51
N VAL D 130 -8.34 3.80 27.31
CA VAL D 130 -7.85 3.84 25.88
C VAL D 130 -8.22 2.52 25.21
N MET D 131 -8.99 2.51 24.12
CA MET D 131 -9.34 1.25 23.43
C MET D 131 -9.10 1.38 21.91
N THR D 132 -9.02 0.32 21.13
CA THR D 132 -8.80 0.42 19.67
C THR D 132 -10.09 0.04 18.96
N PHE D 133 -10.23 0.43 17.71
CA PHE D 133 -11.37 0.07 16.88
C PHE D 133 -10.85 0.04 15.42
N ASP D 134 -11.59 -0.60 14.51
CA ASP D 134 -11.17 -0.53 13.07
C ASP D 134 -12.42 -0.48 12.15
N CYS D 135 -13.63 -0.23 12.71
CA CYS D 135 -14.80 -0.02 11.86
C CYS D 135 -15.85 0.90 12.50
N VAL D 136 -16.90 1.26 11.75
CA VAL D 136 -17.89 2.20 12.32
C VAL D 136 -18.83 1.52 13.29
N ASP D 137 -19.10 0.23 13.04
CA ASP D 137 -20.03 -0.51 13.90
C ASP D 137 -19.54 -0.60 15.34
N GLU D 138 -18.24 -0.69 15.62
CA GLU D 138 -17.70 -0.76 16.94
C GLU D 138 -17.86 0.62 17.62
N LEU D 139 -17.77 1.70 16.86
CA LEU D 139 -17.99 3.04 17.42
C LEU D 139 -19.44 3.23 17.90
N GLU D 140 -20.38 2.66 17.12
CA GLU D 140 -21.74 2.62 17.69
C GLU D 140 -21.85 1.93 19.04
N LYS D 141 -21.21 0.80 19.40
CA LYS D 141 -21.31 0.36 20.78
C LYS D 141 -20.54 1.19 21.78
N VAL D 142 -19.36 1.70 21.38
CA VAL D 142 -18.66 2.60 22.28
C VAL D 142 -19.49 3.81 22.71
N ALA D 143 -20.14 4.50 21.80
CA ALA D 143 -20.99 5.64 22.10
C ALA D 143 -22.14 5.28 23.05
N LYS D 144 -22.71 4.10 23.03
CA LYS D 144 -23.71 3.66 23.98
C LYS D 144 -23.13 3.13 25.30
N THR D 145 -21.86 2.76 25.43
CA THR D 145 -21.41 2.06 26.61
C THR D 145 -20.25 2.78 27.29
N HIS D 146 -19.44 3.53 26.55
CA HIS D 146 -18.22 4.12 27.08
C HIS D 146 -17.91 5.40 26.29
N PRO D 147 -18.79 6.38 26.43
CA PRO D 147 -18.86 7.54 25.55
C PRO D 147 -17.60 8.40 25.66
N LYS D 148 -16.89 8.40 26.77
CA LYS D 148 -15.69 9.21 26.87
C LYS D 148 -14.38 8.47 26.62
N ALA D 149 -14.43 7.22 26.18
CA ALA D 149 -13.20 6.48 25.86
C ALA D 149 -12.34 7.19 24.81
N LYS D 150 -11.03 7.18 24.95
CA LYS D 150 -10.01 7.63 24.04
C LYS D 150 -9.76 6.53 23.00
N MET D 151 -10.08 6.72 21.74
CA MET D 151 -10.18 5.62 20.77
C MET D 151 -9.14 5.73 19.69
N VAL D 152 -8.40 4.63 19.52
CA VAL D 152 -7.28 4.54 18.60
C VAL D 152 -7.64 3.74 17.35
N LEU D 153 -7.39 4.36 16.17
CA LEU D 153 -7.91 3.70 14.94
C LEU D 153 -6.84 2.75 14.36
N ARG D 154 -7.10 1.45 14.23
CA ARG D 154 -6.14 0.49 13.77
C ARG D 154 -6.26 0.38 12.24
N ILE D 155 -5.15 0.43 11.56
CA ILE D 155 -5.18 0.41 10.09
C ILE D 155 -4.51 -0.88 9.63
N SER D 156 -4.93 -1.41 8.47
CA SER D 156 -4.34 -2.63 7.97
C SER D 156 -2.96 -2.42 7.39
N THR D 157 -2.20 -3.50 7.29
CA THR D 157 -0.79 -3.55 6.97
C THR D 157 -0.52 -4.63 5.87
N LEU D 166 -0.86 -8.13 7.88
CA LEU D 166 -1.26 -8.57 9.21
C LEU D 166 -2.54 -9.41 9.04
N SER D 167 -3.67 -8.78 8.69
CA SER D 167 -4.83 -9.63 8.55
C SER D 167 -6.00 -9.17 7.69
N VAL D 168 -6.65 -10.23 7.13
CA VAL D 168 -8.09 -10.14 6.81
C VAL D 168 -8.86 -9.92 8.10
N LYS D 169 -8.40 -10.34 9.30
CA LYS D 169 -9.21 -10.18 10.50
C LYS D 169 -9.40 -8.72 10.94
N PHE D 170 -8.32 -7.97 11.08
CA PHE D 170 -8.29 -6.68 11.70
C PHE D 170 -7.56 -5.62 10.85
N GLY D 171 -8.07 -4.40 11.00
CA GLY D 171 -7.34 -3.22 10.52
C GLY D 171 -8.19 -2.55 9.37
N ALA D 172 -8.39 -1.26 9.45
CA ALA D 172 -9.16 -0.57 8.38
C ALA D 172 -8.24 -0.25 7.18
N LYS D 173 -8.73 -0.46 5.97
CA LYS D 173 -7.99 0.07 4.80
C LYS D 173 -7.84 1.56 4.85
N VAL D 174 -6.67 2.06 4.56
CA VAL D 174 -6.45 3.51 4.63
C VAL D 174 -7.38 4.29 3.70
N GLU D 175 -7.83 3.72 2.57
CA GLU D 175 -8.85 4.35 1.74
C GLU D 175 -10.21 4.42 2.38
N ASP D 176 -10.51 3.64 3.42
CA ASP D 176 -11.78 3.82 4.14
C ASP D 176 -11.65 4.77 5.31
N CYS D 177 -10.47 5.20 5.73
CA CYS D 177 -10.34 5.92 7.04
C CYS D 177 -10.99 7.29 7.03
N ARG D 178 -10.95 8.05 5.91
CA ARG D 178 -11.70 9.29 5.84
C ARG D 178 -13.16 9.15 6.16
N PHE D 179 -13.91 8.25 5.53
CA PHE D 179 -15.27 7.90 5.91
C PHE D 179 -15.44 7.44 7.34
N ILE D 180 -14.52 6.55 7.83
CA ILE D 180 -14.68 6.12 9.23
C ILE D 180 -14.56 7.34 10.13
N LEU D 181 -13.57 8.19 9.90
CA LEU D 181 -13.46 9.41 10.75
C LEU D 181 -14.62 10.41 10.66
N GLU D 182 -15.20 10.65 9.51
CA GLU D 182 -16.48 11.46 9.50
C GLU D 182 -17.60 10.86 10.32
N GLN D 183 -17.79 9.52 10.25
CA GLN D 183 -18.78 8.82 11.06
C GLN D 183 -18.40 8.94 12.52
N ALA D 184 -17.12 8.79 12.95
CA ALA D 184 -16.74 9.02 14.33
C ALA D 184 -17.10 10.42 14.87
N LYS D 185 -16.92 11.41 13.98
CA LYS D 185 -17.34 12.77 14.30
C LYS D 185 -18.83 12.95 14.57
N LYS D 186 -19.77 12.48 13.74
CA LYS D 186 -21.16 12.33 14.15
C LYS D 186 -21.39 11.56 15.42
N LEU D 187 -20.57 10.52 15.76
CA LEU D 187 -20.88 9.78 16.96
C LEU D 187 -20.25 10.43 18.18
N ASN D 188 -19.56 11.54 18.00
CA ASN D 188 -18.98 12.35 19.07
C ASN D 188 -17.91 11.53 19.79
N ILE D 189 -17.15 10.70 19.04
CA ILE D 189 -16.03 9.92 19.55
C ILE D 189 -14.75 10.74 19.68
N ASP D 190 -14.13 10.66 20.90
CA ASP D 190 -12.79 11.19 21.09
C ASP D 190 -11.69 10.32 20.45
N VAL D 191 -11.52 10.40 19.13
CA VAL D 191 -10.39 9.76 18.45
C VAL D 191 -9.04 10.31 18.80
N THR D 192 -8.09 9.52 19.37
CA THR D 192 -6.87 10.16 19.85
C THR D 192 -5.61 9.66 19.14
N GLY D 193 -5.69 8.80 18.13
CA GLY D 193 -4.49 8.15 17.59
C GLY D 193 -4.71 7.09 16.52
N VAL D 194 -3.65 6.46 16.08
CA VAL D 194 -3.58 5.48 15.02
C VAL D 194 -2.69 4.32 15.52
N SER D 195 -3.01 3.07 15.18
CA SER D 195 -2.21 1.94 15.53
C SER D 195 -2.12 0.99 14.33
N PHE D 196 -1.04 0.16 14.27
CA PHE D 196 -1.02 -0.94 13.31
C PHE D 196 -0.26 -2.10 13.93
N HIS D 197 -0.23 -3.25 13.28
CA HIS D 197 0.55 -4.41 13.76
C HIS D 197 1.11 -5.07 12.51
N VAL D 198 2.40 -5.06 12.28
CA VAL D 198 2.96 -5.79 11.14
C VAL D 198 2.90 -7.30 11.30
N GLY D 199 2.92 -7.92 12.45
CA GLY D 199 2.88 -9.40 12.49
C GLY D 199 4.27 -9.95 12.82
N SER D 200 4.29 -11.19 13.31
CA SER D 200 5.41 -11.60 14.15
C SER D 200 6.49 -12.35 13.41
N GLY D 201 6.72 -12.25 12.12
CA GLY D 201 7.90 -12.73 11.45
C GLY D 201 8.02 -12.23 10.00
N SER D 202 8.44 -10.97 9.83
CA SER D 202 8.75 -10.38 8.54
C SER D 202 10.19 -10.76 8.15
N THR D 203 10.51 -10.74 6.87
CA THR D 203 11.89 -10.85 6.43
C THR D 203 12.39 -9.45 6.12
N ASP D 204 11.43 -8.55 5.82
CA ASP D 204 11.74 -7.16 5.61
C ASP D 204 11.15 -6.22 6.65
N ALA D 205 11.98 -5.31 7.16
CA ALA D 205 11.57 -4.26 8.09
C ALA D 205 10.91 -3.08 7.37
N SER D 206 10.78 -3.17 6.04
CA SER D 206 10.17 -2.17 5.21
C SER D 206 8.66 -2.11 5.29
N THR D 207 7.96 -3.17 5.68
CA THR D 207 6.60 -3.04 6.18
C THR D 207 6.43 -1.96 7.26
N PHE D 208 7.31 -1.76 8.22
CA PHE D 208 7.14 -0.70 9.22
C PHE D 208 7.30 0.71 8.66
N ALA D 209 8.21 0.90 7.68
CA ALA D 209 8.24 2.18 6.97
C ALA D 209 6.95 2.51 6.23
N GLN D 210 6.37 1.54 5.53
CA GLN D 210 5.07 1.80 4.85
C GLN D 210 3.94 2.12 5.84
N ALA D 211 3.93 1.36 6.96
CA ALA D 211 2.89 1.48 7.99
C ALA D 211 3.00 2.81 8.70
N ILE D 212 4.22 3.22 9.02
CA ILE D 212 4.46 4.57 9.57
C ILE D 212 4.06 5.68 8.63
N SER D 213 4.40 5.54 7.31
CA SER D 213 3.92 6.59 6.39
C SER D 213 2.41 6.62 6.24
N ASP D 214 1.73 5.49 6.11
CA ASP D 214 0.27 5.38 6.16
C ASP D 214 -0.34 5.94 7.44
N SER D 215 0.29 5.74 8.59
CA SER D 215 -0.23 6.26 9.85
C SER D 215 -0.19 7.78 9.85
N ARG D 216 0.78 8.44 9.22
CA ARG D 216 0.91 9.90 9.14
C ARG D 216 -0.16 10.53 8.27
N PHE D 217 -0.46 9.94 7.13
CA PHE D 217 -1.68 10.24 6.36
C PHE D 217 -2.94 10.20 7.19
N VAL D 218 -3.12 9.12 8.00
CA VAL D 218 -4.43 9.00 8.70
C VAL D 218 -4.47 9.97 9.87
N PHE D 219 -3.30 10.24 10.45
CA PHE D 219 -3.11 11.22 11.47
C PHE D 219 -3.47 12.64 10.97
N ASP D 220 -3.04 13.00 9.78
CA ASP D 220 -3.40 14.32 9.22
C ASP D 220 -4.89 14.42 8.88
N MET D 221 -5.57 13.36 8.44
CA MET D 221 -7.01 13.42 8.18
C MET D 221 -7.71 13.65 9.53
N GLY D 222 -7.25 12.96 10.57
CA GLY D 222 -7.85 13.14 11.90
C GLY D 222 -7.69 14.60 12.34
N THR D 223 -6.50 15.19 12.28
CA THR D 223 -6.30 16.58 12.66
C THR D 223 -7.19 17.52 11.83
N GLU D 224 -7.32 17.27 10.52
CA GLU D 224 -8.10 18.13 9.64
C GLU D 224 -9.58 18.19 10.01
N LEU D 225 -10.16 17.08 10.46
CA LEU D 225 -11.49 16.96 10.97
C LEU D 225 -11.66 17.42 12.39
N GLY D 226 -10.67 17.98 13.11
CA GLY D 226 -10.93 18.48 14.44
C GLY D 226 -10.58 17.52 15.58
N PHE D 227 -10.02 16.33 15.33
CA PHE D 227 -9.77 15.39 16.41
C PHE D 227 -8.47 15.76 17.08
N ASN D 228 -8.26 15.53 18.36
CA ASN D 228 -6.92 15.69 18.95
C ASN D 228 -6.12 14.40 18.83
N MET D 229 -5.33 14.24 17.77
CA MET D 229 -4.56 13.01 17.52
C MET D 229 -3.23 13.04 18.24
N HIS D 230 -2.89 12.16 19.19
CA HIS D 230 -1.58 12.32 19.85
C HIS D 230 -0.91 11.02 20.28
N ILE D 231 -1.47 9.87 19.97
CA ILE D 231 -0.80 8.57 20.19
C ILE D 231 -0.52 7.88 18.83
N LEU D 232 0.67 7.42 18.63
CA LEU D 232 0.96 6.46 17.54
C LEU D 232 1.41 5.14 18.20
N ASP D 233 0.71 4.05 17.90
CA ASP D 233 0.95 2.69 18.39
C ASP D 233 1.44 1.73 17.30
N ILE D 234 2.68 1.28 17.36
CA ILE D 234 3.36 0.57 16.26
C ILE D 234 3.36 -0.93 16.49
N GLY D 235 2.49 -1.38 17.39
CA GLY D 235 2.11 -2.76 17.46
C GLY D 235 3.27 -3.70 17.83
N GLY D 236 3.24 -4.97 17.36
CA GLY D 236 4.09 -6.02 17.91
C GLY D 236 4.94 -6.66 16.82
N GLY D 237 5.38 -7.90 17.01
CA GLY D 237 6.17 -8.53 15.95
C GLY D 237 7.67 -8.48 16.04
N PHE D 238 8.29 -7.87 17.02
CA PHE D 238 9.75 -7.95 17.22
C PHE D 238 10.17 -9.38 17.59
N PRO D 239 11.30 -9.90 17.12
CA PRO D 239 11.77 -11.25 17.41
C PRO D 239 12.11 -11.32 18.90
N GLY D 240 11.94 -12.47 19.52
CA GLY D 240 12.29 -12.62 20.94
C GLY D 240 13.42 -13.63 21.12
N THR D 241 13.93 -14.15 20.00
CA THR D 241 15.21 -14.88 20.09
C THR D 241 16.31 -14.15 19.34
N ARG D 242 17.32 -13.55 19.97
CA ARG D 242 18.34 -12.73 19.34
C ARG D 242 18.95 -13.21 18.02
N ASP D 243 18.80 -14.47 17.71
CA ASP D 243 19.21 -15.39 16.71
C ASP D 243 18.02 -15.92 15.93
N ALA D 244 17.11 -15.03 15.55
CA ALA D 244 16.10 -15.15 14.52
C ALA D 244 16.58 -14.25 13.38
N PRO D 245 16.15 -14.48 12.17
CA PRO D 245 16.86 -14.01 11.01
C PRO D 245 16.93 -12.50 10.81
N LEU D 246 15.83 -11.80 11.02
CA LEU D 246 15.79 -10.34 11.02
C LEU D 246 15.89 -9.84 12.46
N LYS D 247 17.03 -9.22 12.76
CA LYS D 247 17.38 -8.85 14.12
C LYS D 247 16.59 -7.65 14.65
N PHE D 248 16.34 -7.60 15.96
CA PHE D 248 15.78 -6.44 16.61
C PHE D 248 16.41 -5.13 16.20
N GLU D 249 17.75 -5.03 16.28
CA GLU D 249 18.50 -3.83 15.99
C GLU D 249 18.30 -3.33 14.57
N GLU D 250 18.22 -4.19 13.56
CA GLU D 250 17.87 -3.69 12.23
C GLU D 250 16.43 -3.18 12.13
N ILE D 251 15.44 -3.87 12.69
CA ILE D 251 14.05 -3.37 12.67
C ILE D 251 13.99 -2.02 13.36
N ALA D 252 14.53 -1.83 14.52
CA ALA D 252 14.59 -0.58 15.27
C ALA D 252 15.13 0.57 14.40
N GLY D 253 16.23 0.29 13.65
CA GLY D 253 16.82 1.35 12.83
C GLY D 253 15.86 1.92 11.80
N VAL D 254 15.17 1.00 11.13
CA VAL D 254 14.22 1.30 10.07
C VAL D 254 13.07 2.10 10.68
N ILE D 255 12.63 1.65 11.86
CA ILE D 255 11.54 2.38 12.54
C ILE D 255 12.04 3.75 12.93
N ASN D 256 13.20 3.94 13.55
CA ASN D 256 13.64 5.26 14.03
C ASN D 256 13.78 6.25 12.87
N ASN D 257 14.19 5.75 11.70
CA ASN D 257 14.34 6.60 10.51
C ASN D 257 12.99 7.08 10.01
N ALA D 258 11.95 6.24 10.08
CA ALA D 258 10.60 6.59 9.52
C ALA D 258 9.89 7.53 10.48
N LEU D 259 10.17 7.33 11.80
CA LEU D 259 9.59 8.19 12.83
C LEU D 259 10.18 9.58 12.66
N GLU D 260 11.48 9.63 12.37
CA GLU D 260 12.15 10.93 12.39
C GLU D 260 11.62 11.70 11.20
N LYS D 261 11.35 10.97 10.11
CA LYS D 261 10.72 11.61 8.95
C LYS D 261 9.28 12.03 9.15
N HIS D 262 8.35 11.22 9.61
CA HIS D 262 6.92 11.42 9.58
C HIS D 262 6.32 11.88 10.91
N PHE D 263 7.00 11.63 12.02
CA PHE D 263 6.55 11.86 13.39
C PHE D 263 7.62 12.54 14.23
N PRO D 264 8.15 13.70 13.82
CA PRO D 264 9.16 14.39 14.61
C PRO D 264 8.75 14.68 16.04
N PRO D 265 9.71 14.77 16.98
CA PRO D 265 9.43 14.81 18.39
C PRO D 265 8.71 16.07 18.82
N ASP D 266 7.86 16.00 19.83
CA ASP D 266 6.95 17.10 20.18
C ASP D 266 6.36 16.73 21.53
N LEU D 267 6.16 17.66 22.44
CA LEU D 267 5.65 17.26 23.76
C LEU D 267 4.21 16.74 23.72
N LYS D 268 3.35 17.09 22.77
CA LYS D 268 2.03 16.52 22.61
C LYS D 268 1.99 15.05 22.13
N LEU D 269 3.08 14.49 21.60
CA LEU D 269 2.96 13.21 20.89
C LEU D 269 3.57 12.14 21.77
N THR D 270 2.85 11.03 22.00
CA THR D 270 3.44 9.82 22.53
C THR D 270 3.50 8.63 21.56
N ILE D 271 4.64 7.95 21.39
CA ILE D 271 4.78 6.76 20.61
C ILE D 271 4.85 5.53 21.54
N VAL D 272 4.15 4.48 21.28
CA VAL D 272 3.93 3.28 22.13
C VAL D 272 4.07 2.09 21.20
N ALA D 273 4.34 0.87 21.69
CA ALA D 273 4.27 -0.35 20.89
C ALA D 273 3.59 -1.41 21.74
N GLU D 274 3.30 -2.61 21.16
CA GLU D 274 2.71 -3.69 21.93
C GLU D 274 3.45 -5.02 21.83
N PRO D 275 4.71 -5.11 22.25
CA PRO D 275 5.53 -6.26 22.06
C PRO D 275 5.10 -7.37 23.00
N GLY D 276 5.09 -8.60 22.50
CA GLY D 276 4.74 -9.79 23.28
C GLY D 276 5.92 -10.75 23.25
N ARG D 277 6.20 -11.45 22.11
CA ARG D 277 7.27 -12.47 22.21
C ARG D 277 8.67 -11.85 22.45
N TYR D 278 8.90 -10.58 22.11
CA TYR D 278 10.16 -9.90 22.39
C TYR D 278 10.66 -10.14 23.80
N TYR D 279 9.86 -9.89 24.81
CA TYR D 279 10.34 -9.90 26.19
C TYR D 279 10.43 -11.28 26.77
N VAL D 280 9.65 -12.27 26.24
CA VAL D 280 9.54 -13.56 26.94
C VAL D 280 9.93 -14.80 26.18
N ALA D 281 10.16 -14.80 24.86
CA ALA D 281 10.38 -16.03 24.14
C ALA D 281 11.60 -16.80 24.72
N SER D 282 12.75 -16.10 24.98
CA SER D 282 13.98 -16.74 25.40
C SER D 282 14.08 -17.03 26.90
N ALA D 283 13.28 -16.35 27.69
CA ALA D 283 13.30 -16.49 29.12
C ALA D 283 12.89 -17.87 29.69
N PHE D 284 12.08 -18.69 29.05
CA PHE D 284 11.66 -20.00 29.58
C PHE D 284 12.30 -21.14 28.79
N THR D 285 12.79 -22.14 29.53
CA THR D 285 13.38 -23.36 28.98
C THR D 285 12.54 -24.52 29.56
N LEU D 286 11.99 -25.34 28.68
CA LEU D 286 11.23 -26.49 29.21
C LEU D 286 12.06 -27.79 29.31
N ALA D 287 11.77 -28.55 30.35
CA ALA D 287 12.33 -29.87 30.54
C ALA D 287 11.22 -30.93 30.67
N VAL D 288 11.44 -31.98 29.91
CA VAL D 288 10.41 -33.04 29.85
C VAL D 288 11.15 -34.35 30.04
N ASN D 289 10.44 -35.37 30.55
CA ASN D 289 11.09 -36.68 30.82
C ASN D 289 10.83 -37.64 29.68
N VAL D 290 11.82 -38.43 29.29
CA VAL D 290 11.43 -39.51 28.36
C VAL D 290 10.81 -40.70 29.09
N ILE D 291 9.51 -40.83 28.75
CA ILE D 291 8.68 -41.87 29.35
C ILE D 291 8.59 -43.14 28.59
N ALA D 292 8.96 -43.29 27.31
CA ALA D 292 8.81 -44.61 26.69
C ALA D 292 9.70 -44.52 25.46
N LYS D 293 10.15 -45.63 24.95
CA LYS D 293 11.17 -45.63 23.91
C LYS D 293 10.94 -46.78 22.94
N LYS D 294 11.08 -46.57 21.65
CA LYS D 294 10.96 -47.65 20.70
C LYS D 294 12.21 -47.65 19.80
N VAL D 295 12.62 -48.83 19.32
CA VAL D 295 13.78 -49.00 18.50
C VAL D 295 13.40 -49.58 17.13
N THR D 296 13.85 -48.97 16.03
CA THR D 296 13.70 -49.75 14.79
C THR D 296 15.06 -50.15 14.19
N PRO D 297 15.13 -51.43 13.85
CA PRO D 297 16.27 -52.00 13.15
C PRO D 297 16.71 -51.15 11.96
N ALA D 311 20.61 -47.89 9.22
CA ALA D 311 19.23 -47.44 9.35
C ALA D 311 18.77 -47.12 10.76
N GLN D 312 19.34 -47.72 11.80
CA GLN D 312 18.92 -47.57 13.18
C GLN D 312 18.31 -46.20 13.49
N SER D 313 17.07 -46.18 13.97
CA SER D 313 16.29 -45.04 14.40
C SER D 313 15.70 -45.19 15.79
N PHE D 314 15.46 -44.11 16.51
CA PHE D 314 14.68 -44.23 17.75
C PHE D 314 13.43 -43.37 17.80
N MET D 315 12.36 -43.88 18.46
CA MET D 315 11.20 -43.01 18.77
C MET D 315 11.10 -42.75 20.27
N TYR D 316 11.10 -41.52 20.76
CA TYR D 316 10.95 -41.21 22.18
C TYR D 316 9.57 -40.57 22.46
N TYR D 317 8.96 -40.91 23.58
CA TYR D 317 7.72 -40.36 24.08
C TYR D 317 7.97 -39.55 25.33
N VAL D 318 7.47 -38.29 25.40
CA VAL D 318 7.80 -37.39 26.51
C VAL D 318 6.49 -37.04 27.18
N ASN D 319 6.48 -36.41 28.33
CA ASN D 319 5.24 -36.10 29.01
C ASN D 319 4.81 -34.64 28.83
N ASP D 320 5.08 -34.06 27.66
CA ASP D 320 4.31 -32.81 27.26
C ASP D 320 4.20 -32.85 25.75
N GLY D 321 3.23 -32.25 25.09
CA GLY D 321 3.00 -32.41 23.67
C GLY D 321 2.17 -31.31 22.97
N VAL D 322 1.61 -31.53 21.80
CA VAL D 322 0.87 -30.48 21.08
C VAL D 322 -0.38 -29.99 21.81
N TYR D 323 -1.00 -30.77 22.72
CA TYR D 323 -2.16 -30.30 23.47
C TYR D 323 -1.73 -29.51 24.69
N GLY D 324 -0.45 -29.67 25.10
CA GLY D 324 0.07 -28.96 26.26
C GLY D 324 0.90 -27.76 25.75
N SER D 325 2.18 -27.66 26.17
CA SER D 325 3.04 -26.50 25.91
C SER D 325 3.52 -26.37 24.46
N PHE D 326 3.53 -27.46 23.68
CA PHE D 326 3.86 -27.45 22.27
C PHE D 326 2.64 -27.22 21.39
N ASN D 327 1.52 -26.76 21.93
CA ASN D 327 0.47 -26.16 21.07
C ASN D 327 1.00 -25.05 20.17
N CYS D 328 2.06 -24.34 20.47
CA CYS D 328 2.79 -23.41 19.64
C CYS D 328 3.22 -24.02 18.30
N ILE D 329 3.34 -25.30 18.13
CA ILE D 329 3.71 -25.89 16.81
C ILE D 329 2.54 -25.73 15.86
N LEU D 330 1.32 -25.84 16.39
CA LEU D 330 0.12 -25.70 15.56
C LEU D 330 -0.47 -24.33 15.46
N TYR D 331 -0.44 -23.52 16.52
CA TYR D 331 -1.07 -22.23 16.41
C TYR D 331 -0.02 -21.16 16.12
N ASP D 332 1.26 -21.32 16.34
CA ASP D 332 2.23 -20.24 16.26
C ASP D 332 3.34 -20.61 15.30
N HIS D 333 3.19 -21.67 14.50
CA HIS D 333 4.21 -22.17 13.60
C HIS D 333 5.59 -22.36 14.23
N ALA D 334 5.74 -22.80 15.46
CA ALA D 334 7.01 -22.92 16.15
C ALA D 334 7.74 -24.16 15.62
N VAL D 335 9.05 -24.08 15.53
CA VAL D 335 9.88 -25.24 15.21
C VAL D 335 10.80 -25.47 16.38
N VAL D 336 10.84 -26.65 17.00
CA VAL D 336 11.50 -26.78 18.30
C VAL D 336 12.70 -27.74 18.21
N ARG D 337 13.61 -27.71 19.18
CA ARG D 337 14.86 -28.47 18.98
C ARG D 337 15.25 -29.14 20.30
N PRO D 338 15.36 -30.48 20.26
CA PRO D 338 15.45 -31.22 21.49
C PRO D 338 16.95 -31.24 21.85
N LEU D 339 17.28 -31.05 23.08
CA LEU D 339 18.61 -30.95 23.64
C LEU D 339 18.71 -31.89 24.85
N PRO D 340 19.45 -33.00 24.68
CA PRO D 340 19.70 -33.92 25.79
C PRO D 340 20.22 -33.14 26.98
N GLN D 341 19.78 -33.35 28.22
CA GLN D 341 20.41 -32.59 29.28
C GLN D 341 21.75 -33.21 29.70
N ARG D 342 22.12 -34.41 29.22
CA ARG D 342 23.48 -34.90 29.30
C ARG D 342 24.51 -34.28 28.35
N GLU D 343 25.65 -33.88 28.93
CA GLU D 343 26.70 -33.18 28.20
C GLU D 343 27.26 -33.98 27.03
N PRO D 344 27.56 -33.24 25.95
CA PRO D 344 27.90 -33.90 24.69
C PRO D 344 29.12 -34.75 24.91
N ILE D 345 29.04 -36.05 24.58
CA ILE D 345 30.06 -36.96 25.15
C ILE D 345 30.87 -37.63 24.05
N PRO D 346 32.20 -37.43 24.21
CA PRO D 346 33.15 -37.49 23.12
C PRO D 346 32.93 -38.70 22.23
N ASN D 347 32.83 -38.48 20.93
CA ASN D 347 32.74 -39.52 19.91
C ASN D 347 31.28 -39.78 19.51
N GLU D 348 30.33 -39.30 20.28
CA GLU D 348 28.97 -39.86 20.29
C GLU D 348 28.44 -40.27 18.93
N LYS D 349 27.95 -41.52 18.86
CA LYS D 349 27.08 -41.87 17.74
C LYS D 349 25.74 -41.14 17.86
N LEU D 350 25.25 -40.70 16.70
CA LEU D 350 23.97 -39.96 16.65
C LEU D 350 23.01 -40.73 15.77
N TYR D 351 21.73 -40.85 16.16
CA TYR D 351 20.78 -41.49 15.22
C TYR D 351 19.58 -40.64 14.80
N PRO D 352 19.04 -40.83 13.61
CA PRO D 352 17.76 -40.22 13.23
C PRO D 352 16.64 -40.60 14.20
N SER D 353 15.99 -39.64 14.83
CA SER D 353 15.00 -39.88 15.87
C SER D 353 13.74 -39.00 15.72
N SER D 354 12.64 -39.48 16.31
CA SER D 354 11.42 -38.66 16.42
C SER D 354 11.06 -38.54 17.87
N VAL D 355 10.27 -37.57 18.28
CA VAL D 355 9.91 -37.31 19.66
C VAL D 355 8.42 -36.88 19.73
N TRP D 356 7.70 -37.60 20.62
CA TRP D 356 6.24 -37.72 20.50
C TRP D 356 5.62 -37.25 21.81
N GLY D 357 4.44 -36.59 21.80
CA GLY D 357 3.73 -36.26 23.02
C GLY D 357 3.07 -37.45 23.70
N PRO D 358 2.42 -37.30 24.85
CA PRO D 358 1.98 -38.40 25.69
C PRO D 358 0.57 -38.90 25.36
N THR D 359 -0.11 -38.19 24.44
CA THR D 359 -1.56 -38.41 24.28
C THR D 359 -1.75 -39.54 23.33
N CYS D 360 -2.97 -40.03 23.14
CA CYS D 360 -3.46 -40.97 22.21
C CYS D 360 -3.43 -40.57 20.74
N ASP D 361 -3.38 -39.29 20.45
CA ASP D 361 -3.51 -38.76 19.13
C ASP D 361 -2.26 -38.99 18.30
N GLY D 362 -2.45 -39.56 17.12
CA GLY D 362 -1.38 -39.93 16.21
C GLY D 362 -0.58 -38.69 15.78
N LEU D 363 -1.22 -37.53 15.72
CA LEU D 363 -0.66 -36.27 15.31
C LEU D 363 -0.02 -35.51 16.46
N ASP D 364 -0.01 -36.06 17.69
CA ASP D 364 0.73 -35.44 18.77
C ASP D 364 2.20 -35.90 18.72
N GLN D 365 2.90 -35.18 17.88
CA GLN D 365 4.32 -35.44 17.59
C GLN D 365 5.03 -34.10 17.59
N ILE D 366 6.18 -33.96 18.19
CA ILE D 366 6.90 -32.71 18.42
C ILE D 366 8.13 -32.56 17.49
N VAL D 367 8.83 -33.68 17.25
CA VAL D 367 9.98 -33.58 16.31
C VAL D 367 9.89 -34.71 15.30
N GLU D 368 10.00 -34.43 13.99
CA GLU D 368 9.91 -35.58 13.08
C GLU D 368 11.18 -36.34 12.77
N ARG D 369 12.32 -35.67 12.64
CA ARG D 369 13.59 -36.36 12.39
C ARG D 369 14.75 -35.52 12.89
N TYR D 370 15.37 -35.81 14.03
CA TYR D 370 16.43 -35.02 14.62
C TYR D 370 17.57 -35.98 15.03
N TYR D 371 18.83 -35.53 14.98
CA TYR D 371 19.95 -36.41 15.33
C TYR D 371 20.16 -36.31 16.82
N LEU D 372 19.99 -37.42 17.52
CA LEU D 372 20.21 -37.39 18.97
C LEU D 372 21.04 -38.65 19.30
N PRO D 373 21.59 -38.63 20.49
CA PRO D 373 22.34 -39.81 20.96
C PRO D 373 21.29 -40.84 21.32
N GLU D 374 21.68 -42.06 21.67
CA GLU D 374 20.68 -43.01 22.12
C GLU D 374 20.32 -42.53 23.54
N MET D 375 19.04 -42.51 23.88
CA MET D 375 18.60 -41.95 25.14
C MET D 375 17.94 -43.09 25.92
N GLN D 376 17.76 -42.93 27.23
CA GLN D 376 17.10 -43.92 28.02
C GLN D 376 15.83 -43.39 28.70
N VAL D 377 14.92 -44.35 28.92
CA VAL D 377 13.72 -44.03 29.65
C VAL D 377 14.15 -43.43 30.97
N GLY D 378 13.64 -42.24 31.27
CA GLY D 378 13.97 -41.65 32.57
C GLY D 378 14.99 -40.54 32.34
N GLU D 379 15.63 -40.42 31.17
CA GLU D 379 16.43 -39.20 31.00
C GLU D 379 15.63 -37.96 30.55
N TRP D 380 16.25 -36.80 30.55
CA TRP D 380 15.63 -35.51 30.26
C TRP D 380 15.98 -34.89 28.91
N LEU D 381 14.94 -34.17 28.34
CA LEU D 381 15.16 -33.44 27.09
C LEU D 381 14.85 -31.99 27.39
N LEU D 382 15.64 -31.04 26.86
CA LEU D 382 15.41 -29.62 27.14
C LEU D 382 14.95 -28.99 25.84
N PHE D 383 14.03 -28.02 25.97
CA PHE D 383 13.59 -27.19 24.84
C PHE D 383 13.68 -25.71 25.28
N GLU D 384 14.69 -25.08 24.62
CA GLU D 384 14.90 -23.65 24.94
C GLU D 384 13.95 -22.72 24.16
N ASP D 385 13.97 -21.42 24.40
CA ASP D 385 13.04 -20.49 23.74
C ASP D 385 11.58 -20.93 23.72
N MET D 386 10.95 -21.25 24.85
CA MET D 386 9.63 -21.74 25.03
C MET D 386 8.80 -20.85 26.00
N GLY D 387 9.07 -19.51 25.97
CA GLY D 387 8.30 -18.56 26.72
C GLY D 387 7.12 -17.92 25.99
N ALA D 388 7.13 -17.92 24.66
CA ALA D 388 6.05 -17.18 23.96
C ALA D 388 4.94 -18.04 23.37
N TYR D 389 3.66 -17.73 23.64
CA TYR D 389 2.54 -18.51 23.09
C TYR D 389 2.66 -20.00 23.47
N THR D 390 3.01 -20.34 24.72
CA THR D 390 3.25 -21.76 25.04
C THR D 390 2.36 -22.17 26.23
N VAL D 391 2.64 -21.76 27.42
CA VAL D 391 1.76 -21.92 28.59
C VAL D 391 0.34 -21.45 28.37
N VAL D 392 0.12 -20.34 27.67
CA VAL D 392 -1.22 -19.77 27.50
C VAL D 392 -2.12 -20.58 26.58
N GLY D 393 -1.59 -21.42 25.67
CA GLY D 393 -2.49 -22.18 24.79
C GLY D 393 -2.75 -23.64 25.23
N THR D 394 -2.32 -24.04 26.41
CA THR D 394 -2.37 -25.43 26.87
C THR D 394 -3.76 -25.85 27.32
N SER D 395 -3.98 -27.17 27.11
CA SER D 395 -5.21 -27.81 27.53
C SER D 395 -4.91 -29.07 28.34
N SER D 396 -5.94 -29.61 28.93
CA SER D 396 -5.74 -30.80 29.77
C SER D 396 -6.34 -32.00 29.05
N PHE D 397 -6.22 -32.03 27.74
CA PHE D 397 -6.62 -33.14 26.88
C PHE D 397 -5.98 -34.48 27.37
N ASN D 398 -6.84 -35.47 27.43
CA ASN D 398 -6.55 -36.83 27.84
C ASN D 398 -6.24 -36.85 29.36
N GLY D 399 -6.52 -35.78 30.12
CA GLY D 399 -6.07 -35.75 31.50
C GLY D 399 -4.65 -35.37 31.85
N PHE D 400 -3.77 -35.00 30.91
CA PHE D 400 -2.40 -34.67 31.27
C PHE D 400 -2.42 -33.26 31.85
N GLN D 401 -1.58 -32.97 32.84
CA GLN D 401 -1.54 -31.64 33.47
C GLN D 401 -0.30 -30.87 33.05
N SER D 402 -0.47 -29.57 32.91
CA SER D 402 0.56 -28.68 32.39
C SER D 402 1.76 -28.56 33.34
N PRO D 403 2.93 -28.28 32.81
CA PRO D 403 4.16 -28.30 33.60
C PRO D 403 4.21 -27.20 34.63
N THR D 404 4.73 -27.52 35.83
CA THR D 404 5.04 -26.46 36.79
C THR D 404 6.08 -25.48 36.26
N ILE D 405 5.95 -24.22 36.65
CA ILE D 405 7.02 -23.23 36.41
C ILE D 405 7.93 -22.98 37.62
N TYR D 406 9.28 -23.12 37.50
CA TYR D 406 10.10 -22.48 38.56
C TYR D 406 10.90 -21.27 38.10
N TYR D 407 11.37 -20.39 38.99
CA TYR D 407 12.03 -19.14 38.65
C TYR D 407 13.47 -18.99 39.17
N VAL D 408 14.37 -18.49 38.32
CA VAL D 408 15.63 -17.92 38.72
C VAL D 408 15.76 -16.44 38.32
N VAL D 409 16.40 -15.64 39.18
CA VAL D 409 16.86 -14.34 38.70
C VAL D 409 18.32 -14.41 38.24
N SER D 410 18.55 -14.34 36.93
CA SER D 410 19.91 -14.00 36.47
C SER D 410 20.26 -12.59 36.95
#